data_5ZT0
#
_entry.id   5ZT0
#
_cell.length_a   106.530
_cell.length_b   106.530
_cell.length_c   187.510
_cell.angle_alpha   90.000
_cell.angle_beta   90.000
_cell.angle_gamma   120.000
#
_symmetry.space_group_name_H-M   'P 32'
#
loop_
_entity.id
_entity.type
_entity.pdbx_description
1 polymer 'Serine/threonine-protein phosphatase PP1-alpha catalytic subunit'
2 polymer 'Protein phosphatase 1 regulatory subunit 3B'
3 non-polymer 'MANGANESE (II) ION'
4 non-polymer 'PHOSPHATE ION'
#
loop_
_entity_poly.entity_id
_entity_poly.type
_entity_poly.pdbx_seq_one_letter_code
_entity_poly.pdbx_strand_id
1 'polypeptide(L)'
;LNLDSIIGRLLEVQGSRPGKNVQLTENEIRGLCLKSREIFLSQPILLELEAPLKICGDIHGQYYDLLRLFEYGGFPPESN
YLFLGDYVDRGKQSLETICLLLAYKIRYPENFFLLRGNHECASINRIYGFYDECKRRYNIKLWKTFTDCFNCLPIAAIVD
EKIFCCHGGLSPDLQSMEQIRRIMRPTDVPDQGLLCDLLWSDPDKDVQGWGENDRGVSFTFGAEVVAKFLHKHDLDLICR
AHQVVEDGYEFFAKRQLVTLFSAPNYCGEFDNAGAMMSVDETLMCSFQILKPAD
;
A,B,C,D,E,F
2 'polypeptide(L)' SKPLRPCIQLSSKNEASGMVAPAVQEKKVKKRVSFADNQGLALTMVKVFSEFDDPLDMPFNITELLDNIVSLTTA G,H,I,J
#
# COMPACT_ATOMS: atom_id res chain seq x y z
N LEU A 1 10.57 -5.08 20.67
CA LEU A 1 10.37 -4.27 19.49
C LEU A 1 10.21 -5.15 18.25
N ASN A 2 9.07 -5.00 17.57
CA ASN A 2 8.80 -5.73 16.32
C ASN A 2 9.33 -4.88 15.16
N LEU A 3 10.65 -4.97 14.97
CA LEU A 3 11.34 -4.01 14.12
C LEU A 3 11.22 -4.37 12.65
N ASP A 4 11.51 -5.62 12.29
CA ASP A 4 11.50 -6.02 10.89
C ASP A 4 10.14 -5.77 10.23
N SER A 5 9.07 -5.77 11.03
CA SER A 5 7.75 -5.43 10.50
C SER A 5 7.66 -3.96 10.16
N ILE A 6 8.18 -3.09 11.03
CA ILE A 6 8.13 -1.65 10.81
C ILE A 6 8.92 -1.29 9.56
N ILE A 7 10.17 -1.73 9.48
CA ILE A 7 11.00 -1.47 8.31
C ILE A 7 10.32 -1.98 7.05
N GLY A 8 9.65 -3.13 7.14
CA GLY A 8 8.97 -3.68 5.98
C GLY A 8 7.87 -2.77 5.48
N ARG A 9 7.05 -2.24 6.40
CA ARG A 9 5.97 -1.35 6.00
C ARG A 9 6.50 -0.01 5.49
N LEU A 10 7.69 0.40 5.94
CA LEU A 10 8.26 1.66 5.47
C LEU A 10 8.78 1.55 4.04
N LEU A 11 9.28 0.39 3.65
CA LEU A 11 9.76 0.16 2.30
C LEU A 11 8.66 -0.33 1.36
N GLU A 12 7.43 -0.48 1.85
CA GLU A 12 6.32 -0.94 1.01
C GLU A 12 5.91 0.10 -0.02
N VAL A 13 6.22 1.38 0.22
CA VAL A 13 5.80 2.45 -0.67
C VAL A 13 6.88 2.75 -1.70
N GLN A 14 7.94 1.94 -1.73
CA GLN A 14 8.94 2.06 -2.78
C GLN A 14 8.36 1.58 -4.10
N GLY A 15 8.50 2.38 -5.14
CA GLY A 15 7.90 2.09 -6.42
C GLY A 15 6.52 2.66 -6.62
N SER A 16 5.80 2.96 -5.54
CA SER A 16 4.53 3.65 -5.65
C SER A 16 4.76 5.07 -6.17
N ARG A 17 3.66 5.72 -6.54
CA ARG A 17 3.74 7.12 -6.92
C ARG A 17 4.15 7.94 -5.70
N PRO A 18 5.14 8.82 -5.83
CA PRO A 18 5.58 9.60 -4.66
C PRO A 18 4.45 10.42 -4.06
N GLY A 19 4.56 10.69 -2.76
CA GLY A 19 3.54 11.39 -2.01
C GLY A 19 2.70 10.50 -1.12
N LYS A 20 2.65 9.20 -1.40
CA LYS A 20 1.92 8.28 -0.54
C LYS A 20 2.65 8.08 0.78
N ASN A 21 1.89 8.14 1.88
CA ASN A 21 2.47 8.16 3.21
C ASN A 21 2.63 6.75 3.79
N VAL A 22 3.26 6.70 4.96
CA VAL A 22 3.30 5.53 5.82
C VAL A 22 2.99 6.00 7.23
N GLN A 23 1.89 5.51 7.79
CA GLN A 23 1.45 5.88 9.13
C GLN A 23 1.61 4.66 10.03
N LEU A 24 2.57 4.73 10.94
CA LEU A 24 2.79 3.69 11.94
C LEU A 24 1.95 3.99 13.18
N THR A 25 1.79 2.98 14.04
CA THR A 25 1.03 3.18 15.26
C THR A 25 1.80 4.10 16.20
N GLU A 26 1.05 4.92 16.92
CA GLU A 26 1.65 5.88 17.85
C GLU A 26 2.64 5.20 18.79
N ASN A 27 2.33 3.99 19.24
CA ASN A 27 3.23 3.28 20.14
C ASN A 27 4.50 2.84 19.43
N GLU A 28 4.36 2.26 18.23
CA GLU A 28 5.51 1.80 17.45
C GLU A 28 6.58 2.87 17.35
N ILE A 29 6.18 4.09 16.99
CA ILE A 29 7.13 5.19 16.86
C ILE A 29 7.77 5.52 18.20
N ARG A 30 6.97 5.60 19.26
CA ARG A 30 7.50 5.88 20.59
C ARG A 30 8.51 4.82 21.01
N GLY A 31 8.35 3.60 20.52
CA GLY A 31 9.37 2.57 20.75
C GLY A 31 10.68 2.91 20.06
N LEU A 32 10.60 3.37 18.80
CA LEU A 32 11.80 3.79 18.10
C LEU A 32 12.51 4.91 18.86
N CYS A 33 11.74 5.88 19.38
CA CYS A 33 12.32 7.01 20.09
C CYS A 33 12.96 6.62 21.42
N LEU A 34 12.63 5.45 21.95
CA LEU A 34 13.27 4.97 23.18
C LEU A 34 14.41 4.01 22.91
N LYS A 35 14.18 3.01 22.04
CA LYS A 35 15.23 2.04 21.73
C LYS A 35 16.42 2.72 21.09
N SER A 36 16.18 3.67 20.18
CA SER A 36 17.28 4.40 19.56
C SER A 36 17.94 5.36 20.55
N ARG A 37 17.14 5.99 21.41
CA ARG A 37 17.69 6.91 22.40
C ARG A 37 18.68 6.21 23.32
N GLU A 38 18.37 4.98 23.72
CA GLU A 38 19.31 4.22 24.55
C GLU A 38 20.60 3.95 23.79
N ILE A 39 20.50 3.59 22.52
CA ILE A 39 21.69 3.26 21.73
C ILE A 39 22.58 4.48 21.58
N PHE A 40 21.96 5.66 21.39
CA PHE A 40 22.73 6.90 21.32
C PHE A 40 23.53 7.13 22.59
N LEU A 41 22.86 7.04 23.75
CA LEU A 41 23.52 7.33 25.01
C LEU A 41 24.62 6.33 25.34
N SER A 42 24.53 5.11 24.80
CA SER A 42 25.60 4.15 25.00
C SER A 42 26.82 4.50 24.16
N GLN A 43 26.63 4.68 22.86
CA GLN A 43 27.74 4.99 21.98
C GLN A 43 28.31 6.38 22.31
N PRO A 44 29.56 6.63 21.93
CA PRO A 44 30.19 7.91 22.27
C PRO A 44 29.53 9.09 21.57
N ILE A 45 29.61 10.26 22.23
CA ILE A 45 29.12 11.49 21.63
C ILE A 45 30.02 11.93 20.48
N LEU A 46 31.26 11.50 20.47
CA LEU A 46 32.19 11.72 19.37
C LEU A 46 32.50 10.34 18.77
N LEU A 47 31.84 10.03 17.65
CA LEU A 47 31.86 8.68 17.12
C LEU A 47 33.20 8.38 16.46
N GLU A 48 33.86 7.33 16.93
CA GLU A 48 35.06 6.80 16.28
C GLU A 48 34.61 5.72 15.30
N LEU A 49 34.78 5.98 13.99
CA LEU A 49 34.26 5.10 12.97
C LEU A 49 35.39 4.60 12.07
N GLU A 50 35.13 3.46 11.42
CA GLU A 50 36.08 2.85 10.49
C GLU A 50 35.43 2.75 9.12
N ALA A 51 36.16 3.17 8.09
CA ALA A 51 35.77 2.94 6.71
C ALA A 51 35.72 1.43 6.45
N PRO A 52 35.00 0.99 5.41
CA PRO A 52 34.25 1.75 4.39
C PRO A 52 32.83 2.10 4.81
N LEU A 53 32.35 3.25 4.33
CA LEU A 53 31.00 3.72 4.63
C LEU A 53 30.61 4.77 3.60
N LYS A 54 29.34 5.18 3.67
CA LYS A 54 28.80 6.22 2.81
C LYS A 54 28.25 7.35 3.67
N ILE A 55 28.47 8.58 3.25
CA ILE A 55 28.10 9.77 4.02
C ILE A 55 27.09 10.58 3.21
N CYS A 56 25.98 10.94 3.85
CA CYS A 56 24.89 11.66 3.20
C CYS A 56 24.55 12.91 3.98
N GLY A 57 24.22 13.98 3.24
CA GLY A 57 23.91 15.26 3.85
C GLY A 57 22.47 15.44 4.26
N ASP A 58 21.95 16.66 4.05
CA ASP A 58 20.59 16.97 4.49
C ASP A 58 19.56 16.15 3.73
N ILE A 59 18.58 15.64 4.45
CA ILE A 59 17.43 14.97 3.86
C ILE A 59 16.20 15.85 3.89
N HIS A 60 15.92 16.47 5.03
CA HIS A 60 14.86 17.45 5.20
C HIS A 60 13.51 16.91 4.72
N GLY A 61 13.10 15.79 5.32
CA GLY A 61 11.80 15.21 5.09
C GLY A 61 11.54 14.68 3.70
N GLN A 62 12.45 14.86 2.75
CA GLN A 62 12.25 14.40 1.38
C GLN A 62 12.47 12.89 1.37
N TYR A 63 11.40 12.15 1.65
CA TYR A 63 11.49 10.72 1.94
C TYR A 63 11.68 9.87 0.69
N TYR A 64 11.11 10.29 -0.45
CA TYR A 64 11.28 9.49 -1.66
C TYR A 64 12.65 9.68 -2.28
N ASP A 65 13.29 10.83 -2.06
CA ASP A 65 14.68 10.97 -2.45
C ASP A 65 15.59 10.14 -1.55
N LEU A 66 15.25 10.04 -0.27
CA LEU A 66 16.00 9.16 0.63
C LEU A 66 15.89 7.70 0.21
N LEU A 67 14.70 7.28 -0.21
CA LEU A 67 14.56 5.91 -0.72
C LEU A 67 15.36 5.72 -2.00
N ARG A 68 15.46 6.77 -2.82
CA ARG A 68 16.32 6.70 -4.01
C ARG A 68 17.78 6.57 -3.62
N LEU A 69 18.19 7.18 -2.51
CA LEU A 69 19.56 7.05 -2.03
C LEU A 69 19.88 5.59 -1.70
N PHE A 70 19.11 4.99 -0.79
CA PHE A 70 19.34 3.61 -0.41
C PHE A 70 19.20 2.68 -1.61
N GLU A 71 18.22 2.94 -2.48
CA GLU A 71 18.05 2.15 -3.70
C GLU A 71 19.27 2.23 -4.61
N TYR A 72 20.08 3.28 -4.45
CA TYR A 72 21.28 3.48 -5.24
C TYR A 72 22.54 2.94 -4.54
N GLY A 73 22.76 3.35 -3.30
CA GLY A 73 23.93 2.94 -2.54
C GLY A 73 23.81 1.62 -1.85
N GLY A 74 22.61 1.04 -1.81
CA GLY A 74 22.41 -0.24 -1.17
C GLY A 74 21.71 -0.13 0.17
N PHE A 75 20.69 -0.96 0.38
CA PHE A 75 19.97 -0.94 1.64
C PHE A 75 20.83 -1.59 2.73
N PRO A 76 20.99 -0.95 3.90
CA PRO A 76 21.79 -1.49 5.00
C PRO A 76 21.38 -2.91 5.38
N PRO A 77 22.34 -3.73 5.84
CA PRO A 77 23.74 -3.38 6.03
C PRO A 77 24.63 -3.64 4.81
N GLU A 78 24.04 -3.74 3.61
CA GLU A 78 24.83 -3.88 2.40
C GLU A 78 25.90 -2.82 2.30
N SER A 79 25.58 -1.59 2.71
CA SER A 79 26.56 -0.55 2.94
C SER A 79 26.40 -0.01 4.35
N ASN A 80 27.46 0.64 4.83
CA ASN A 80 27.36 1.43 6.05
C ASN A 80 26.99 2.86 5.69
N TYR A 81 26.45 3.57 6.66
CA TYR A 81 25.94 4.91 6.40
C TYR A 81 26.18 5.85 7.57
N LEU A 82 26.56 7.08 7.25
CA LEU A 82 26.62 8.17 8.21
C LEU A 82 25.80 9.33 7.67
N PHE A 83 24.91 9.88 8.51
CA PHE A 83 24.02 10.96 8.11
C PHE A 83 24.32 12.20 8.95
N LEU A 84 24.21 13.37 8.32
CA LEU A 84 24.66 14.61 8.91
C LEU A 84 23.50 15.53 9.28
N GLY A 85 22.56 15.02 10.05
CA GLY A 85 21.47 15.83 10.56
C GLY A 85 20.51 16.31 9.47
N ASP A 86 19.65 17.24 9.88
CA ASP A 86 18.61 17.81 9.03
C ASP A 86 17.79 16.70 8.38
N TYR A 87 17.16 15.90 9.24
CA TYR A 87 16.29 14.84 8.76
C TYR A 87 14.86 15.34 8.56
N VAL A 88 14.44 16.34 9.33
CA VAL A 88 13.05 16.75 9.35
C VAL A 88 12.91 18.14 8.72
N ASP A 89 11.69 18.68 8.75
CA ASP A 89 11.37 20.04 8.29
C ASP A 89 11.49 20.20 6.78
N ARG A 90 10.87 21.27 6.25
CA ARG A 90 10.86 21.60 4.83
C ARG A 90 10.10 20.57 4.00
N GLY A 91 10.48 19.29 4.11
CA GLY A 91 9.81 18.26 3.33
C GLY A 91 8.45 17.89 3.89
N LYS A 92 7.66 17.22 3.04
CA LYS A 92 6.32 16.80 3.41
C LYS A 92 6.31 15.53 4.26
N GLN A 93 7.35 14.71 4.16
CA GLN A 93 7.36 13.41 4.84
C GLN A 93 8.52 13.28 5.82
N SER A 94 8.53 14.14 6.83
CA SER A 94 9.58 14.06 7.85
C SER A 94 9.42 12.78 8.68
N LEU A 95 8.18 12.41 9.01
CA LEU A 95 7.95 11.25 9.87
C LEU A 95 8.39 9.96 9.21
N GLU A 96 8.11 9.80 7.92
CA GLU A 96 8.59 8.63 7.20
C GLU A 96 10.12 8.62 7.12
N THR A 97 10.73 9.79 7.01
CA THR A 97 12.18 9.87 6.92
C THR A 97 12.84 9.48 8.24
N ILE A 98 12.50 10.19 9.32
CA ILE A 98 13.21 10.01 10.58
C ILE A 98 12.99 8.60 11.12
N CYS A 99 11.80 8.04 10.91
CA CYS A 99 11.50 6.71 11.45
C CYS A 99 12.34 5.63 10.78
N LEU A 100 12.42 5.66 9.44
CA LEU A 100 13.22 4.68 8.72
C LEU A 100 14.69 4.73 9.12
N LEU A 101 15.20 5.93 9.42
CA LEU A 101 16.58 6.04 9.89
C LEU A 101 16.72 5.49 11.30
N LEU A 102 15.85 5.92 12.22
CA LEU A 102 15.92 5.45 13.59
C LEU A 102 15.71 3.94 13.68
N ALA A 103 14.94 3.37 12.76
CA ALA A 103 14.74 1.92 12.74
C ALA A 103 16.02 1.20 12.32
N TYR A 104 16.67 1.68 11.25
CA TYR A 104 17.94 1.12 10.85
C TYR A 104 18.99 1.26 11.95
N LYS A 105 18.99 2.42 12.63
CA LYS A 105 19.92 2.63 13.73
C LYS A 105 19.79 1.52 14.78
N ILE A 106 18.58 1.30 15.26
CA ILE A 106 18.34 0.19 16.19
C ILE A 106 18.69 -1.14 15.54
N ARG A 107 18.40 -1.27 14.25
CA ARG A 107 18.59 -2.55 13.56
C ARG A 107 20.05 -2.94 13.49
N TYR A 108 20.91 -2.01 13.05
CA TYR A 108 22.34 -2.25 12.94
C TYR A 108 23.06 -1.10 13.66
N PRO A 109 23.17 -1.18 14.98
CA PRO A 109 23.75 -0.06 15.74
C PRO A 109 25.24 0.11 15.55
N GLU A 110 25.94 -0.86 14.97
CA GLU A 110 27.36 -0.75 14.72
C GLU A 110 27.68 -0.52 13.24
N ASN A 111 26.66 -0.46 12.38
CA ASN A 111 26.85 -0.24 10.95
C ASN A 111 25.84 0.76 10.41
N PHE A 112 25.44 1.71 11.24
CA PHE A 112 24.48 2.75 10.87
C PHE A 112 24.49 3.82 11.94
N PHE A 113 24.85 5.06 11.59
CA PHE A 113 25.07 6.11 12.56
C PHE A 113 24.44 7.42 12.07
N LEU A 114 23.74 8.10 12.98
CA LEU A 114 23.04 9.34 12.67
C LEU A 114 23.61 10.46 13.52
N LEU A 115 24.03 11.55 12.88
CA LEU A 115 24.54 12.72 13.58
C LEU A 115 23.48 13.81 13.67
N ARG A 116 23.65 14.68 14.66
CA ARG A 116 22.67 15.72 14.95
C ARG A 116 22.82 16.89 13.97
N GLY A 117 21.68 17.47 13.60
CA GLY A 117 21.64 18.67 12.78
C GLY A 117 21.01 19.82 13.55
N ASN A 118 21.09 21.01 12.95
CA ASN A 118 20.52 22.19 13.59
C ASN A 118 19.00 22.17 13.60
N HIS A 119 18.37 21.28 12.82
CA HIS A 119 16.92 21.13 12.85
C HIS A 119 16.45 20.08 13.85
N GLU A 120 17.35 19.21 14.32
CA GLU A 120 17.02 18.24 15.37
C GLU A 120 17.06 18.96 16.72
N CYS A 121 16.13 19.88 16.89
CA CYS A 121 16.07 20.77 18.03
C CYS A 121 14.67 21.40 18.09
N ALA A 122 14.04 21.34 19.26
CA ALA A 122 12.64 21.73 19.38
C ALA A 122 12.38 23.10 18.76
N SER A 123 13.10 24.12 19.23
CA SER A 123 12.86 25.49 18.77
C SER A 123 12.96 25.65 17.25
N ILE A 124 13.64 24.74 16.56
CA ILE A 124 13.78 24.85 15.10
C ILE A 124 12.68 24.08 14.40
N ASN A 125 12.59 22.76 14.65
CA ASN A 125 11.57 21.96 13.99
C ASN A 125 10.16 22.28 14.48
N ARG A 126 10.03 23.13 15.51
CA ARG A 126 8.73 23.72 15.82
C ARG A 126 8.30 24.68 14.72
N ILE A 127 9.27 25.41 14.14
CA ILE A 127 8.98 26.46 13.18
C ILE A 127 8.73 25.87 11.78
N TYR A 128 9.57 24.94 11.34
CA TYR A 128 9.71 24.65 9.92
C TYR A 128 8.89 23.47 9.41
N GLY A 129 8.12 22.79 10.26
CA GLY A 129 7.17 21.83 9.73
C GLY A 129 7.09 20.46 10.37
N PHE A 130 8.05 20.11 11.24
CA PHE A 130 7.96 18.81 11.91
C PHE A 130 6.95 18.85 13.05
N TYR A 131 6.75 20.02 13.66
CA TYR A 131 5.76 20.14 14.73
C TYR A 131 4.34 20.09 14.17
N ASP A 132 4.08 20.85 13.11
CA ASP A 132 2.77 20.77 12.46
C ASP A 132 2.50 19.39 11.88
N GLU A 133 3.55 18.65 11.53
CA GLU A 133 3.35 17.30 11.00
C GLU A 133 3.02 16.32 12.12
N CYS A 134 3.58 16.51 13.31
CA CYS A 134 3.26 15.63 14.43
C CYS A 134 1.87 15.93 14.98
N LYS A 135 1.51 17.20 15.10
CA LYS A 135 0.20 17.57 15.61
C LYS A 135 -0.91 17.06 14.70
N ARG A 136 -0.70 17.16 13.38
CA ARG A 136 -1.71 16.74 12.42
C ARG A 136 -1.86 15.22 12.40
N ARG A 137 -0.79 14.50 12.10
CA ARG A 137 -0.89 13.06 11.91
C ARG A 137 -1.01 12.31 13.24
N TYR A 138 -0.45 12.84 14.32
CA TYR A 138 -0.53 12.17 15.60
C TYR A 138 -0.98 13.13 16.70
N ASN A 139 -0.05 13.60 17.52
CA ASN A 139 -0.41 14.49 18.62
C ASN A 139 0.83 15.31 19.01
N ILE A 140 0.70 16.06 20.11
CA ILE A 140 1.80 16.89 20.59
C ILE A 140 2.81 16.05 21.36
N LYS A 141 2.32 15.24 22.31
CA LYS A 141 3.21 14.50 23.20
C LYS A 141 4.21 13.63 22.43
N LEU A 142 3.81 13.12 21.26
CA LEU A 142 4.76 12.37 20.44
C LEU A 142 5.91 13.26 19.98
N TRP A 143 5.62 14.53 19.68
CA TRP A 143 6.68 15.47 19.33
C TRP A 143 7.64 15.68 20.49
N LYS A 144 7.10 15.75 21.72
CA LYS A 144 7.95 15.90 22.89
C LYS A 144 8.84 14.68 23.08
N THR A 145 8.33 13.49 22.76
CA THR A 145 9.15 12.29 22.79
C THR A 145 10.26 12.37 21.75
N PHE A 146 9.92 12.79 20.54
CA PHE A 146 10.93 13.02 19.51
C PHE A 146 12.01 13.97 20.00
N THR A 147 11.59 15.06 20.66
CA THR A 147 12.55 16.02 21.20
C THR A 147 13.48 15.36 22.22
N ASP A 148 12.91 14.59 23.14
CA ASP A 148 13.73 13.88 24.12
C ASP A 148 14.70 12.91 23.46
N CYS A 149 14.33 12.38 22.29
CA CYS A 149 15.21 11.52 21.52
C CYS A 149 16.29 12.32 20.82
N PHE A 150 15.93 13.49 20.26
CA PHE A 150 16.88 14.31 19.54
C PHE A 150 17.98 14.84 20.46
N ASN A 151 17.62 15.18 21.71
CA ASN A 151 18.58 15.72 22.67
C ASN A 151 19.78 14.81 22.83
N CYS A 152 19.58 13.50 22.74
CA CYS A 152 20.63 12.52 23.00
C CYS A 152 21.35 12.08 21.73
N LEU A 153 21.21 12.83 20.64
CA LEU A 153 21.92 12.47 19.42
C LEU A 153 23.42 12.71 19.58
N PRO A 154 24.24 11.95 18.85
CA PRO A 154 25.68 12.28 18.80
C PRO A 154 25.93 13.48 17.91
N ILE A 155 27.05 14.15 18.16
CA ILE A 155 27.35 15.44 17.56
C ILE A 155 28.25 15.30 16.33
N ALA A 156 29.40 14.67 16.49
CA ALA A 156 30.38 14.58 15.42
C ALA A 156 30.99 13.18 15.39
N ALA A 157 31.78 12.93 14.34
CA ALA A 157 32.45 11.65 14.17
C ALA A 157 33.80 11.89 13.50
N ILE A 158 34.66 10.88 13.56
CA ILE A 158 35.98 10.93 12.94
C ILE A 158 36.22 9.58 12.26
N VAL A 159 36.34 9.59 10.94
CA VAL A 159 36.49 8.37 10.16
C VAL A 159 37.98 8.06 10.04
N ASP A 160 38.45 7.11 10.86
CA ASP A 160 39.82 6.62 10.83
C ASP A 160 40.82 7.76 11.05
N GLU A 161 40.54 8.59 12.05
CA GLU A 161 41.45 9.63 12.54
C GLU A 161 41.85 10.63 11.45
N LYS A 162 41.12 10.68 10.35
CA LYS A 162 41.52 11.53 9.23
C LYS A 162 40.39 12.41 8.70
N ILE A 163 39.17 11.89 8.60
CA ILE A 163 38.02 12.65 8.15
C ILE A 163 37.22 13.09 9.36
N PHE A 164 36.84 14.36 9.41
CA PHE A 164 36.06 14.92 10.50
C PHE A 164 34.70 15.32 9.97
N CYS A 165 33.63 14.81 10.60
CA CYS A 165 32.28 14.94 10.10
C CYS A 165 31.40 15.59 11.15
N CYS A 166 30.88 16.77 10.83
CA CYS A 166 29.85 17.43 11.62
C CYS A 166 28.90 18.14 10.66
N HIS A 167 27.74 18.55 11.19
CA HIS A 167 26.71 19.11 10.32
C HIS A 167 27.14 20.47 9.77
N GLY A 168 27.46 21.41 10.65
CA GLY A 168 27.79 22.76 10.24
C GLY A 168 29.26 22.96 9.93
N GLY A 169 30.07 23.11 10.97
CA GLY A 169 31.50 23.33 10.75
C GLY A 169 32.24 23.57 12.06
N LEU A 170 33.27 24.42 11.97
CA LEU A 170 34.20 24.63 13.06
C LEU A 170 33.70 25.71 14.01
N SER A 171 34.23 25.66 15.24
CA SER A 171 33.96 26.64 16.28
C SER A 171 35.27 27.24 16.78
N PRO A 172 35.29 28.53 17.11
CA PRO A 172 36.51 29.10 17.70
C PRO A 172 36.83 28.55 19.08
N ASP A 173 35.84 28.00 19.79
CA ASP A 173 36.06 27.45 21.12
C ASP A 173 36.60 26.03 21.08
N LEU A 174 36.70 25.42 19.91
CA LEU A 174 37.15 24.04 19.79
C LEU A 174 38.65 24.01 19.55
N GLN A 175 39.42 23.66 20.58
CA GLN A 175 40.86 23.49 20.46
C GLN A 175 41.30 22.03 20.60
N SER A 176 40.52 21.21 21.31
CA SER A 176 40.84 19.81 21.52
C SER A 176 39.58 18.98 21.39
N MET A 177 39.76 17.70 21.02
CA MET A 177 38.61 16.81 20.86
C MET A 177 37.96 16.43 22.18
N GLU A 178 38.66 16.62 23.31
CA GLU A 178 38.08 16.26 24.61
C GLU A 178 36.93 17.18 24.96
N GLN A 179 36.92 18.42 24.44
CA GLN A 179 35.81 19.32 24.71
C GLN A 179 34.50 18.77 24.16
N ILE A 180 34.57 17.97 23.10
CA ILE A 180 33.38 17.34 22.55
C ILE A 180 32.93 16.18 23.43
N ARG A 181 33.88 15.33 23.83
CA ARG A 181 33.54 14.14 24.62
C ARG A 181 32.95 14.51 25.97
N ARG A 182 33.34 15.65 26.53
CA ARG A 182 32.87 16.07 27.85
C ARG A 182 31.44 16.60 27.83
N ILE A 183 30.83 16.74 26.66
CA ILE A 183 29.46 17.24 26.57
C ILE A 183 28.49 16.13 26.95
N MET A 184 27.54 16.46 27.83
CA MET A 184 26.61 15.48 28.37
C MET A 184 25.32 15.45 27.57
N ARG A 185 24.66 14.29 27.60
CA ARG A 185 23.36 14.09 27.00
C ARG A 185 22.41 13.51 28.03
N PRO A 186 21.11 13.85 27.96
CA PRO A 186 20.42 14.70 26.97
C PRO A 186 20.82 16.17 27.05
N THR A 187 20.59 16.92 25.97
CA THR A 187 21.00 18.32 25.92
C THR A 187 20.21 19.04 24.83
N ASP A 188 19.77 20.25 25.15
CA ASP A 188 19.29 21.19 24.15
C ASP A 188 20.49 21.86 23.48
N VAL A 189 20.22 22.60 22.40
CA VAL A 189 21.25 23.33 21.67
C VAL A 189 21.28 24.77 22.22
N PRO A 190 22.37 25.17 22.89
CA PRO A 190 22.45 26.56 23.35
C PRO A 190 22.68 27.50 22.16
N ASP A 191 22.15 28.72 22.30
CA ASP A 191 22.20 29.67 21.20
C ASP A 191 23.62 30.09 20.83
N GLN A 192 24.60 29.84 21.70
CA GLN A 192 25.98 30.22 21.43
C GLN A 192 26.91 29.16 22.00
N GLY A 193 28.13 29.15 21.50
CA GLY A 193 29.17 28.27 22.01
C GLY A 193 29.53 27.18 21.01
N LEU A 194 30.28 26.20 21.53
CA LEU A 194 30.82 25.12 20.71
C LEU A 194 29.72 24.34 20.00
N LEU A 195 28.84 23.70 20.79
CA LEU A 195 27.82 22.83 20.21
C LEU A 195 26.97 23.55 19.18
N CYS A 196 26.70 24.84 19.40
CA CYS A 196 25.93 25.61 18.45
C CYS A 196 26.67 25.76 17.12
N ASP A 197 27.97 26.08 17.18
CA ASP A 197 28.73 26.34 15.97
C ASP A 197 28.93 25.07 15.15
N LEU A 198 28.96 23.91 15.80
CA LEU A 198 29.18 22.66 15.08
C LEU A 198 28.02 22.35 14.14
N LEU A 199 26.84 22.90 14.41
CA LEU A 199 25.65 22.61 13.65
C LEU A 199 25.15 23.80 12.83
N TRP A 200 25.79 24.97 12.97
CA TRP A 200 25.31 26.19 12.32
C TRP A 200 26.35 26.90 11.46
N SER A 201 27.63 26.75 11.76
CA SER A 201 28.67 27.52 11.08
C SER A 201 28.79 27.11 9.61
N ASP A 202 29.44 27.96 8.83
CA ASP A 202 29.51 27.82 7.39
C ASP A 202 30.89 28.19 6.88
N PRO A 203 31.38 27.52 5.83
CA PRO A 203 32.65 27.92 5.21
C PRO A 203 32.45 29.13 4.30
N ASP A 204 33.33 30.11 4.42
CA ASP A 204 33.22 31.37 3.71
C ASP A 204 34.41 31.54 2.77
N LYS A 205 34.12 31.71 1.49
CA LYS A 205 35.18 31.95 0.51
C LYS A 205 35.76 33.36 0.65
N ASP A 206 34.96 34.31 1.15
CA ASP A 206 35.34 35.71 1.11
C ASP A 206 36.16 36.16 2.33
N VAL A 207 35.94 35.56 3.49
CA VAL A 207 36.68 35.88 4.71
C VAL A 207 37.72 34.81 4.94
N GLN A 208 38.82 35.18 5.59
CA GLN A 208 39.92 34.27 5.89
C GLN A 208 39.91 33.75 7.32
N GLY A 209 39.84 34.66 8.29
CA GLY A 209 39.73 34.24 9.68
C GLY A 209 38.32 33.80 10.02
N TRP A 210 37.73 34.44 11.02
CA TRP A 210 36.33 34.23 11.38
C TRP A 210 35.52 35.47 11.00
N GLY A 211 34.22 35.26 10.76
CA GLY A 211 33.35 36.36 10.38
C GLY A 211 31.94 36.12 10.85
N GLU A 212 31.14 37.18 10.81
CA GLU A 212 29.74 37.08 11.21
C GLU A 212 28.95 36.26 10.20
N ASN A 213 28.11 35.38 10.71
CA ASN A 213 27.30 34.50 9.88
C ASN A 213 25.98 35.17 9.54
N ASP A 214 25.60 35.13 8.27
CA ASP A 214 24.36 35.77 7.83
C ASP A 214 23.12 35.10 8.43
N ARG A 215 23.25 33.88 8.96
CA ARG A 215 22.13 33.22 9.62
C ARG A 215 21.71 33.93 10.90
N GLY A 216 22.43 34.96 11.34
CA GLY A 216 22.22 35.52 12.65
C GLY A 216 22.69 34.64 13.79
N VAL A 217 23.29 33.49 13.50
CA VAL A 217 23.75 32.52 14.49
C VAL A 217 25.10 31.98 14.05
N SER A 218 25.99 31.77 15.02
CA SER A 218 27.30 31.16 14.80
C SER A 218 28.19 32.04 13.93
N PHE A 219 29.26 31.46 13.40
CA PHE A 219 30.27 32.22 12.66
C PHE A 219 30.52 31.60 11.30
N THR A 220 31.11 32.40 10.42
CA THR A 220 31.72 31.90 9.20
C THR A 220 33.20 31.63 9.46
N PHE A 221 33.83 30.90 8.54
CA PHE A 221 35.26 30.67 8.63
C PHE A 221 35.83 30.56 7.23
N GLY A 222 37.14 30.81 7.10
CA GLY A 222 37.81 30.89 5.82
C GLY A 222 38.74 29.72 5.54
N ALA A 223 39.31 29.75 4.33
CA ALA A 223 40.23 28.71 3.90
C ALA A 223 41.47 28.64 4.77
N GLU A 224 41.80 29.72 5.48
CA GLU A 224 42.91 29.70 6.44
C GLU A 224 42.53 28.90 7.69
N VAL A 225 41.28 29.03 8.13
CA VAL A 225 40.83 28.31 9.32
C VAL A 225 40.86 26.81 9.09
N VAL A 226 40.56 26.37 7.87
CA VAL A 226 40.55 24.94 7.56
C VAL A 226 41.96 24.38 7.53
N ALA A 227 42.94 25.18 7.07
CA ALA A 227 44.31 24.68 6.96
C ALA A 227 44.94 24.46 8.33
N LYS A 228 44.63 25.31 9.30
CA LYS A 228 45.22 25.17 10.63
C LYS A 228 44.57 24.03 11.42
N PHE A 229 43.25 23.87 11.28
CA PHE A 229 42.55 22.85 12.05
C PHE A 229 42.91 21.44 11.60
N LEU A 230 43.04 21.22 10.28
CA LEU A 230 43.46 19.92 9.78
C LEU A 230 44.89 19.60 10.19
N HIS A 231 45.75 20.62 10.28
CA HIS A 231 47.16 20.38 10.62
C HIS A 231 47.32 20.04 12.10
N LYS A 232 46.67 20.81 12.97
CA LYS A 232 46.88 20.63 14.41
C LYS A 232 46.41 19.26 14.89
N HIS A 233 45.29 18.78 14.36
CA HIS A 233 44.73 17.50 14.77
C HIS A 233 45.09 16.36 13.82
N ASP A 234 45.99 16.61 12.86
CA ASP A 234 46.48 15.58 11.94
C ASP A 234 45.33 14.97 11.15
N LEU A 235 44.59 15.85 10.47
CA LEU A 235 43.43 15.47 9.69
C LEU A 235 43.62 15.90 8.24
N ASP A 236 42.92 15.21 7.34
CA ASP A 236 43.04 15.45 5.90
C ASP A 236 41.81 16.11 5.28
N LEU A 237 40.64 15.93 5.87
CA LEU A 237 39.40 16.38 5.25
C LEU A 237 38.34 16.67 6.31
N ILE A 238 37.49 17.64 6.04
CA ILE A 238 36.33 17.95 6.86
C ILE A 238 35.08 17.78 6.01
N CYS A 239 34.14 16.98 6.48
CA CYS A 239 32.91 16.66 5.76
C CYS A 239 31.71 17.24 6.50
N ARG A 240 30.87 17.98 5.78
CA ARG A 240 29.74 18.66 6.40
C ARG A 240 28.64 18.83 5.36
N ALA A 241 27.49 19.32 5.83
CA ALA A 241 26.30 19.52 5.00
C ALA A 241 25.76 20.93 5.18
N HIS A 242 24.50 21.03 5.64
CA HIS A 242 23.95 22.27 6.20
C HIS A 242 23.67 23.35 5.17
N GLN A 243 24.21 23.22 3.96
CA GLN A 243 24.02 24.24 2.92
C GLN A 243 23.81 23.57 1.58
N VAL A 244 22.85 24.08 0.81
CA VAL A 244 22.55 23.50 -0.50
C VAL A 244 23.69 23.78 -1.47
N VAL A 245 23.96 22.83 -2.35
CA VAL A 245 25.00 22.96 -3.35
C VAL A 245 24.49 22.40 -4.67
N GLU A 246 24.98 22.97 -5.77
CA GLU A 246 24.41 22.69 -7.08
C GLU A 246 24.61 21.22 -7.48
N ASP A 247 25.84 20.74 -7.41
CA ASP A 247 26.13 19.37 -7.82
C ASP A 247 25.86 18.36 -6.71
N GLY A 248 25.40 18.77 -5.53
CA GLY A 248 25.29 17.88 -4.41
C GLY A 248 26.55 17.81 -3.58
N TYR A 249 27.72 17.93 -4.21
CA TYR A 249 28.99 18.12 -3.53
C TYR A 249 29.60 19.44 -3.96
N GLU A 250 30.51 19.95 -3.13
CA GLU A 250 31.20 21.20 -3.43
C GLU A 250 32.41 21.31 -2.53
N PHE A 251 33.60 21.30 -3.13
CA PHE A 251 34.83 21.39 -2.36
C PHE A 251 35.08 22.81 -1.88
N PHE A 252 36.03 22.94 -0.96
CA PHE A 252 36.38 24.23 -0.38
C PHE A 252 37.81 24.19 0.10
N ALA A 253 38.55 25.26 -0.17
CA ALA A 253 39.94 25.41 0.27
C ALA A 253 40.83 24.30 -0.29
N LYS A 254 40.81 24.17 -1.62
CA LYS A 254 41.62 23.19 -2.34
C LYS A 254 41.33 21.76 -1.85
N ARG A 255 40.05 21.39 -1.92
CA ARG A 255 39.58 20.06 -1.57
C ARG A 255 39.91 19.68 -0.12
N GLN A 256 40.16 20.68 0.74
CA GLN A 256 40.36 20.38 2.16
C GLN A 256 39.03 20.08 2.84
N LEU A 257 37.95 20.70 2.38
CA LEU A 257 36.61 20.51 2.93
C LEU A 257 35.64 20.18 1.81
N VAL A 258 34.56 19.48 2.16
CA VAL A 258 33.52 19.14 1.21
C VAL A 258 32.17 19.37 1.86
N THR A 259 31.22 19.91 1.10
CA THR A 259 29.85 20.10 1.56
C THR A 259 28.95 19.11 0.82
N LEU A 260 28.16 18.35 1.58
CA LEU A 260 27.28 17.34 1.02
C LEU A 260 25.82 17.74 1.22
N PHE A 261 25.01 17.46 0.19
CA PHE A 261 23.58 17.74 0.23
C PHE A 261 22.88 16.65 -0.55
N SER A 262 22.08 15.83 0.15
CA SER A 262 21.49 14.62 -0.40
C SER A 262 20.01 14.77 -0.73
N ALA A 263 19.56 15.99 -1.00
CA ALA A 263 18.14 16.27 -1.27
C ALA A 263 18.00 16.96 -2.63
N PRO A 264 17.71 16.21 -3.69
CA PRO A 264 17.49 16.84 -5.00
C PRO A 264 16.23 17.68 -5.00
N ASN A 265 16.27 18.76 -5.77
CA ASN A 265 15.20 19.76 -5.83
C ASN A 265 14.78 20.16 -4.42
N TYR A 266 15.72 20.75 -3.70
CA TYR A 266 15.53 21.12 -2.29
C TYR A 266 14.27 21.96 -2.12
N CYS A 267 13.30 21.39 -1.41
CA CYS A 267 11.97 21.96 -1.18
C CYS A 267 11.45 22.68 -2.43
N GLY A 268 11.50 21.95 -3.55
CA GLY A 268 10.88 22.35 -4.81
C GLY A 268 11.19 23.75 -5.29
N GLU A 269 12.29 24.33 -4.79
CA GLU A 269 12.66 25.70 -5.13
C GLU A 269 14.11 25.79 -5.61
N PHE A 270 14.68 24.68 -6.06
CA PHE A 270 16.04 24.67 -6.59
C PHE A 270 16.14 23.60 -7.67
N ASP A 271 17.14 23.76 -8.53
CA ASP A 271 17.49 22.77 -9.54
C ASP A 271 18.62 21.86 -9.07
N ASN A 272 18.84 21.76 -7.77
CA ASN A 272 20.04 21.15 -7.24
C ASN A 272 19.97 19.62 -7.34
N ALA A 273 21.13 19.01 -7.15
CA ALA A 273 21.30 17.56 -7.17
C ALA A 273 21.67 17.08 -5.76
N GLY A 274 21.39 15.80 -5.52
CA GLY A 274 21.76 15.16 -4.27
C GLY A 274 22.99 14.29 -4.48
N ALA A 275 23.90 14.30 -3.51
CA ALA A 275 25.14 13.55 -3.60
C ALA A 275 25.36 12.73 -2.34
N MET A 276 26.40 11.91 -2.38
CA MET A 276 26.67 10.91 -1.35
C MET A 276 28.08 10.38 -1.51
N MET A 277 28.94 10.63 -0.51
CA MET A 277 30.37 10.34 -0.62
C MET A 277 30.62 8.89 -0.22
N SER A 278 30.95 8.05 -1.21
CA SER A 278 31.34 6.67 -0.96
C SER A 278 32.83 6.62 -0.67
N VAL A 279 33.19 6.11 0.50
CA VAL A 279 34.58 6.02 0.95
C VAL A 279 34.92 4.55 1.14
N ASP A 280 35.89 4.07 0.36
CA ASP A 280 36.34 2.71 0.56
C ASP A 280 37.29 2.64 1.78
N GLU A 281 37.70 1.42 2.12
CA GLU A 281 38.49 1.21 3.33
C GLU A 281 39.80 1.98 3.31
N THR A 282 40.35 2.24 2.12
CA THR A 282 41.62 2.94 1.98
C THR A 282 41.47 4.45 2.08
N LEU A 283 40.30 4.94 2.49
CA LEU A 283 39.98 6.37 2.51
C LEU A 283 40.14 7.00 1.13
N MET A 284 39.58 6.32 0.13
CA MET A 284 39.44 6.86 -1.22
C MET A 284 37.98 7.21 -1.45
N CYS A 285 37.71 8.49 -1.73
CA CYS A 285 36.37 9.05 -1.69
C CYS A 285 35.91 9.43 -3.09
N SER A 286 34.86 8.78 -3.57
CA SER A 286 34.20 9.12 -4.83
C SER A 286 32.71 9.29 -4.57
N PHE A 287 32.08 10.23 -5.27
CA PHE A 287 30.71 10.63 -4.98
C PHE A 287 29.71 9.95 -5.91
N GLN A 288 28.50 9.75 -5.40
CA GLN A 288 27.37 9.24 -6.16
C GLN A 288 26.27 10.30 -6.09
N ILE A 289 25.84 10.79 -7.26
CA ILE A 289 24.99 11.98 -7.33
C ILE A 289 23.62 11.60 -7.87
N LEU A 290 22.58 12.03 -7.17
CA LEU A 290 21.19 11.94 -7.59
C LEU A 290 20.82 13.22 -8.33
N LYS A 291 19.94 13.11 -9.32
CA LYS A 291 19.54 14.31 -10.04
C LYS A 291 18.21 14.08 -10.74
N PRO A 292 17.30 15.05 -10.71
CA PRO A 292 16.03 14.91 -11.45
C PRO A 292 16.20 15.12 -12.95
N ALA A 293 15.08 15.32 -13.64
CA ALA A 293 15.12 15.52 -15.09
C ALA A 293 15.16 17.00 -15.44
N LEU B 1 -6.83 -42.67 39.55
CA LEU B 1 -6.55 -41.81 38.41
C LEU B 1 -5.66 -42.53 37.38
N ASN B 2 -6.23 -42.78 36.20
CA ASN B 2 -5.48 -43.39 35.11
C ASN B 2 -4.64 -42.31 34.44
N LEU B 3 -3.56 -41.94 35.12
CA LEU B 3 -2.81 -40.73 34.79
C LEU B 3 -1.91 -40.94 33.57
N ASP B 4 -1.10 -42.00 33.58
CA ASP B 4 -0.17 -42.23 32.47
C ASP B 4 -0.87 -42.34 31.13
N SER B 5 -2.18 -42.65 31.12
CA SER B 5 -2.93 -42.66 29.88
C SER B 5 -3.22 -41.22 29.41
N ILE B 6 -3.63 -40.36 30.34
CA ILE B 6 -3.95 -38.98 30.02
C ILE B 6 -2.71 -38.27 29.46
N ILE B 7 -1.58 -38.38 30.17
CA ILE B 7 -0.35 -37.76 29.71
C ILE B 7 0.05 -38.30 28.33
N GLY B 8 -0.14 -39.60 28.11
CA GLY B 8 0.19 -40.17 26.82
C GLY B 8 -0.61 -39.56 25.68
N ARG B 9 -1.92 -39.40 25.89
CA ARG B 9 -2.77 -38.82 24.85
C ARG B 9 -2.41 -37.37 24.56
N LEU B 10 -1.95 -36.63 25.57
CA LEU B 10 -1.62 -35.22 25.37
C LEU B 10 -0.38 -35.06 24.51
N LEU B 11 0.63 -35.90 24.71
CA LEU B 11 1.86 -35.85 23.92
C LEU B 11 1.72 -36.55 22.57
N GLU B 12 0.54 -37.07 22.25
CA GLU B 12 0.34 -37.72 20.96
C GLU B 12 0.37 -36.72 19.81
N VAL B 13 0.02 -35.46 20.08
CA VAL B 13 -0.08 -34.44 19.03
C VAL B 13 1.26 -33.75 18.84
N GLN B 14 2.35 -34.44 19.14
CA GLN B 14 3.68 -33.91 18.86
C GLN B 14 3.93 -33.89 17.37
N GLY B 15 4.34 -32.73 16.86
CA GLY B 15 4.72 -32.64 15.47
C GLY B 15 3.56 -32.63 14.49
N SER B 16 2.33 -32.68 14.97
CA SER B 16 1.21 -32.43 14.08
C SER B 16 1.15 -30.93 13.76
N ARG B 17 0.40 -30.60 12.71
CA ARG B 17 0.27 -29.21 12.32
C ARG B 17 -0.25 -28.38 13.50
N PRO B 18 0.33 -27.21 13.77
CA PRO B 18 -0.11 -26.41 14.91
C PRO B 18 -1.59 -26.09 14.83
N GLY B 19 -2.23 -26.06 16.00
CA GLY B 19 -3.65 -25.82 16.09
C GLY B 19 -4.49 -27.05 16.36
N LYS B 20 -3.89 -28.24 16.40
CA LYS B 20 -4.64 -29.46 16.68
C LYS B 20 -4.92 -29.58 18.17
N ASN B 21 -6.12 -30.09 18.49
CA ASN B 21 -6.61 -30.10 19.87
C ASN B 21 -6.57 -31.51 20.45
N VAL B 22 -6.75 -31.56 21.78
CA VAL B 22 -6.93 -32.79 22.52
C VAL B 22 -8.10 -32.60 23.47
N GLN B 23 -9.06 -33.53 23.44
CA GLN B 23 -10.28 -33.44 24.23
C GLN B 23 -10.34 -34.62 25.19
N LEU B 24 -9.99 -34.39 26.45
CA LEU B 24 -10.13 -35.40 27.47
C LEU B 24 -11.57 -35.45 27.98
N THR B 25 -11.97 -36.61 28.49
CA THR B 25 -13.33 -36.75 29.00
C THR B 25 -13.56 -35.80 30.16
N GLU B 26 -14.79 -35.29 30.25
CA GLU B 26 -15.22 -34.38 31.30
C GLU B 26 -14.82 -34.89 32.69
N ASN B 27 -14.88 -36.20 32.91
CA ASN B 27 -14.52 -36.74 34.21
C ASN B 27 -13.00 -36.73 34.43
N GLU B 28 -12.24 -37.09 33.39
CA GLU B 28 -10.78 -37.11 33.51
C GLU B 28 -10.25 -35.77 33.97
N ILE B 29 -10.73 -34.69 33.36
CA ILE B 29 -10.26 -33.36 33.73
C ILE B 29 -10.65 -33.01 35.16
N ARG B 30 -11.89 -33.32 35.55
CA ARG B 30 -12.31 -33.07 36.92
C ARG B 30 -11.44 -33.81 37.92
N GLY B 31 -10.97 -35.00 37.56
CA GLY B 31 -10.04 -35.71 38.42
C GLY B 31 -8.73 -34.97 38.57
N LEU B 32 -8.25 -34.38 37.48
CA LEU B 32 -7.05 -33.54 37.56
C LEU B 32 -7.25 -32.38 38.51
N CYS B 33 -8.40 -31.71 38.41
CA CYS B 33 -8.67 -30.53 39.21
C CYS B 33 -8.78 -30.85 40.70
N LEU B 34 -9.09 -32.09 41.07
CA LEU B 34 -9.14 -32.47 42.47
C LEU B 34 -7.79 -32.98 42.96
N LYS B 35 -7.22 -33.96 42.25
CA LYS B 35 -5.97 -34.57 42.68
C LYS B 35 -4.84 -33.54 42.74
N SER B 36 -4.83 -32.60 41.79
CA SER B 36 -3.82 -31.54 41.82
C SER B 36 -4.11 -30.54 42.94
N ARG B 37 -5.39 -30.25 43.16
CA ARG B 37 -5.76 -29.30 44.21
C ARG B 37 -5.33 -29.79 45.59
N GLU B 38 -5.46 -31.09 45.84
CA GLU B 38 -5.04 -31.63 47.13
C GLU B 38 -3.53 -31.51 47.31
N ILE B 39 -2.77 -31.77 46.24
CA ILE B 39 -1.30 -31.65 46.32
C ILE B 39 -0.90 -30.21 46.59
N PHE B 40 -1.65 -29.26 46.03
CA PHE B 40 -1.39 -27.85 46.28
C PHE B 40 -1.66 -27.49 47.74
N LEU B 41 -2.80 -27.95 48.28
CA LEU B 41 -3.13 -27.66 49.67
C LEU B 41 -2.16 -28.35 50.63
N SER B 42 -1.55 -29.46 50.21
CA SER B 42 -0.60 -30.16 51.05
C SER B 42 0.76 -29.48 51.04
N GLN B 43 1.22 -29.05 49.87
CA GLN B 43 2.52 -28.41 49.75
C GLN B 43 2.44 -26.96 50.24
N PRO B 44 3.59 -26.38 50.63
CA PRO B 44 3.57 -25.03 51.20
C PRO B 44 3.12 -23.98 50.19
N ILE B 45 2.45 -22.94 50.72
CA ILE B 45 2.05 -21.82 49.88
C ILE B 45 3.26 -20.99 49.46
N LEU B 46 4.36 -21.08 50.19
CA LEU B 46 5.64 -20.50 49.80
C LEU B 46 6.62 -21.66 49.65
N LEU B 47 6.90 -22.03 48.41
CA LEU B 47 7.65 -23.25 48.13
C LEU B 47 9.13 -23.05 48.41
N GLU B 48 9.72 -23.97 49.18
CA GLU B 48 11.16 -24.07 49.34
C GLU B 48 11.68 -25.11 48.35
N LEU B 49 12.46 -24.68 47.36
CA LEU B 49 12.90 -25.54 46.28
C LEU B 49 14.42 -25.59 46.22
N GLU B 50 14.94 -26.71 45.74
CA GLU B 50 16.37 -26.94 45.65
C GLU B 50 16.78 -27.08 44.19
N ALA B 51 17.80 -26.33 43.78
CA ALA B 51 18.40 -26.51 42.46
C ALA B 51 18.99 -27.93 42.37
N PRO B 52 19.10 -28.48 41.16
CA PRO B 52 18.82 -27.90 39.85
C PRO B 52 17.35 -27.93 39.45
N LEU B 53 16.95 -27.00 38.58
CA LEU B 53 15.61 -26.93 38.04
C LEU B 53 15.61 -25.96 36.86
N LYS B 54 14.48 -25.91 36.17
CA LYS B 54 14.26 -24.95 35.09
C LYS B 54 13.02 -24.13 35.40
N ILE B 55 13.04 -22.86 34.99
CA ILE B 55 11.98 -21.92 35.30
C ILE B 55 11.46 -21.32 34.01
N CYS B 56 10.13 -21.32 33.84
CA CYS B 56 9.48 -20.83 32.63
C CYS B 56 8.40 -19.83 32.99
N GLY B 57 8.28 -18.78 32.17
CA GLY B 57 7.32 -17.73 32.43
C GLY B 57 5.95 -17.97 31.83
N ASP B 58 5.43 -16.97 31.12
CA ASP B 58 4.07 -17.05 30.59
C ASP B 58 3.98 -18.09 29.48
N ILE B 59 2.88 -18.84 29.48
CA ILE B 59 2.56 -19.80 28.43
C ILE B 59 1.34 -19.33 27.63
N HIS B 60 0.25 -19.01 28.34
CA HIS B 60 -0.93 -18.35 27.75
C HIS B 60 -1.51 -19.17 26.59
N GLY B 61 -1.84 -20.43 26.89
CA GLY B 61 -2.55 -21.29 25.97
C GLY B 61 -1.80 -21.72 24.74
N GLN B 62 -0.61 -21.17 24.48
CA GLN B 62 0.17 -21.54 23.30
C GLN B 62 0.77 -22.93 23.52
N TYR B 63 -0.08 -23.94 23.35
CA TYR B 63 0.21 -25.31 23.79
C TYR B 63 1.33 -25.95 22.98
N TYR B 64 1.50 -25.57 21.71
CA TYR B 64 2.55 -26.17 20.90
C TYR B 64 3.91 -25.55 21.18
N ASP B 65 3.95 -24.29 21.64
CA ASP B 65 5.20 -23.74 22.14
C ASP B 65 5.60 -24.41 23.45
N LEU B 66 4.62 -24.74 24.29
CA LEU B 66 4.90 -25.47 25.51
C LEU B 66 5.46 -26.85 25.22
N LEU B 67 4.97 -27.49 24.16
CA LEU B 67 5.51 -28.80 23.76
C LEU B 67 6.91 -28.66 23.21
N ARG B 68 7.24 -27.53 22.58
CA ARG B 68 8.61 -27.30 22.15
C ARG B 68 9.53 -27.08 23.34
N LEU B 69 9.02 -26.45 24.40
CA LEU B 69 9.82 -26.22 25.60
C LEU B 69 10.28 -27.53 26.21
N PHE B 70 9.32 -28.43 26.50
CA PHE B 70 9.67 -29.72 27.07
C PHE B 70 10.56 -30.53 26.12
N GLU B 71 10.22 -30.51 24.83
CA GLU B 71 11.08 -31.16 23.82
C GLU B 71 12.49 -30.58 23.85
N TYR B 72 12.61 -29.28 24.16
CA TYR B 72 13.92 -28.65 24.24
C TYR B 72 14.55 -28.85 25.61
N GLY B 73 13.78 -28.66 26.68
CA GLY B 73 14.32 -28.76 28.02
C GLY B 73 14.31 -30.14 28.62
N GLY B 74 13.63 -31.09 27.99
CA GLY B 74 13.56 -32.44 28.52
C GLY B 74 12.24 -32.72 29.23
N PHE B 75 11.55 -33.77 28.81
CA PHE B 75 10.27 -34.12 29.42
C PHE B 75 10.48 -34.61 30.84
N PRO B 76 9.70 -34.11 31.81
CA PRO B 76 9.82 -34.49 33.23
C PRO B 76 9.71 -35.99 33.44
N PRO B 77 10.38 -36.54 34.47
CA PRO B 77 11.19 -35.80 35.44
C PRO B 77 12.66 -35.64 35.02
N GLU B 78 12.96 -35.86 33.74
CA GLU B 78 14.32 -35.67 33.23
C GLU B 78 14.87 -34.30 33.63
N SER B 79 14.01 -33.29 33.70
CA SER B 79 14.33 -32.02 34.32
C SER B 79 13.29 -31.70 35.39
N ASN B 80 13.66 -30.81 36.30
CA ASN B 80 12.72 -30.22 37.24
C ASN B 80 12.28 -28.86 36.70
N TYR B 81 11.02 -28.53 36.96
CA TYR B 81 10.43 -27.34 36.36
C TYR B 81 9.71 -26.49 37.41
N LEU B 82 9.77 -25.18 37.20
CA LEU B 82 8.95 -24.21 37.92
C LEU B 82 8.29 -23.29 36.91
N PHE B 83 6.98 -23.13 37.03
CA PHE B 83 6.21 -22.30 36.11
C PHE B 83 5.58 -21.15 36.87
N LEU B 84 5.56 -19.98 36.22
CA LEU B 84 5.23 -18.73 36.88
C LEU B 84 3.89 -18.16 36.42
N GLY B 85 2.85 -19.00 36.44
CA GLY B 85 1.51 -18.54 36.15
C GLY B 85 1.29 -18.15 34.69
N ASP B 86 0.11 -17.59 34.45
CA ASP B 86 -0.35 -17.19 33.12
C ASP B 86 -0.30 -18.39 32.16
N TYR B 87 -1.00 -19.45 32.56
CA TYR B 87 -1.07 -20.66 31.74
C TYR B 87 -2.17 -20.57 30.69
N VAL B 88 -3.26 -19.87 31.00
CA VAL B 88 -4.44 -19.86 30.15
C VAL B 88 -4.57 -18.53 29.42
N ASP B 89 -5.68 -18.34 28.72
CA ASP B 89 -6.04 -17.09 28.04
C ASP B 89 -5.14 -16.78 26.85
N ARG B 90 -5.61 -15.89 25.98
CA ARG B 90 -4.87 -15.42 24.80
C ARG B 90 -4.66 -16.52 23.77
N GLY B 91 -4.08 -17.64 24.19
CA GLY B 91 -3.84 -18.74 23.28
C GLY B 91 -5.11 -19.52 22.96
N LYS B 92 -5.02 -20.33 21.90
CA LYS B 92 -6.18 -21.07 21.43
C LYS B 92 -6.41 -22.36 22.19
N GLN B 93 -5.37 -22.90 22.83
CA GLN B 93 -5.43 -24.21 23.48
C GLN B 93 -5.02 -24.05 24.94
N SER B 94 -5.84 -23.35 25.71
CA SER B 94 -5.55 -23.22 27.14
C SER B 94 -5.82 -24.53 27.87
N LEU B 95 -6.88 -25.25 27.49
CA LEU B 95 -7.24 -26.49 28.17
C LEU B 95 -6.14 -27.53 28.03
N GLU B 96 -5.60 -27.69 26.82
CA GLU B 96 -4.51 -28.64 26.61
C GLU B 96 -3.30 -28.27 27.46
N THR B 97 -3.01 -26.98 27.57
CA THR B 97 -1.87 -26.53 28.36
C THR B 97 -2.07 -26.83 29.84
N ILE B 98 -3.19 -26.34 30.41
CA ILE B 98 -3.39 -26.42 31.85
C ILE B 98 -3.50 -27.85 32.33
N CYS B 99 -4.05 -28.75 31.51
CA CYS B 99 -4.21 -30.13 31.95
C CYS B 99 -2.89 -30.88 31.95
N LEU B 100 -2.06 -30.68 30.90
CA LEU B 100 -0.76 -31.33 30.84
C LEU B 100 0.11 -30.91 32.02
N LEU B 101 0.02 -29.65 32.42
CA LEU B 101 0.78 -29.18 33.57
C LEU B 101 0.24 -29.80 34.87
N LEU B 102 -1.08 -29.73 35.08
CA LEU B 102 -1.66 -30.33 36.27
C LEU B 102 -1.38 -31.82 36.35
N ALA B 103 -1.38 -32.50 35.20
CA ALA B 103 -1.06 -33.93 35.18
C ALA B 103 0.38 -34.16 35.60
N TYR B 104 1.31 -33.37 35.05
CA TYR B 104 2.71 -33.49 35.45
C TYR B 104 2.89 -33.15 36.92
N LYS B 105 2.08 -32.21 37.43
CA LYS B 105 2.12 -31.91 38.86
C LYS B 105 1.77 -33.13 39.69
N ILE B 106 0.65 -33.77 39.39
CA ILE B 106 0.24 -34.97 40.12
C ILE B 106 1.25 -36.09 39.91
N ARG B 107 1.75 -36.23 38.68
CA ARG B 107 2.66 -37.33 38.36
C ARG B 107 3.97 -37.21 39.14
N TYR B 108 4.56 -36.01 39.17
CA TYR B 108 5.80 -35.76 39.90
C TYR B 108 5.58 -34.56 40.80
N PRO B 109 4.97 -34.77 41.97
CA PRO B 109 4.65 -33.64 42.85
C PRO B 109 5.84 -33.05 43.59
N GLU B 110 7.00 -33.71 43.57
CA GLU B 110 8.18 -33.20 44.24
C GLU B 110 9.24 -32.70 43.26
N ASN B 111 8.99 -32.81 41.95
CA ASN B 111 9.93 -32.37 40.93
C ASN B 111 9.27 -31.54 39.85
N PHE B 112 8.09 -30.98 40.13
CA PHE B 112 7.35 -30.20 39.14
C PHE B 112 6.40 -29.30 39.90
N PHE B 113 6.63 -27.99 39.84
CA PHE B 113 5.89 -27.05 40.67
C PHE B 113 5.31 -25.93 39.82
N LEU B 114 4.06 -25.59 40.09
CA LEU B 114 3.32 -24.58 39.33
C LEU B 114 2.93 -23.44 40.27
N LEU B 115 3.31 -22.23 39.92
CA LEU B 115 2.94 -21.04 40.66
C LEU B 115 1.72 -20.38 40.03
N ARG B 116 1.10 -19.49 40.78
CA ARG B 116 -0.09 -18.80 40.32
C ARG B 116 0.28 -17.58 39.47
N GLY B 117 -0.59 -17.26 38.50
CA GLY B 117 -0.49 -16.05 37.74
C GLY B 117 -1.75 -15.21 37.91
N ASN B 118 -1.66 -13.95 37.47
CA ASN B 118 -2.81 -13.06 37.59
C ASN B 118 -3.99 -13.53 36.75
N HIS B 119 -3.75 -14.33 35.72
CA HIS B 119 -4.81 -14.90 34.92
C HIS B 119 -5.41 -16.17 35.51
N GLU B 120 -4.76 -16.77 36.52
CA GLU B 120 -5.32 -17.91 37.23
C GLU B 120 -6.26 -17.38 38.31
N CYS B 121 -7.36 -16.81 37.84
CA CYS B 121 -8.31 -16.09 38.67
C CYS B 121 -9.61 -15.97 37.89
N ALA B 122 -10.72 -16.34 38.53
CA ALA B 122 -11.99 -16.47 37.83
C ALA B 122 -12.34 -15.21 37.05
N SER B 123 -12.18 -14.04 37.67
CA SER B 123 -12.55 -12.79 37.02
C SER B 123 -11.74 -12.57 35.74
N ILE B 124 -10.45 -12.89 35.77
CA ILE B 124 -9.59 -12.62 34.62
C ILE B 124 -9.86 -13.62 33.49
N ASN B 125 -9.69 -14.92 33.78
CA ASN B 125 -9.82 -15.92 32.73
C ASN B 125 -11.24 -16.05 32.20
N ARG B 126 -12.23 -15.46 32.87
CA ARG B 126 -13.56 -15.35 32.26
C ARG B 126 -13.54 -14.37 31.11
N ILE B 127 -12.68 -13.35 31.18
CA ILE B 127 -12.66 -12.30 30.17
C ILE B 127 -11.81 -12.71 28.95
N TYR B 128 -10.66 -13.34 29.20
CA TYR B 128 -9.62 -13.43 28.19
C TYR B 128 -9.54 -14.79 27.49
N GLY B 129 -10.60 -15.57 27.54
CA GLY B 129 -10.80 -16.67 26.62
C GLY B 129 -11.03 -18.02 27.28
N PHE B 130 -10.45 -18.24 28.46
CA PHE B 130 -10.53 -19.57 29.07
C PHE B 130 -11.97 -19.97 29.39
N TYR B 131 -12.83 -19.00 29.69
CA TYR B 131 -14.22 -19.30 29.99
C TYR B 131 -14.97 -19.72 28.73
N ASP B 132 -14.82 -18.95 27.65
CA ASP B 132 -15.42 -19.33 26.37
C ASP B 132 -14.91 -20.68 25.89
N GLU B 133 -13.64 -21.00 26.18
CA GLU B 133 -13.07 -22.26 25.74
C GLU B 133 -13.61 -23.44 26.53
N CYS B 134 -14.01 -23.22 27.78
CA CYS B 134 -14.61 -24.29 28.57
C CYS B 134 -16.09 -24.45 28.24
N LYS B 135 -16.80 -23.34 28.09
CA LYS B 135 -18.20 -23.40 27.70
C LYS B 135 -18.36 -24.04 26.32
N ARG B 136 -17.45 -23.71 25.40
CA ARG B 136 -17.54 -24.28 24.05
C ARG B 136 -17.25 -25.78 24.07
N ARG B 137 -16.05 -26.16 24.52
CA ARG B 137 -15.61 -27.55 24.42
C ARG B 137 -16.22 -28.46 25.49
N TYR B 138 -16.69 -27.91 26.60
CA TYR B 138 -17.28 -28.73 27.66
C TYR B 138 -18.55 -28.10 28.21
N ASN B 139 -18.45 -27.40 29.33
CA ASN B 139 -19.62 -26.77 29.93
C ASN B 139 -19.16 -25.68 30.90
N ILE B 140 -20.10 -25.18 31.71
CA ILE B 140 -19.81 -24.10 32.64
C ILE B 140 -19.16 -24.65 33.91
N LYS B 141 -19.81 -25.62 34.55
CA LYS B 141 -19.34 -26.16 35.83
C LYS B 141 -17.85 -26.46 35.84
N LEU B 142 -17.36 -27.08 34.75
CA LEU B 142 -15.94 -27.45 34.67
C LEU B 142 -15.04 -26.23 34.84
N TRP B 143 -15.49 -25.07 34.38
CA TRP B 143 -14.75 -23.83 34.63
C TRP B 143 -14.78 -23.47 36.11
N LYS B 144 -15.93 -23.67 36.77
CA LYS B 144 -16.00 -23.43 38.21
C LYS B 144 -15.15 -24.44 38.97
N THR B 145 -15.03 -25.65 38.45
CA THR B 145 -14.10 -26.61 39.06
C THR B 145 -12.65 -26.18 38.83
N PHE B 146 -12.35 -25.68 37.64
CA PHE B 146 -11.03 -25.12 37.38
C PHE B 146 -10.72 -23.97 38.33
N THR B 147 -11.70 -23.09 38.56
CA THR B 147 -11.50 -21.97 39.47
C THR B 147 -11.25 -22.45 40.88
N ASP B 148 -12.03 -23.43 41.34
CA ASP B 148 -11.83 -23.97 42.68
C ASP B 148 -10.45 -24.59 42.83
N CYS B 149 -9.87 -25.07 41.72
CA CYS B 149 -8.50 -25.56 41.74
C CYS B 149 -7.51 -24.41 41.73
N PHE B 150 -7.75 -23.40 40.88
CA PHE B 150 -6.85 -22.25 40.81
C PHE B 150 -6.71 -21.56 42.17
N ASN B 151 -7.81 -21.53 42.94
CA ASN B 151 -7.80 -20.83 44.23
C ASN B 151 -6.71 -21.36 45.15
N CYS B 152 -6.43 -22.66 45.08
CA CYS B 152 -5.49 -23.31 45.98
C CYS B 152 -4.06 -23.32 45.45
N LEU B 153 -3.72 -22.42 44.54
CA LEU B 153 -2.37 -22.44 43.96
C LEU B 153 -1.35 -21.87 44.93
N PRO B 154 -0.09 -22.29 44.81
CA PRO B 154 0.97 -21.63 45.57
C PRO B 154 1.43 -20.35 44.88
N ILE B 155 1.82 -19.38 45.71
CA ILE B 155 2.00 -18.01 45.24
C ILE B 155 3.44 -17.76 44.78
N ALA B 156 4.41 -18.06 45.64
CA ALA B 156 5.81 -17.77 45.33
C ALA B 156 6.68 -18.93 45.80
N ALA B 157 7.95 -18.89 45.39
CA ALA B 157 8.91 -19.92 45.75
C ALA B 157 10.27 -19.27 45.99
N ILE B 158 11.16 -20.02 46.64
CA ILE B 158 12.53 -19.60 46.88
C ILE B 158 13.45 -20.78 46.57
N VAL B 159 14.41 -20.57 45.68
CA VAL B 159 15.32 -21.63 45.23
C VAL B 159 16.63 -21.49 46.00
N ASP B 160 16.84 -22.39 46.97
CA ASP B 160 18.09 -22.44 47.75
C ASP B 160 18.39 -21.11 48.42
N GLU B 161 17.34 -20.49 48.98
CA GLU B 161 17.45 -19.31 49.83
C GLU B 161 18.10 -18.12 49.11
N LYS B 162 18.08 -18.10 47.79
CA LYS B 162 18.74 -17.03 47.05
C LYS B 162 17.88 -16.48 45.92
N ILE B 163 17.27 -17.35 45.13
CA ILE B 163 16.41 -16.93 44.02
C ILE B 163 14.98 -16.86 44.51
N PHE B 164 14.33 -15.72 44.24
CA PHE B 164 12.95 -15.47 44.65
C PHE B 164 12.07 -15.41 43.41
N CYS B 165 11.06 -16.27 43.36
CA CYS B 165 10.22 -16.45 42.18
C CYS B 165 8.78 -16.08 42.50
N CYS B 166 8.22 -15.14 41.75
CA CYS B 166 6.79 -14.86 41.77
C CYS B 166 6.42 -14.37 40.38
N HIS B 167 5.12 -14.34 40.09
CA HIS B 167 4.68 -13.96 38.74
C HIS B 167 4.96 -12.49 38.47
N GLY B 168 4.31 -11.60 39.21
CA GLY B 168 4.46 -10.18 38.98
C GLY B 168 5.73 -9.59 39.57
N GLY B 169 5.71 -9.29 40.87
CA GLY B 169 6.87 -8.73 41.53
C GLY B 169 6.65 -8.44 43.00
N LEU B 170 7.30 -7.38 43.49
CA LEU B 170 7.27 -7.06 44.91
C LEU B 170 5.98 -6.35 45.30
N SER B 171 5.81 -6.14 46.60
CA SER B 171 4.68 -5.41 47.15
C SER B 171 5.17 -4.53 48.28
N PRO B 172 4.59 -3.33 48.44
CA PRO B 172 5.00 -2.47 49.56
C PRO B 172 4.53 -2.96 50.92
N ASP B 173 3.72 -4.02 50.97
CA ASP B 173 3.26 -4.61 52.22
C ASP B 173 4.03 -5.87 52.57
N LEU B 174 5.14 -6.14 51.89
CA LEU B 174 5.93 -7.35 52.09
C LEU B 174 7.25 -6.98 52.76
N GLN B 175 7.32 -7.20 54.08
CA GLN B 175 8.55 -6.99 54.83
C GLN B 175 9.13 -8.28 55.39
N SER B 176 8.32 -9.31 55.60
CA SER B 176 8.79 -10.58 56.12
C SER B 176 8.11 -11.70 55.35
N MET B 177 8.81 -12.84 55.25
CA MET B 177 8.26 -13.99 54.55
C MET B 177 7.10 -14.62 55.30
N GLU B 178 6.95 -14.35 56.60
CA GLU B 178 5.89 -14.96 57.38
C GLU B 178 4.52 -14.51 56.92
N GLN B 179 4.43 -13.32 56.32
CA GLN B 179 3.15 -12.82 55.83
C GLN B 179 2.63 -13.68 54.68
N ILE B 180 3.52 -14.12 53.78
CA ILE B 180 3.12 -15.00 52.68
C ILE B 180 2.60 -16.32 53.23
N ARG B 181 3.36 -16.96 54.11
CA ARG B 181 2.97 -18.25 54.66
C ARG B 181 1.68 -18.17 55.47
N ARG B 182 1.29 -16.98 55.93
CA ARG B 182 0.06 -16.80 56.66
C ARG B 182 -1.18 -16.93 55.78
N ILE B 183 -1.04 -16.67 54.47
CA ILE B 183 -2.19 -16.63 53.58
C ILE B 183 -2.82 -18.02 53.48
N MET B 184 -4.14 -18.06 53.63
CA MET B 184 -4.89 -19.30 53.59
C MET B 184 -5.36 -19.63 52.18
N ARG B 185 -5.60 -20.92 51.96
CA ARG B 185 -6.15 -21.43 50.70
C ARG B 185 -7.33 -22.34 51.02
N PRO B 186 -8.35 -22.38 50.14
CA PRO B 186 -8.50 -21.65 48.87
C PRO B 186 -8.75 -20.15 49.04
N THR B 187 -8.53 -19.39 47.96
CA THR B 187 -8.64 -17.93 48.04
C THR B 187 -8.89 -17.36 46.67
N ASP B 188 -9.57 -16.21 46.64
CA ASP B 188 -9.73 -15.39 45.45
C ASP B 188 -8.83 -14.17 45.58
N VAL B 189 -8.21 -13.77 44.47
CA VAL B 189 -7.25 -12.65 44.51
C VAL B 189 -7.98 -11.37 44.88
N PRO B 190 -7.56 -10.66 45.91
CA PRO B 190 -8.15 -9.35 46.21
C PRO B 190 -7.60 -8.29 45.26
N ASP B 191 -8.45 -7.31 44.95
CA ASP B 191 -8.10 -6.27 43.99
C ASP B 191 -6.94 -5.40 44.46
N GLN B 192 -6.57 -5.49 45.74
CA GLN B 192 -5.47 -4.70 46.27
C GLN B 192 -4.78 -5.51 47.36
N GLY B 193 -3.57 -5.10 47.69
CA GLY B 193 -2.84 -5.70 48.80
C GLY B 193 -1.67 -6.55 48.32
N LEU B 194 -1.18 -7.36 49.25
CA LEU B 194 0.03 -8.14 49.01
C LEU B 194 -0.17 -9.15 47.88
N LEU B 195 -1.17 -10.03 48.03
CA LEU B 195 -1.35 -11.13 47.08
C LEU B 195 -1.55 -10.61 45.67
N CYS B 196 -2.24 -9.49 45.52
CA CYS B 196 -2.47 -8.90 44.21
C CYS B 196 -1.16 -8.51 43.54
N ASP B 197 -0.31 -7.76 44.26
CA ASP B 197 0.90 -7.21 43.66
C ASP B 197 1.89 -8.30 43.27
N LEU B 198 1.90 -9.41 44.00
CA LEU B 198 2.81 -10.52 43.66
C LEU B 198 2.55 -11.04 42.26
N LEU B 199 1.37 -10.81 41.71
CA LEU B 199 0.99 -11.31 40.39
C LEU B 199 0.74 -10.21 39.38
N TRP B 200 0.87 -8.94 39.78
CA TRP B 200 0.47 -7.83 38.93
C TRP B 200 1.55 -6.76 38.80
N SER B 201 2.43 -6.63 39.79
CA SER B 201 3.39 -5.54 39.80
C SER B 201 4.48 -5.74 38.74
N ASP B 202 5.13 -4.64 38.38
CA ASP B 202 6.08 -4.59 37.29
C ASP B 202 7.30 -3.77 37.69
N PRO B 203 8.50 -4.13 37.21
CA PRO B 203 9.67 -3.30 37.45
C PRO B 203 9.70 -2.12 36.49
N ASP B 204 10.06 -0.96 37.04
CA ASP B 204 10.06 0.29 36.30
C ASP B 204 11.39 0.99 36.50
N LYS B 205 12.07 1.33 35.40
CA LYS B 205 13.34 2.04 35.52
C LYS B 205 13.12 3.54 35.73
N ASP B 206 12.09 4.11 35.10
CA ASP B 206 11.83 5.54 35.28
C ASP B 206 11.58 5.88 36.74
N VAL B 207 10.84 5.03 37.44
CA VAL B 207 10.63 5.21 38.87
C VAL B 207 11.80 4.60 39.64
N GLN B 208 12.10 5.18 40.81
CA GLN B 208 13.09 4.63 41.72
C GLN B 208 12.46 4.02 42.97
N GLY B 209 11.52 4.73 43.59
CA GLY B 209 10.74 4.19 44.68
C GLY B 209 9.59 3.33 44.18
N TRP B 210 8.36 3.70 44.56
CA TRP B 210 7.16 3.05 44.08
C TRP B 210 6.35 4.04 43.25
N GLY B 211 5.62 3.51 42.27
CA GLY B 211 4.81 4.35 41.40
C GLY B 211 3.56 3.62 40.96
N GLU B 212 2.65 4.38 40.37
CA GLU B 212 1.40 3.80 39.88
C GLU B 212 1.68 2.94 38.65
N ASN B 213 0.89 1.88 38.51
CA ASN B 213 1.07 0.91 37.44
C ASN B 213 0.06 1.19 36.33
N ASP B 214 0.56 1.27 35.08
CA ASP B 214 -0.29 1.60 33.94
C ASP B 214 -1.41 0.61 33.71
N ARG B 215 -1.40 -0.54 34.39
CA ARG B 215 -2.50 -1.49 34.28
C ARG B 215 -3.75 -1.02 35.02
N GLY B 216 -3.65 0.00 35.86
CA GLY B 216 -4.74 0.36 36.74
C GLY B 216 -4.86 -0.51 37.97
N VAL B 217 -3.88 -1.39 38.19
CA VAL B 217 -3.85 -2.30 39.33
C VAL B 217 -2.40 -2.51 39.74
N SER B 218 -2.16 -2.55 41.05
CA SER B 218 -0.84 -2.79 41.65
C SER B 218 0.10 -1.62 41.40
N PHE B 219 1.39 -1.82 41.65
CA PHE B 219 2.37 -0.74 41.61
C PHE B 219 3.55 -1.13 40.74
N THR B 220 4.32 -0.11 40.37
CA THR B 220 5.65 -0.29 39.80
C THR B 220 6.70 -0.17 40.91
N PHE B 221 7.93 -0.56 40.59
CA PHE B 221 9.00 -0.45 41.56
C PHE B 221 10.33 -0.28 40.83
N GLY B 222 11.19 0.59 41.38
CA GLY B 222 12.43 0.95 40.73
C GLY B 222 13.58 0.02 41.06
N ALA B 223 14.75 0.35 40.50
CA ALA B 223 15.95 -0.45 40.71
C ALA B 223 16.40 -0.45 42.16
N GLU B 224 16.06 0.62 42.90
CA GLU B 224 16.47 0.69 44.30
C GLU B 224 15.63 -0.25 45.16
N VAL B 225 14.34 -0.37 44.87
CA VAL B 225 13.49 -1.29 45.62
C VAL B 225 14.01 -2.72 45.48
N VAL B 226 14.60 -3.06 44.34
CA VAL B 226 15.17 -4.38 44.15
C VAL B 226 16.43 -4.55 44.99
N ALA B 227 17.22 -3.49 45.13
CA ALA B 227 18.48 -3.60 45.86
C ALA B 227 18.25 -3.78 47.36
N LYS B 228 17.31 -3.02 47.94
CA LYS B 228 17.05 -3.12 49.37
C LYS B 228 16.43 -4.46 49.73
N PHE B 229 15.46 -4.92 48.92
CA PHE B 229 14.76 -6.16 49.23
C PHE B 229 15.71 -7.36 49.17
N LEU B 230 16.58 -7.43 48.17
CA LEU B 230 17.53 -8.53 48.06
C LEU B 230 18.49 -8.53 49.24
N HIS B 231 18.91 -7.34 49.69
CA HIS B 231 19.83 -7.25 50.81
C HIS B 231 19.14 -7.64 52.11
N LYS B 232 17.93 -7.13 52.33
CA LYS B 232 17.23 -7.35 53.60
C LYS B 232 16.99 -8.83 53.88
N HIS B 233 16.67 -9.60 52.84
CA HIS B 233 16.40 -11.03 52.99
C HIS B 233 17.55 -11.90 52.50
N ASP B 234 18.72 -11.33 52.26
CA ASP B 234 19.92 -12.07 51.86
C ASP B 234 19.65 -12.88 50.60
N LEU B 235 19.17 -12.21 49.56
CA LEU B 235 18.86 -12.83 48.28
C LEU B 235 19.75 -12.24 47.20
N ASP B 236 19.89 -12.99 46.10
CA ASP B 236 20.72 -12.58 44.98
C ASP B 236 19.91 -12.18 43.75
N LEU B 237 18.83 -12.90 43.44
CA LEU B 237 18.10 -12.71 42.19
C LEU B 237 16.59 -12.76 42.46
N ILE B 238 15.85 -11.96 41.70
CA ILE B 238 14.39 -12.06 41.63
C ILE B 238 14.04 -12.54 40.23
N CYS B 239 13.19 -13.56 40.15
CA CYS B 239 12.74 -14.12 38.89
C CYS B 239 11.23 -13.97 38.77
N ARG B 240 10.76 -13.59 37.59
CA ARG B 240 9.35 -13.33 37.38
C ARG B 240 9.03 -13.43 35.89
N ALA B 241 7.81 -13.00 35.52
CA ALA B 241 7.36 -13.04 34.15
C ALA B 241 6.44 -11.87 33.86
N HIS B 242 5.17 -12.15 33.53
CA HIS B 242 4.08 -11.18 33.54
C HIS B 242 4.16 -10.14 32.41
N GLN B 243 5.33 -9.97 31.80
CA GLN B 243 5.52 -8.98 30.75
C GLN B 243 6.34 -9.57 29.61
N VAL B 244 5.95 -9.25 28.38
CA VAL B 244 6.63 -9.81 27.21
C VAL B 244 7.97 -9.11 27.01
N VAL B 245 8.96 -9.87 26.57
CA VAL B 245 10.30 -9.35 26.36
C VAL B 245 10.83 -9.91 25.04
N GLU B 246 11.65 -9.11 24.37
CA GLU B 246 12.04 -9.41 23.00
C GLU B 246 12.82 -10.71 22.91
N ASP B 247 13.81 -10.89 23.78
CA ASP B 247 14.67 -12.07 23.76
C ASP B 247 14.12 -13.22 24.58
N GLY B 248 13.00 -13.03 25.27
CA GLY B 248 12.47 -14.02 26.20
C GLY B 248 13.00 -13.84 27.60
N TYR B 249 14.25 -13.42 27.72
CA TYR B 249 14.83 -12.99 28.98
C TYR B 249 15.19 -11.51 28.90
N GLU B 250 15.22 -10.85 30.04
CA GLU B 250 15.55 -9.42 30.09
C GLU B 250 15.92 -9.07 31.52
N PHE B 251 17.15 -8.57 31.71
CA PHE B 251 17.62 -8.22 33.04
C PHE B 251 17.13 -6.84 33.45
N PHE B 252 17.15 -6.60 34.76
CA PHE B 252 16.70 -5.34 35.33
C PHE B 252 17.56 -5.02 36.54
N ALA B 253 18.03 -3.77 36.62
CA ALA B 253 18.84 -3.29 37.74
C ALA B 253 20.15 -4.06 37.85
N LYS B 254 20.94 -4.01 36.76
CA LYS B 254 22.28 -4.60 36.72
C LYS B 254 22.26 -6.06 37.15
N ARG B 255 21.39 -6.84 36.50
CA ARG B 255 21.27 -8.29 36.69
C ARG B 255 20.73 -8.67 38.06
N GLN B 256 20.14 -7.73 38.81
CA GLN B 256 19.48 -8.10 40.05
C GLN B 256 18.17 -8.82 39.80
N LEU B 257 17.46 -8.48 38.74
CA LEU B 257 16.17 -9.06 38.41
C LEU B 257 16.20 -9.56 36.97
N VAL B 258 15.33 -10.52 36.68
CA VAL B 258 15.14 -11.02 35.32
C VAL B 258 13.64 -11.22 35.09
N THR B 259 13.20 -10.96 33.86
CA THR B 259 11.83 -11.23 33.43
C THR B 259 11.86 -12.33 32.39
N LEU B 260 11.09 -13.39 32.63
CA LEU B 260 11.01 -14.51 31.71
C LEU B 260 9.69 -14.48 30.94
N PHE B 261 9.75 -14.90 29.69
CA PHE B 261 8.54 -15.00 28.87
C PHE B 261 8.76 -16.17 27.92
N SER B 262 7.98 -17.23 28.09
CA SER B 262 8.17 -18.49 27.39
C SER B 262 7.18 -18.68 26.26
N ALA B 263 6.63 -17.58 25.71
CA ALA B 263 5.64 -17.64 24.63
C ALA B 263 6.19 -16.95 23.40
N PRO B 264 6.80 -17.68 22.47
CA PRO B 264 7.23 -17.07 21.21
C PRO B 264 6.02 -16.62 20.40
N ASN B 265 6.18 -15.49 19.72
CA ASN B 265 5.10 -14.86 18.96
C ASN B 265 3.85 -14.72 19.81
N TYR B 266 3.98 -13.92 20.87
CA TYR B 266 2.94 -13.81 21.88
C TYR B 266 1.61 -13.40 21.27
N CYS B 267 0.63 -14.30 21.39
CA CYS B 267 -0.72 -14.15 20.83
C CYS B 267 -0.71 -13.53 19.43
N GLY B 268 0.20 -14.05 18.60
CA GLY B 268 0.24 -13.74 17.18
C GLY B 268 0.36 -12.28 16.81
N GLU B 269 0.88 -11.45 17.71
CA GLU B 269 1.04 -10.03 17.44
C GLU B 269 2.43 -9.53 17.85
N PHE B 270 3.39 -10.44 17.98
CA PHE B 270 4.77 -10.08 18.28
C PHE B 270 5.68 -11.10 17.61
N ASP B 271 6.92 -10.69 17.36
CA ASP B 271 7.97 -11.59 16.91
C ASP B 271 8.82 -12.10 18.06
N ASN B 272 8.34 -11.96 19.29
CA ASN B 272 9.15 -12.18 20.48
C ASN B 272 9.60 -13.63 20.60
N ALA B 273 10.61 -13.84 21.42
CA ALA B 273 11.17 -15.16 21.68
C ALA B 273 10.71 -15.66 23.04
N GLY B 274 10.86 -16.97 23.24
CA GLY B 274 10.56 -17.62 24.51
C GLY B 274 11.84 -18.14 25.14
N ALA B 275 12.04 -17.81 26.41
CA ALA B 275 13.26 -18.19 27.12
C ALA B 275 12.91 -19.05 28.33
N MET B 276 13.97 -19.64 28.90
CA MET B 276 13.84 -20.62 29.97
C MET B 276 15.16 -20.66 30.73
N MET B 277 15.13 -20.36 32.03
CA MET B 277 16.37 -20.19 32.79
C MET B 277 16.76 -21.52 33.43
N SER B 278 17.64 -22.25 32.76
CA SER B 278 18.23 -23.43 33.37
C SER B 278 19.17 -23.02 34.50
N VAL B 279 18.96 -23.59 35.68
CA VAL B 279 19.76 -23.29 36.87
C VAL B 279 20.28 -24.61 37.41
N ASP B 280 21.60 -24.81 37.34
CA ASP B 280 22.20 -26.08 37.70
C ASP B 280 22.32 -26.19 39.23
N GLU B 281 23.05 -27.22 39.68
CA GLU B 281 23.18 -27.49 41.12
C GLU B 281 23.92 -26.39 41.87
N THR B 282 24.66 -25.54 41.17
CA THR B 282 25.48 -24.50 41.80
C THR B 282 24.85 -23.12 41.71
N LEU B 283 23.56 -23.03 41.38
CA LEU B 283 22.88 -21.76 41.14
C LEU B 283 23.58 -20.95 40.05
N MET B 284 24.08 -21.65 39.02
CA MET B 284 24.59 -21.02 37.82
C MET B 284 23.47 -20.98 36.80
N CYS B 285 23.05 -19.77 36.42
CA CYS B 285 21.83 -19.56 35.64
C CYS B 285 22.18 -19.22 34.20
N SER B 286 21.86 -20.12 33.28
CA SER B 286 21.95 -19.88 31.85
C SER B 286 20.57 -20.01 31.23
N PHE B 287 20.43 -19.44 30.03
CA PHE B 287 19.14 -19.37 29.36
C PHE B 287 19.09 -20.29 28.14
N GLN B 288 17.88 -20.76 27.83
CA GLN B 288 17.59 -21.52 26.62
C GLN B 288 16.42 -20.83 25.93
N ILE B 289 16.63 -20.35 24.70
CA ILE B 289 15.70 -19.45 24.03
C ILE B 289 15.06 -20.17 22.86
N LEU B 290 13.72 -20.10 22.80
CA LEU B 290 12.93 -20.51 21.66
C LEU B 290 12.74 -19.30 20.74
N LYS B 291 12.55 -19.57 19.45
CA LYS B 291 12.32 -18.46 18.52
C LYS B 291 11.76 -18.99 17.21
N PRO B 292 10.85 -18.26 16.57
CA PRO B 292 10.38 -18.66 15.23
C PRO B 292 11.40 -18.28 14.16
N ALA B 293 11.04 -18.57 12.92
CA ALA B 293 11.89 -18.25 11.78
C ALA B 293 11.37 -17.02 11.04
N LEU C 1 4.27 16.99 -46.18
CA LEU C 1 4.27 16.20 -44.96
C LEU C 1 4.36 17.11 -43.73
N ASN C 2 3.40 16.96 -42.81
CA ASN C 2 3.41 17.72 -41.56
C ASN C 2 4.14 16.90 -40.51
N LEU C 3 5.47 16.95 -40.59
CA LEU C 3 6.32 15.96 -39.93
C LEU C 3 6.55 16.29 -38.46
N ASP C 4 6.92 17.53 -38.16
CA ASP C 4 7.23 17.90 -36.78
C ASP C 4 6.02 17.76 -35.86
N SER C 5 4.80 17.76 -36.42
CA SER C 5 3.61 17.51 -35.62
C SER C 5 3.47 16.03 -35.27
N ILE C 6 3.76 15.15 -36.23
CA ILE C 6 3.70 13.72 -36.00
C ILE C 6 4.74 13.29 -34.97
N ILE C 7 6.01 13.70 -35.18
CA ILE C 7 7.08 13.38 -34.24
C ILE C 7 6.72 13.88 -32.85
N GLY C 8 6.08 15.04 -32.76
CA GLY C 8 5.69 15.57 -31.46
C GLY C 8 4.71 14.67 -30.74
N ARG C 9 3.64 14.24 -31.43
CA ARG C 9 2.64 13.40 -30.81
C ARG C 9 3.21 12.06 -30.39
N LEU C 10 4.23 11.57 -31.10
CA LEU C 10 4.85 10.29 -30.74
C LEU C 10 5.66 10.42 -29.46
N LEU C 11 6.32 11.56 -29.25
CA LEU C 11 7.10 11.81 -28.05
C LEU C 11 6.26 12.38 -26.91
N GLU C 12 4.95 12.50 -27.09
CA GLU C 12 4.08 13.01 -26.05
C GLU C 12 3.88 12.00 -24.92
N VAL C 13 4.15 10.72 -25.17
CA VAL C 13 3.87 9.66 -24.21
C VAL C 13 5.14 9.27 -23.47
N GLN C 14 6.07 10.21 -23.34
CA GLN C 14 7.27 9.97 -22.54
C GLN C 14 6.92 9.85 -21.07
N GLY C 15 7.39 8.77 -20.43
CA GLY C 15 7.26 8.65 -19.00
C GLY C 15 5.86 8.46 -18.47
N SER C 16 4.88 8.33 -19.35
CA SER C 16 3.54 7.95 -18.92
C SER C 16 3.57 6.51 -18.40
N ARG C 17 2.45 6.04 -17.88
CA ARG C 17 2.35 4.65 -17.47
C ARG C 17 2.57 3.77 -18.69
N PRO C 18 3.59 2.89 -18.69
CA PRO C 18 3.91 2.12 -19.89
C PRO C 18 2.74 1.26 -20.36
N GLY C 19 2.59 1.16 -21.66
CA GLY C 19 1.43 0.56 -22.30
C GLY C 19 0.54 1.55 -23.00
N LYS C 20 0.75 2.85 -22.78
CA LYS C 20 -0.05 3.88 -23.41
C LYS C 20 0.31 4.00 -24.89
N ASN C 21 -0.72 4.08 -25.73
CA ASN C 21 -0.54 4.01 -27.18
C ASN C 21 -0.51 5.40 -27.81
N VAL C 22 -0.21 5.41 -29.11
CA VAL C 22 -0.32 6.59 -29.97
C VAL C 22 -0.93 6.13 -31.29
N GLN C 23 -2.05 6.73 -31.67
CA GLN C 23 -2.75 6.37 -32.90
C GLN C 23 -2.74 7.57 -33.84
N LEU C 24 -1.91 7.50 -34.88
CA LEU C 24 -1.89 8.52 -35.91
C LEU C 24 -2.95 8.22 -36.96
N THR C 25 -3.25 9.22 -37.79
CA THR C 25 -4.26 9.03 -38.81
C THR C 25 -3.76 8.08 -39.89
N GLU C 26 -4.71 7.32 -40.45
CA GLU C 26 -4.40 6.39 -41.53
C GLU C 26 -3.58 7.05 -42.63
N ASN C 27 -3.91 8.28 -43.00
CA ASN C 27 -3.18 8.98 -44.05
C ASN C 27 -1.76 9.34 -43.60
N GLU C 28 -1.61 9.85 -42.37
CA GLU C 28 -0.31 10.26 -41.87
C GLU C 28 0.70 9.13 -41.93
N ILE C 29 0.27 7.92 -41.58
CA ILE C 29 1.16 6.76 -41.59
C ILE C 29 1.50 6.37 -43.03
N ARG C 30 0.48 6.28 -43.89
CA ARG C 30 0.74 5.98 -45.30
C ARG C 30 1.67 7.01 -45.93
N GLY C 31 1.60 8.27 -45.47
CA GLY C 31 2.54 9.27 -45.94
C GLY C 31 3.97 8.94 -45.54
N LEU C 32 4.17 8.42 -44.33
CA LEU C 32 5.49 7.97 -43.92
C LEU C 32 6.00 6.85 -44.83
N CYS C 33 5.13 5.87 -45.10
CA CYS C 33 5.52 4.71 -45.90
C CYS C 33 5.86 5.06 -47.34
N LEU C 34 5.54 6.27 -47.80
CA LEU C 34 5.91 6.71 -49.13
C LEU C 34 7.13 7.63 -49.12
N LYS C 35 7.12 8.64 -48.27
CA LYS C 35 8.21 9.60 -48.24
C LYS C 35 9.51 8.95 -47.78
N SER C 36 9.42 7.98 -46.87
CA SER C 36 10.61 7.24 -46.46
C SER C 36 11.03 6.24 -47.53
N ARG C 37 10.04 5.60 -48.18
CA ARG C 37 10.36 4.66 -49.25
C ARG C 37 11.12 5.34 -50.38
N GLU C 38 10.76 6.59 -50.69
CA GLU C 38 11.49 7.33 -51.72
C GLU C 38 12.92 7.61 -51.28
N ILE C 39 13.12 7.93 -50.00
CA ILE C 39 14.46 8.21 -49.50
C ILE C 39 15.31 6.95 -49.53
N PHE C 40 14.70 5.79 -49.23
CA PHE C 40 15.42 4.53 -49.31
C PHE C 40 15.91 4.26 -50.74
N LEU C 41 15.01 4.36 -51.71
CA LEU C 41 15.37 4.04 -53.09
C LEU C 41 16.42 4.99 -53.63
N SER C 42 16.49 6.22 -53.11
CA SER C 42 17.50 7.17 -53.57
C SER C 42 18.87 6.81 -53.01
N GLN C 43 18.94 6.49 -51.72
CA GLN C 43 20.20 6.16 -51.08
C GLN C 43 20.65 4.76 -51.48
N PRO C 44 21.95 4.48 -51.41
CA PRO C 44 22.44 3.17 -51.85
C PRO C 44 21.90 2.03 -51.01
N ILE C 45 21.82 0.85 -51.65
CA ILE C 45 21.42 -0.37 -50.96
C ILE C 45 22.53 -0.91 -50.07
N LEU C 46 23.75 -0.39 -50.20
CA LEU C 46 24.87 -0.70 -49.31
C LEU C 46 25.40 0.64 -48.79
N LEU C 47 24.88 1.07 -47.64
CA LEU C 47 25.16 2.42 -47.14
C LEU C 47 26.62 2.59 -46.78
N GLU C 48 27.25 3.62 -47.33
CA GLU C 48 28.62 4.01 -46.97
C GLU C 48 28.53 5.17 -45.98
N LEU C 49 28.73 4.88 -44.70
CA LEU C 49 28.50 5.85 -43.64
C LEU C 49 29.83 6.28 -43.02
N GLU C 50 29.79 7.42 -42.31
CA GLU C 50 30.94 7.96 -41.62
C GLU C 50 30.64 8.06 -40.13
N ALA C 51 31.58 7.64 -39.31
CA ALA C 51 31.52 7.90 -37.88
C ALA C 51 31.59 9.42 -37.65
N PRO C 52 31.08 9.90 -36.51
CA PRO C 52 30.53 9.19 -35.35
C PRO C 52 29.03 8.90 -35.48
N LEU C 53 28.59 7.83 -34.82
CA LEU C 53 27.18 7.44 -34.82
C LEU C 53 26.96 6.46 -33.68
N LYS C 54 25.71 6.05 -33.51
CA LYS C 54 25.35 5.02 -32.55
C LYS C 54 24.58 3.91 -33.26
N ILE C 55 24.84 2.67 -32.88
CA ILE C 55 24.28 1.50 -33.55
C ILE C 55 23.44 0.72 -32.54
N CYS C 56 22.22 0.37 -32.94
CA CYS C 56 21.28 -0.33 -32.09
C CYS C 56 20.78 -1.59 -32.78
N GLY C 57 20.46 -2.60 -31.97
CA GLY C 57 20.00 -3.87 -32.51
C GLY C 57 18.49 -3.99 -32.58
N ASP C 58 17.99 -5.18 -32.24
CA ASP C 58 16.56 -5.46 -32.34
C ASP C 58 15.78 -4.59 -31.35
N ILE C 59 14.65 -4.07 -31.82
CA ILE C 59 13.72 -3.32 -30.97
C ILE C 59 12.47 -4.14 -30.69
N HIS C 60 11.87 -4.71 -31.74
CA HIS C 60 10.78 -5.68 -31.62
C HIS C 60 9.59 -5.10 -30.85
N GLY C 61 9.04 -4.03 -31.40
CA GLY C 61 7.79 -3.47 -30.91
C GLY C 61 7.82 -2.89 -29.51
N GLN C 62 8.92 -3.08 -28.80
CA GLN C 62 9.06 -2.54 -27.43
C GLN C 62 9.38 -1.05 -27.55
N TYR C 63 8.32 -0.25 -27.59
CA TYR C 63 8.42 1.16 -27.93
C TYR C 63 9.01 1.99 -26.79
N TYR C 64 8.61 1.70 -25.55
CA TYR C 64 9.11 2.52 -24.44
C TYR C 64 10.58 2.24 -24.16
N ASP C 65 11.05 1.02 -24.46
CA ASP C 65 12.48 0.76 -24.41
C ASP C 65 13.20 1.54 -25.50
N LEU C 66 12.58 1.68 -26.67
CA LEU C 66 13.14 2.53 -27.72
C LEU C 66 13.18 3.98 -27.29
N LEU C 67 12.14 4.44 -26.58
CA LEU C 67 12.16 5.81 -26.07
C LEU C 67 13.23 5.99 -25.01
N ARG C 68 13.48 4.96 -24.19
CA ARG C 68 14.57 5.03 -23.23
C ARG C 68 15.91 5.13 -23.93
N LEU C 69 16.05 4.47 -25.08
CA LEU C 69 17.29 4.59 -25.87
C LEU C 69 17.53 6.03 -26.30
N PHE C 70 16.56 6.63 -26.98
CA PHE C 70 16.71 8.01 -27.44
C PHE C 70 16.81 8.98 -26.26
N GLU C 71 16.07 8.72 -25.19
CA GLU C 71 16.19 9.54 -23.99
C GLU C 71 17.58 9.40 -23.38
N TYR C 72 18.26 8.29 -23.64
CA TYR C 72 19.61 8.06 -23.14
C TYR C 72 20.64 8.60 -24.13
N GLY C 73 20.73 7.98 -25.30
CA GLY C 73 21.74 8.35 -26.29
C GLY C 73 21.55 9.73 -26.88
N GLY C 74 20.36 10.29 -26.78
CA GLY C 74 20.09 11.62 -27.32
C GLY C 74 19.10 11.53 -28.47
N PHE C 75 18.15 12.45 -28.48
CA PHE C 75 17.17 12.49 -29.56
C PHE C 75 17.79 13.12 -30.80
N PRO C 76 17.64 12.49 -31.97
CA PRO C 76 18.20 12.97 -33.24
C PRO C 76 17.79 14.41 -33.54
N PRO C 77 18.68 15.17 -34.22
CA PRO C 77 19.96 14.70 -34.75
C PRO C 77 21.14 14.88 -33.81
N GLU C 78 20.90 14.88 -32.49
CA GLU C 78 21.99 15.04 -31.55
C GLU C 78 23.05 13.95 -31.73
N SER C 79 22.63 12.73 -32.06
CA SER C 79 23.54 11.67 -32.45
C SER C 79 23.00 10.99 -33.70
N ASN C 80 23.90 10.63 -34.61
CA ASN C 80 23.50 9.82 -35.75
C ASN C 80 23.26 8.39 -35.30
N TYR C 81 22.29 7.73 -35.92
CA TYR C 81 21.85 6.40 -35.50
C TYR C 81 21.81 5.43 -36.67
N LEU C 82 22.21 4.20 -36.39
CA LEU C 82 22.04 3.08 -37.32
C LEU C 82 21.30 1.96 -36.61
N PHE C 83 20.23 1.48 -37.23
CA PHE C 83 19.40 0.43 -36.67
C PHE C 83 19.46 -0.81 -37.56
N LEU C 84 19.43 -1.98 -36.94
CA LEU C 84 19.71 -3.23 -37.64
C LEU C 84 18.50 -4.15 -37.71
N GLY C 85 17.36 -3.62 -38.12
CA GLY C 85 16.19 -4.45 -38.37
C GLY C 85 15.46 -4.89 -37.12
N ASP C 86 14.51 -5.79 -37.33
CA ASP C 86 13.64 -6.30 -36.29
C ASP C 86 13.00 -5.17 -35.48
N TYR C 87 12.24 -4.34 -36.21
CA TYR C 87 11.53 -3.22 -35.61
C TYR C 87 10.15 -3.61 -35.11
N VAL C 88 9.54 -4.64 -35.69
CA VAL C 88 8.17 -5.01 -35.38
C VAL C 88 8.12 -6.38 -34.71
N ASP C 89 6.89 -6.90 -34.52
CA ASP C 89 6.63 -8.23 -33.96
C ASP C 89 7.02 -8.33 -32.48
N ARG C 90 6.52 -9.37 -31.82
CA ARG C 90 6.80 -9.67 -30.43
C ARG C 90 6.26 -8.60 -29.48
N GLY C 91 6.69 -7.34 -29.68
CA GLY C 91 6.26 -6.27 -28.81
C GLY C 91 4.83 -5.82 -29.08
N LYS C 92 4.22 -5.21 -28.05
CA LYS C 92 2.85 -4.75 -28.16
C LYS C 92 2.73 -3.52 -29.05
N GLN C 93 3.80 -2.73 -29.16
CA GLN C 93 3.72 -1.45 -29.85
C GLN C 93 4.66 -1.38 -31.04
N SER C 94 4.42 -2.23 -32.04
CA SER C 94 5.23 -2.20 -33.25
C SER C 94 4.99 -0.92 -34.05
N LEU C 95 3.74 -0.47 -34.11
CA LEU C 95 3.40 0.71 -34.90
C LEU C 95 4.10 1.95 -34.37
N GLU C 96 4.00 2.20 -33.06
CA GLU C 96 4.68 3.34 -32.47
C GLU C 96 6.19 3.27 -32.70
N THR C 97 6.75 2.06 -32.72
CA THR C 97 8.18 1.91 -32.96
C THR C 97 8.54 2.26 -34.40
N ILE C 98 7.92 1.59 -35.36
CA ILE C 98 8.30 1.75 -36.75
C ILE C 98 8.02 3.16 -37.25
N CYS C 99 6.95 3.80 -36.75
CA CYS C 99 6.59 5.13 -37.24
C CYS C 99 7.60 6.17 -36.78
N LEU C 100 7.99 6.12 -35.50
CA LEU C 100 8.95 7.10 -34.98
C LEU C 100 10.28 7.00 -35.72
N LEU C 101 10.69 5.79 -36.10
CA LEU C 101 11.91 5.62 -36.85
C LEU C 101 11.77 6.16 -38.27
N LEU C 102 10.72 5.74 -38.98
CA LEU C 102 10.52 6.21 -40.35
C LEU C 102 10.39 7.73 -40.40
N ALA C 103 9.77 8.33 -39.37
CA ALA C 103 9.63 9.78 -39.31
C ALA C 103 10.99 10.45 -39.23
N TYR C 104 11.83 9.99 -38.29
CA TYR C 104 13.19 10.53 -38.19
C TYR C 104 13.96 10.32 -39.49
N LYS C 105 13.75 9.17 -40.15
CA LYS C 105 14.41 8.90 -41.42
C LYS C 105 14.06 9.97 -42.46
N ILE C 106 12.80 10.40 -42.48
CA ILE C 106 12.39 11.44 -43.42
C ILE C 106 12.93 12.80 -42.98
N ARG C 107 12.93 13.05 -41.67
CA ARG C 107 13.32 14.37 -41.17
C ARG C 107 14.82 14.59 -41.32
N TYR C 108 15.63 13.60 -40.99
CA TYR C 108 17.09 13.68 -41.13
C TYR C 108 17.54 12.49 -41.97
N PRO C 109 17.40 12.59 -43.31
CA PRO C 109 17.74 11.44 -44.16
C PRO C 109 19.23 11.21 -44.33
N GLU C 110 20.09 12.11 -43.84
CA GLU C 110 21.53 11.94 -43.91
C GLU C 110 22.15 11.67 -42.54
N ASN C 111 21.36 11.72 -41.47
CA ASN C 111 21.85 11.54 -40.11
C ASN C 111 21.00 10.53 -39.34
N PHE C 112 20.40 9.58 -40.06
CA PHE C 112 19.55 8.56 -39.46
C PHE C 112 19.28 7.47 -40.49
N PHE C 113 19.68 6.23 -40.20
CA PHE C 113 19.62 5.15 -41.17
C PHE C 113 19.02 3.90 -40.54
N LEU C 114 18.20 3.19 -41.32
CA LEU C 114 17.52 1.99 -40.86
C LEU C 114 17.85 0.84 -41.80
N LEU C 115 18.38 -0.25 -41.26
CA LEU C 115 18.68 -1.44 -42.04
C LEU C 115 17.59 -2.48 -41.86
N ARG C 116 17.47 -3.36 -42.85
CA ARG C 116 16.43 -4.37 -42.86
C ARG C 116 16.77 -5.51 -41.90
N GLY C 117 15.72 -6.15 -41.38
CA GLY C 117 15.86 -7.35 -40.58
C GLY C 117 15.06 -8.49 -41.18
N ASN C 118 15.15 -9.65 -40.53
CA ASN C 118 14.40 -10.82 -40.98
C ASN C 118 12.91 -10.74 -40.62
N HIS C 119 12.49 -9.73 -39.86
CA HIS C 119 11.09 -9.50 -39.60
C HIS C 119 10.48 -8.44 -40.51
N GLU C 120 11.29 -7.60 -41.15
CA GLU C 120 10.78 -6.63 -42.12
C GLU C 120 10.49 -7.31 -43.45
N CYS C 121 9.55 -8.26 -43.38
CA CYS C 121 9.18 -9.10 -44.52
C CYS C 121 7.78 -9.60 -44.28
N ALA C 122 6.92 -9.52 -45.30
CA ALA C 122 5.51 -9.84 -45.13
C ALA C 122 5.31 -11.21 -44.50
N SER C 123 5.95 -12.24 -45.06
CA SER C 123 5.74 -13.60 -44.57
C SER C 123 6.07 -13.75 -43.09
N ILE C 124 7.00 -12.94 -42.57
CA ILE C 124 7.40 -13.09 -41.17
C ILE C 124 6.49 -12.29 -40.25
N ASN C 125 6.39 -10.98 -40.46
CA ASN C 125 5.58 -10.13 -39.59
C ASN C 125 4.09 -10.43 -39.73
N ARG C 126 3.68 -11.17 -40.76
CA ARG C 126 2.31 -11.67 -40.82
C ARG C 126 2.02 -12.61 -39.65
N ILE C 127 3.00 -13.44 -39.30
CA ILE C 127 2.81 -14.49 -38.31
C ILE C 127 2.90 -13.93 -36.89
N TYR C 128 3.90 -13.09 -36.62
CA TYR C 128 4.35 -12.85 -35.25
C TYR C 128 3.70 -11.65 -34.57
N GLY C 129 2.84 -10.90 -35.26
CA GLY C 129 2.08 -9.88 -34.55
C GLY C 129 1.81 -8.58 -35.26
N PHE C 130 2.73 -8.14 -36.12
CA PHE C 130 2.54 -6.85 -36.79
C PHE C 130 1.27 -6.85 -37.64
N TYR C 131 0.97 -7.99 -38.28
CA TYR C 131 -0.24 -8.09 -39.08
C TYR C 131 -1.48 -7.97 -38.19
N ASP C 132 -1.50 -8.70 -37.08
CA ASP C 132 -2.63 -8.60 -36.14
C ASP C 132 -2.72 -7.21 -35.52
N GLU C 133 -1.61 -6.49 -35.44
CA GLU C 133 -1.61 -5.14 -34.90
C GLU C 133 -2.12 -4.14 -35.92
N CYS C 134 -1.88 -4.38 -37.21
CA CYS C 134 -2.41 -3.49 -38.24
C CYS C 134 -3.90 -3.71 -38.47
N LYS C 135 -4.31 -4.97 -38.53
CA LYS C 135 -5.72 -5.28 -38.75
C LYS C 135 -6.59 -4.73 -37.63
N ARG C 136 -6.10 -4.82 -36.38
CA ARG C 136 -6.87 -4.36 -35.23
C ARG C 136 -6.95 -2.84 -35.18
N ARG C 137 -5.80 -2.18 -35.08
CA ARG C 137 -5.77 -0.73 -34.90
C ARG C 137 -6.08 0.03 -36.18
N TYR C 138 -5.91 -0.59 -37.35
CA TYR C 138 -6.27 0.06 -38.60
C TYR C 138 -6.94 -0.93 -39.54
N ASN C 139 -6.28 -1.28 -40.65
CA ASN C 139 -6.87 -2.18 -41.62
C ASN C 139 -5.77 -2.97 -42.32
N ILE C 140 -6.18 -3.80 -43.29
CA ILE C 140 -5.24 -4.69 -43.97
C ILE C 140 -4.31 -3.91 -44.87
N LYS C 141 -4.87 -3.18 -45.85
CA LYS C 141 -4.06 -2.57 -46.91
C LYS C 141 -2.94 -1.69 -46.36
N LEU C 142 -3.13 -1.10 -45.18
CA LEU C 142 -2.05 -0.34 -44.55
C LEU C 142 -0.84 -1.25 -44.30
N TRP C 143 -1.09 -2.51 -43.95
CA TRP C 143 -0.01 -3.49 -43.85
C TRP C 143 0.62 -3.73 -45.21
N LYS C 144 -0.19 -3.78 -46.27
CA LYS C 144 0.35 -3.95 -47.61
C LYS C 144 1.14 -2.72 -48.06
N THR C 145 0.80 -1.54 -47.52
CA THR C 145 1.62 -0.36 -47.77
C THR C 145 2.92 -0.44 -46.98
N PHE C 146 2.84 -0.86 -45.72
CA PHE C 146 4.06 -1.13 -44.94
C PHE C 146 4.96 -2.11 -45.65
N THR C 147 4.37 -3.19 -46.20
CA THR C 147 5.15 -4.20 -46.92
C THR C 147 5.92 -3.58 -48.08
N ASP C 148 5.22 -2.81 -48.92
CA ASP C 148 5.86 -2.17 -50.06
C ASP C 148 6.94 -1.19 -49.63
N CYS C 149 6.89 -0.70 -48.39
CA CYS C 149 7.97 0.13 -47.87
C CYS C 149 9.12 -0.73 -47.35
N PHE C 150 8.80 -1.85 -46.70
CA PHE C 150 9.86 -2.74 -46.21
C PHE C 150 10.67 -3.32 -47.37
N ASN C 151 10.00 -3.60 -48.49
CA ASN C 151 10.69 -4.18 -49.64
C ASN C 151 11.87 -3.34 -50.09
N CYS C 152 11.76 -2.01 -49.95
CA CYS C 152 12.76 -1.09 -50.45
C CYS C 152 13.75 -0.65 -49.36
N LEU C 153 13.92 -1.46 -48.32
CA LEU C 153 14.85 -1.10 -47.27
C LEU C 153 16.29 -1.40 -47.71
N PRO C 154 17.26 -0.65 -47.21
CA PRO C 154 18.66 -1.01 -47.44
C PRO C 154 19.06 -2.23 -46.62
N ILE C 155 20.06 -2.95 -47.10
CA ILE C 155 20.42 -4.26 -46.57
C ILE C 155 21.56 -4.19 -45.57
N ALA C 156 22.66 -3.52 -45.95
CA ALA C 156 23.84 -3.47 -45.10
C ALA C 156 24.46 -2.07 -45.17
N ALA C 157 25.46 -1.86 -44.30
CA ALA C 157 26.17 -0.59 -44.23
C ALA C 157 27.62 -0.86 -43.85
N ILE C 158 28.49 0.08 -44.21
CA ILE C 158 29.91 0.02 -43.89
C ILE C 158 30.32 1.36 -43.29
N VAL C 159 30.90 1.34 -42.10
CA VAL C 159 31.29 2.54 -41.38
C VAL C 159 32.79 2.75 -41.61
N ASP C 160 33.14 3.75 -42.42
CA ASP C 160 34.52 4.18 -42.62
C ASP C 160 35.39 3.04 -43.15
N GLU C 161 34.81 2.21 -44.04
CA GLU C 161 35.51 1.10 -44.69
C GLU C 161 36.12 0.12 -43.70
N LYS C 162 35.61 0.08 -42.47
CA LYS C 162 36.20 -0.77 -41.44
C LYS C 162 35.18 -1.63 -40.72
N ILE C 163 34.00 -1.09 -40.40
CA ILE C 163 32.96 -1.83 -39.69
C ILE C 163 31.90 -2.24 -40.70
N PHE C 164 31.48 -3.51 -40.63
CA PHE C 164 30.47 -4.07 -41.51
C PHE C 164 29.22 -4.36 -40.70
N CYS C 165 28.08 -3.81 -41.14
CA CYS C 165 26.85 -3.84 -40.34
C CYS C 165 25.72 -4.47 -41.14
N CYS C 166 25.26 -5.64 -40.71
CA CYS C 166 24.07 -6.28 -41.24
C CYS C 166 23.33 -6.95 -40.09
N HIS C 167 22.05 -7.27 -40.33
CA HIS C 167 21.21 -7.80 -39.25
C HIS C 167 21.68 -9.19 -38.81
N GLY C 168 21.75 -10.13 -39.75
CA GLY C 168 22.10 -11.49 -39.43
C GLY C 168 23.58 -11.78 -39.40
N GLY C 169 24.21 -11.91 -40.57
CA GLY C 169 25.63 -12.19 -40.64
C GLY C 169 26.14 -12.42 -42.04
N LEU C 170 27.07 -13.37 -42.19
CA LEU C 170 27.73 -13.62 -43.47
C LEU C 170 26.97 -14.65 -44.29
N SER C 171 27.26 -14.65 -45.59
CA SER C 171 26.73 -15.61 -46.54
C SER C 171 27.87 -16.27 -47.30
N PRO C 172 27.75 -17.57 -47.61
CA PRO C 172 28.80 -18.22 -48.41
C PRO C 172 28.84 -17.74 -49.86
N ASP C 173 27.77 -17.10 -50.33
CA ASP C 173 27.71 -16.58 -51.68
C ASP C 173 28.27 -15.18 -51.79
N LEU C 174 28.76 -14.60 -50.70
CA LEU C 174 29.25 -13.23 -50.68
C LEU C 174 30.78 -13.27 -50.79
N GLN C 175 31.29 -12.93 -51.97
CA GLN C 175 32.71 -12.80 -52.20
C GLN C 175 33.16 -11.39 -52.55
N SER C 176 32.24 -10.54 -52.99
CA SER C 176 32.55 -9.15 -53.35
C SER C 176 31.42 -8.26 -52.90
N MET C 177 31.76 -6.99 -52.59
CA MET C 177 30.74 -6.04 -52.19
C MET C 177 29.82 -5.66 -53.34
N GLU C 178 30.24 -5.86 -54.59
CA GLU C 178 29.40 -5.51 -55.74
C GLU C 178 28.14 -6.35 -55.80
N GLN C 179 28.19 -7.59 -55.31
CA GLN C 179 27.02 -8.45 -55.33
C GLN C 179 25.88 -7.86 -54.50
N ILE C 180 26.21 -7.10 -53.45
CA ILE C 180 25.18 -6.44 -52.65
C ILE C 180 24.56 -5.30 -53.43
N ARG C 181 25.40 -4.38 -53.94
CA ARG C 181 24.90 -3.24 -54.70
C ARG C 181 24.08 -3.68 -55.90
N ARG C 182 24.40 -4.85 -56.47
CA ARG C 182 23.71 -5.40 -57.63
C ARG C 182 22.22 -5.64 -57.36
N ILE C 183 21.84 -5.84 -56.10
CA ILE C 183 20.47 -6.21 -55.77
C ILE C 183 19.54 -5.05 -56.03
N MET C 184 18.41 -5.34 -56.68
CA MET C 184 17.40 -4.34 -57.03
C MET C 184 16.35 -4.20 -55.93
N ARG C 185 15.69 -3.05 -55.91
CA ARG C 185 14.59 -2.80 -55.00
C ARG C 185 13.43 -2.16 -55.77
N PRO C 186 12.18 -2.44 -55.37
CA PRO C 186 11.72 -3.26 -54.24
C PRO C 186 12.07 -4.74 -54.36
N THR C 187 12.03 -5.47 -53.25
CA THR C 187 12.41 -6.87 -53.26
C THR C 187 11.85 -7.56 -52.02
N ASP C 188 11.31 -8.76 -52.22
CA ASP C 188 10.98 -9.66 -51.13
C ASP C 188 12.22 -10.49 -50.79
N VAL C 189 12.23 -11.05 -49.58
CA VAL C 189 13.34 -11.87 -49.13
C VAL C 189 13.18 -13.29 -49.66
N PRO C 190 14.06 -13.76 -50.54
CA PRO C 190 13.97 -15.15 -50.99
C PRO C 190 14.43 -16.10 -49.91
N ASP C 191 13.82 -17.28 -49.88
CA ASP C 191 14.06 -18.25 -48.80
C ASP C 191 15.51 -18.72 -48.75
N GLN C 192 16.29 -18.49 -49.82
CA GLN C 192 17.68 -18.93 -49.83
C GLN C 192 18.51 -17.93 -50.62
N GLY C 193 19.81 -17.98 -50.39
CA GLY C 193 20.74 -17.14 -51.13
C GLY C 193 21.41 -16.11 -50.24
N LEU C 194 22.01 -15.12 -50.90
CA LEU C 194 22.77 -14.07 -50.23
C LEU C 194 21.88 -13.25 -49.31
N LEU C 195 20.89 -12.56 -49.88
CA LEU C 195 20.04 -11.65 -49.11
C LEU C 195 19.40 -12.36 -47.92
N CYS C 196 19.05 -13.64 -48.09
CA CYS C 196 18.48 -14.41 -47.00
C CYS C 196 19.46 -14.55 -45.85
N ASP C 197 20.72 -14.86 -46.16
CA ASP C 197 21.69 -15.15 -45.11
C ASP C 197 22.06 -13.88 -44.34
N LEU C 198 22.14 -12.74 -45.03
CA LEU C 198 22.51 -11.50 -44.37
C LEU C 198 21.55 -11.12 -43.25
N LEU C 199 20.34 -11.68 -43.25
CA LEU C 199 19.32 -11.33 -42.28
C LEU C 199 18.95 -12.48 -41.36
N TRP C 200 19.47 -13.69 -41.60
CA TRP C 200 19.12 -14.87 -40.81
C TRP C 200 20.31 -15.58 -40.20
N SER C 201 21.49 -15.52 -40.83
CA SER C 201 22.63 -16.30 -40.38
C SER C 201 23.08 -15.90 -38.97
N ASP C 202 23.84 -16.80 -38.35
CA ASP C 202 24.23 -16.65 -36.95
C ASP C 202 25.69 -17.06 -36.75
N PRO C 203 26.42 -16.38 -35.84
CA PRO C 203 27.76 -16.84 -35.49
C PRO C 203 27.70 -18.02 -34.52
N ASP C 204 28.46 -19.06 -34.83
CA ASP C 204 28.45 -20.30 -34.06
C ASP C 204 29.77 -20.48 -33.33
N LYS C 205 29.70 -20.67 -32.02
CA LYS C 205 30.90 -20.96 -31.23
C LYS C 205 31.51 -22.30 -31.61
N ASP C 206 30.68 -23.28 -32.00
CA ASP C 206 31.11 -24.66 -32.06
C ASP C 206 31.64 -25.09 -33.43
N VAL C 207 31.08 -24.56 -34.51
CA VAL C 207 31.47 -24.96 -35.87
C VAL C 207 32.25 -23.82 -36.50
N GLN C 208 33.53 -24.07 -36.78
CA GLN C 208 34.40 -23.05 -37.35
C GLN C 208 34.00 -22.72 -38.79
N GLY C 209 33.75 -23.74 -39.60
CA GLY C 209 33.30 -23.54 -40.97
C GLY C 209 31.83 -23.18 -41.02
N TRP C 210 31.20 -23.52 -42.15
CA TRP C 210 29.76 -23.33 -42.30
C TRP C 210 29.01 -24.54 -41.77
N GLY C 211 27.84 -24.30 -41.17
CA GLY C 211 27.03 -25.35 -40.62
C GLY C 211 25.55 -25.07 -40.80
N GLU C 212 24.74 -26.06 -40.43
CA GLU C 212 23.29 -25.92 -40.53
C GLU C 212 22.77 -25.06 -39.39
N ASN C 213 21.87 -24.14 -39.72
CA ASN C 213 21.30 -23.22 -38.75
C ASN C 213 20.05 -23.83 -38.13
N ASP C 214 19.97 -23.78 -36.79
CA ASP C 214 18.82 -24.34 -36.10
C ASP C 214 17.52 -23.63 -36.42
N ARG C 215 17.58 -22.42 -36.98
CA ARG C 215 16.38 -21.74 -37.44
C ARG C 215 15.70 -22.46 -38.60
N GLY C 216 16.34 -23.48 -39.15
CA GLY C 216 15.85 -24.12 -40.36
C GLY C 216 16.04 -23.29 -41.61
N VAL C 217 16.76 -22.17 -41.51
CA VAL C 217 16.99 -21.26 -42.62
C VAL C 217 18.40 -20.70 -42.50
N SER C 218 19.06 -20.53 -43.64
CA SER C 218 20.40 -19.94 -43.72
C SER C 218 21.44 -20.85 -43.07
N PHE C 219 22.58 -20.28 -42.67
CA PHE C 219 23.70 -21.06 -42.17
C PHE C 219 24.26 -20.43 -40.89
N THR C 220 24.98 -21.25 -40.14
CA THR C 220 25.85 -20.77 -39.08
C THR C 220 27.25 -20.53 -39.65
N PHE C 221 28.08 -19.87 -38.86
CA PHE C 221 29.47 -19.66 -39.27
C PHE C 221 30.32 -19.46 -38.02
N GLY C 222 31.61 -19.80 -38.14
CA GLY C 222 32.51 -19.82 -37.02
C GLY C 222 33.54 -18.71 -37.06
N ALA C 223 34.51 -18.81 -36.14
CA ALA C 223 35.47 -17.74 -35.91
C ALA C 223 36.39 -17.51 -37.09
N GLU C 224 36.71 -18.56 -37.85
CA GLU C 224 37.62 -18.39 -38.97
C GLU C 224 36.92 -17.81 -40.19
N VAL C 225 35.64 -18.13 -40.39
CA VAL C 225 34.87 -17.46 -41.43
C VAL C 225 34.88 -15.96 -41.20
N VAL C 226 34.82 -15.53 -39.93
CA VAL C 226 34.96 -14.12 -39.59
C VAL C 226 36.37 -13.63 -39.88
N ALA C 227 37.38 -14.44 -39.56
CA ALA C 227 38.77 -14.01 -39.75
C ALA C 227 39.10 -13.84 -41.23
N LYS C 228 38.64 -14.76 -42.08
CA LYS C 228 38.94 -14.66 -43.50
C LYS C 228 38.21 -13.50 -44.15
N PHE C 229 36.97 -13.24 -43.72
CA PHE C 229 36.18 -12.18 -44.35
C PHE C 229 36.73 -10.80 -44.01
N LEU C 230 37.08 -10.56 -42.75
CA LEU C 230 37.65 -9.27 -42.36
C LEU C 230 38.98 -9.00 -43.05
N HIS C 231 39.75 -10.06 -43.33
CA HIS C 231 41.04 -9.88 -43.98
C HIS C 231 40.87 -9.52 -45.45
N LYS C 232 40.08 -10.32 -46.18
CA LYS C 232 39.98 -10.14 -47.63
C LYS C 232 39.45 -8.76 -48.00
N HIS C 233 38.49 -8.25 -47.22
CA HIS C 233 37.88 -6.96 -47.51
C HIS C 233 38.45 -5.82 -46.69
N ASP C 234 39.55 -6.07 -45.97
CA ASP C 234 40.26 -5.03 -45.21
C ASP C 234 39.32 -4.38 -44.18
N LEU C 235 38.76 -5.23 -43.32
CA LEU C 235 37.80 -4.79 -42.32
C LEU C 235 38.26 -5.22 -40.93
N ASP C 236 37.81 -4.48 -39.92
CA ASP C 236 38.23 -4.72 -38.54
C ASP C 236 37.15 -5.29 -37.65
N LEU C 237 35.87 -5.12 -37.98
CA LEU C 237 34.78 -5.55 -37.12
C LEU C 237 33.54 -5.86 -37.96
N ILE C 238 32.72 -6.76 -37.44
CA ILE C 238 31.38 -7.00 -37.96
C ILE C 238 30.38 -6.74 -36.83
N CYS C 239 29.36 -5.95 -37.12
CA CYS C 239 28.33 -5.61 -36.14
C CYS C 239 27.00 -6.16 -36.61
N ARG C 240 26.28 -6.85 -35.73
CA ARG C 240 25.01 -7.47 -36.08
C ARG C 240 24.15 -7.58 -34.82
N ALA C 241 22.92 -8.07 -35.02
CA ALA C 241 21.96 -8.22 -33.94
C ALA C 241 21.33 -9.61 -33.97
N HIS C 242 20.02 -9.66 -34.20
CA HIS C 242 19.30 -10.88 -34.59
C HIS C 242 19.13 -11.89 -33.47
N GLN C 243 20.00 -11.87 -32.46
CA GLN C 243 19.96 -12.84 -31.38
C GLN C 243 20.08 -12.13 -30.04
N VAL C 244 19.35 -12.62 -29.05
CA VAL C 244 19.34 -11.99 -27.73
C VAL C 244 20.61 -12.37 -26.99
N VAL C 245 21.16 -11.40 -26.25
CA VAL C 245 22.38 -11.59 -25.47
C VAL C 245 22.18 -10.96 -24.10
N GLU C 246 22.86 -11.54 -23.09
CA GLU C 246 22.60 -11.19 -21.70
C GLU C 246 22.91 -9.73 -21.41
N ASP C 247 24.12 -9.28 -21.77
CA ASP C 247 24.55 -7.92 -21.46
C ASP C 247 24.08 -6.90 -22.49
N GLY C 248 23.35 -7.31 -23.53
CA GLY C 248 23.03 -6.45 -24.65
C GLY C 248 24.11 -6.42 -25.71
N TYR C 249 25.36 -6.61 -25.32
CA TYR C 249 26.46 -6.83 -26.25
C TYR C 249 27.09 -8.18 -25.95
N GLU C 250 27.76 -8.74 -26.96
CA GLU C 250 28.44 -10.03 -26.80
C GLU C 250 29.45 -10.18 -27.92
N PHE C 251 30.73 -10.31 -27.57
CA PHE C 251 31.77 -10.43 -28.57
C PHE C 251 31.90 -11.87 -29.06
N PHE C 252 32.51 -12.01 -30.24
CA PHE C 252 32.69 -13.30 -30.87
C PHE C 252 33.99 -13.30 -31.64
N ALA C 253 34.68 -14.43 -31.65
CA ALA C 253 35.96 -14.58 -32.34
C ALA C 253 36.96 -13.53 -31.87
N LYS C 254 37.07 -13.39 -30.54
CA LYS C 254 38.01 -12.47 -29.91
C LYS C 254 37.79 -11.04 -30.39
N ARG C 255 36.61 -10.51 -30.07
CA ARG C 255 36.23 -9.13 -30.38
C ARG C 255 36.31 -8.81 -31.88
N GLN C 256 36.31 -9.84 -32.73
CA GLN C 256 36.22 -9.58 -34.16
C GLN C 256 34.79 -9.23 -34.56
N LEU C 257 33.81 -9.78 -33.85
CA LEU C 257 32.39 -9.55 -34.12
C LEU C 257 31.69 -9.17 -32.83
N VAL C 258 30.59 -8.46 -32.95
CA VAL C 258 29.78 -8.07 -31.80
C VAL C 258 28.31 -8.22 -32.16
N THR C 259 27.54 -8.83 -31.25
CA THR C 259 26.10 -8.95 -31.40
C THR C 259 25.43 -7.93 -30.48
N LEU C 260 24.54 -7.12 -31.06
CA LEU C 260 23.84 -6.09 -30.31
C LEU C 260 22.38 -6.45 -30.14
N PHE C 261 21.81 -6.10 -28.99
CA PHE C 261 20.39 -6.29 -28.72
C PHE C 261 19.95 -5.14 -27.83
N SER C 262 19.01 -4.34 -28.34
CA SER C 262 18.62 -3.10 -27.68
C SER C 262 17.26 -3.20 -26.99
N ALA C 263 16.77 -4.41 -26.75
CA ALA C 263 15.44 -4.62 -26.17
C ALA C 263 15.55 -5.27 -24.80
N PRO C 264 15.49 -4.50 -23.71
CA PRO C 264 15.50 -5.10 -22.38
C PRO C 264 14.24 -5.91 -22.12
N ASN C 265 14.40 -6.99 -21.36
CA ASN C 265 13.31 -7.91 -21.05
C ASN C 265 12.59 -8.35 -22.32
N TYR C 266 13.35 -9.01 -23.20
CA TYR C 266 12.86 -9.38 -24.52
C TYR C 266 11.55 -10.15 -24.41
N CYS C 267 10.49 -9.53 -24.93
CA CYS C 267 9.10 -10.00 -24.84
C CYS C 267 8.81 -10.70 -23.53
N GLY C 268 9.10 -10.03 -22.41
CA GLY C 268 8.68 -10.44 -21.09
C GLY C 268 9.05 -11.84 -20.67
N GLU C 269 10.07 -12.43 -21.30
CA GLU C 269 10.49 -13.79 -20.98
C GLU C 269 11.99 -13.89 -20.83
N PHE C 270 12.68 -12.77 -20.59
CA PHE C 270 14.11 -12.76 -20.32
C PHE C 270 14.41 -11.64 -19.34
N ASP C 271 15.54 -11.77 -18.65
CA ASP C 271 16.07 -10.72 -17.80
C ASP C 271 17.17 -9.92 -18.50
N ASN C 272 17.16 -9.93 -19.83
CA ASN C 272 18.27 -9.38 -20.59
C ASN C 272 18.31 -7.85 -20.50
N ALA C 273 19.44 -7.30 -20.93
CA ALA C 273 19.63 -5.87 -21.05
C ALA C 273 19.68 -5.47 -22.51
N GLY C 274 19.57 -4.16 -22.75
CA GLY C 274 19.64 -3.60 -24.09
C GLY C 274 20.86 -2.71 -24.20
N ALA C 275 21.61 -2.86 -25.29
CA ALA C 275 22.85 -2.14 -25.47
C ALA C 275 22.82 -1.32 -26.75
N MET C 276 23.86 -0.52 -26.93
CA MET C 276 23.92 0.45 -28.02
C MET C 276 25.37 0.90 -28.14
N MET C 277 26.03 0.51 -29.23
CA MET C 277 27.46 0.74 -29.41
C MET C 277 27.71 2.16 -29.90
N SER C 278 28.20 3.02 -29.01
CA SER C 278 28.55 4.39 -29.38
C SER C 278 29.94 4.42 -29.99
N VAL C 279 30.04 4.92 -31.22
CA VAL C 279 31.30 5.00 -31.95
C VAL C 279 31.58 6.47 -32.23
N ASP C 280 32.73 6.96 -31.77
CA ASP C 280 33.10 8.35 -31.99
C ASP C 280 33.81 8.48 -33.33
N GLU C 281 34.38 9.66 -33.58
CA GLU C 281 34.97 9.96 -34.89
C GLU C 281 36.16 9.05 -35.20
N THR C 282 36.91 8.62 -34.18
CA THR C 282 38.14 7.87 -34.36
C THR C 282 37.91 6.36 -34.47
N LEU C 283 36.67 5.92 -34.66
CA LEU C 283 36.31 4.51 -34.64
C LEU C 283 36.69 3.85 -33.31
N MET C 284 36.51 4.60 -32.22
CA MET C 284 36.64 4.06 -30.87
C MET C 284 35.24 3.78 -30.33
N CYS C 285 34.95 2.51 -30.05
CA CYS C 285 33.61 2.04 -29.78
C CYS C 285 33.45 1.75 -28.29
N SER C 286 32.47 2.40 -27.66
CA SER C 286 32.11 2.15 -26.28
C SER C 286 30.61 1.90 -26.19
N PHE C 287 30.21 1.00 -25.29
CA PHE C 287 28.84 0.51 -25.25
C PHE C 287 27.99 1.28 -24.25
N GLN C 288 26.70 1.38 -24.56
CA GLN C 288 25.71 2.01 -23.69
C GLN C 288 24.58 1.02 -23.45
N ILE C 289 24.47 0.52 -22.22
CA ILE C 289 23.61 -0.60 -21.89
C ILE C 289 22.39 -0.10 -21.13
N LEU C 290 21.22 -0.62 -21.49
CA LEU C 290 19.96 -0.34 -20.82
C LEU C 290 19.55 -1.57 -20.03
N LYS C 291 19.34 -1.41 -18.72
CA LYS C 291 19.02 -2.58 -17.90
C LYS C 291 17.70 -2.39 -17.16
N PRO C 292 16.85 -3.42 -17.14
CA PRO C 292 15.64 -3.36 -16.33
C PRO C 292 15.93 -3.69 -14.88
N ALA C 293 15.14 -3.09 -13.99
CA ALA C 293 15.29 -3.32 -12.55
C ALA C 293 14.68 -4.65 -12.14
N LEU D 1 -14.41 18.72 7.30
CA LEU D 1 -14.06 17.31 7.26
C LEU D 1 -13.68 16.89 5.84
N ASN D 2 -12.42 16.52 5.66
CA ASN D 2 -11.94 16.01 4.38
C ASN D 2 -12.37 14.55 4.29
N LEU D 3 -13.60 14.35 3.82
CA LEU D 3 -14.25 13.05 3.95
C LEU D 3 -13.92 12.14 2.76
N ASP D 4 -14.16 12.64 1.53
CA ASP D 4 -13.92 11.82 0.34
C ASP D 4 -12.50 11.31 0.25
N SER D 5 -11.55 11.96 0.94
CA SER D 5 -10.19 11.43 1.02
C SER D 5 -10.13 10.22 1.92
N ILE D 6 -10.80 10.29 3.08
CA ILE D 6 -10.78 9.19 4.05
C ILE D 6 -11.43 7.94 3.45
N ILE D 7 -12.62 8.10 2.88
CA ILE D 7 -13.30 6.96 2.26
C ILE D 7 -12.45 6.34 1.17
N GLY D 8 -11.74 7.18 0.39
CA GLY D 8 -10.88 6.64 -0.65
C GLY D 8 -9.77 5.78 -0.11
N ARG D 9 -9.13 6.24 0.96
CA ARG D 9 -8.05 5.46 1.57
C ARG D 9 -8.54 4.13 2.13
N LEU D 10 -9.80 4.09 2.60
CA LEU D 10 -10.34 2.86 3.17
C LEU D 10 -10.66 1.83 2.10
N LEU D 11 -11.13 2.28 0.94
CA LEU D 11 -11.41 1.37 -0.18
C LEU D 11 -10.17 1.08 -1.01
N GLU D 12 -9.00 1.58 -0.60
CA GLU D 12 -7.77 1.32 -1.35
C GLU D 12 -7.30 -0.13 -1.16
N VAL D 13 -7.67 -0.75 -0.05
CA VAL D 13 -7.18 -2.08 0.28
C VAL D 13 -8.13 -3.15 -0.27
N GLN D 14 -8.84 -2.83 -1.33
CA GLN D 14 -9.68 -3.82 -2.01
C GLN D 14 -8.80 -4.85 -2.70
N GLY D 15 -9.14 -6.12 -2.52
CA GLY D 15 -8.46 -7.19 -3.23
C GLY D 15 -7.05 -7.48 -2.80
N SER D 16 -6.46 -6.64 -1.94
CA SER D 16 -5.17 -6.98 -1.37
C SER D 16 -5.32 -8.17 -0.42
N ARG D 17 -4.20 -8.64 0.11
CA ARG D 17 -4.24 -9.77 1.01
C ARG D 17 -5.04 -9.41 2.26
N PRO D 18 -6.07 -10.18 2.61
CA PRO D 18 -6.84 -9.87 3.81
C PRO D 18 -5.95 -9.83 5.04
N GLY D 19 -6.25 -8.89 5.93
CA GLY D 19 -5.38 -8.56 7.04
C GLY D 19 -4.56 -7.30 6.83
N LYS D 20 -4.58 -6.75 5.62
CA LYS D 20 -3.91 -5.47 5.36
C LYS D 20 -4.71 -4.34 5.97
N ASN D 21 -4.06 -3.54 6.81
CA ASN D 21 -4.74 -2.55 7.64
C ASN D 21 -4.77 -1.18 6.99
N VAL D 22 -5.54 -0.28 7.60
CA VAL D 22 -5.61 1.12 7.23
C VAL D 22 -5.51 1.94 8.51
N GLN D 23 -4.55 2.85 8.57
CA GLN D 23 -4.29 3.64 9.77
C GLN D 23 -4.55 5.11 9.46
N LEU D 24 -5.74 5.58 9.78
CA LEU D 24 -6.06 6.99 9.62
C LEU D 24 -5.44 7.79 10.77
N THR D 25 -5.27 9.09 10.54
CA THR D 25 -4.70 9.93 11.57
C THR D 25 -5.64 10.03 12.77
N GLU D 26 -5.06 10.21 13.94
CA GLU D 26 -5.84 10.33 15.17
C GLU D 26 -6.87 11.45 15.08
N ASN D 27 -6.57 12.52 14.33
CA ASN D 27 -7.51 13.63 14.21
C ASN D 27 -8.60 13.35 13.18
N GLU D 28 -8.30 12.57 12.15
CA GLU D 28 -9.31 12.20 11.17
C GLU D 28 -10.42 11.36 11.82
N ILE D 29 -10.03 10.38 12.63
CA ILE D 29 -11.00 9.52 13.29
C ILE D 29 -11.85 10.31 14.27
N ARG D 30 -11.20 11.15 15.09
CA ARG D 30 -11.94 11.95 16.05
C ARG D 30 -12.96 12.86 15.36
N GLY D 31 -12.66 13.30 14.14
CA GLY D 31 -13.64 14.08 13.38
C GLY D 31 -14.84 13.24 12.99
N LEU D 32 -14.62 11.96 12.66
CA LEU D 32 -15.74 11.07 12.38
C LEU D 32 -16.61 10.89 13.61
N CYS D 33 -15.98 10.72 14.78
CA CYS D 33 -16.74 10.49 16.01
C CYS D 33 -17.56 11.69 16.43
N LEU D 34 -17.29 12.87 15.90
CA LEU D 34 -18.10 14.03 16.22
C LEU D 34 -19.15 14.30 15.16
N LYS D 35 -18.73 14.36 13.88
CA LYS D 35 -19.66 14.63 12.80
C LYS D 35 -20.73 13.56 12.69
N SER D 36 -20.40 12.31 12.99
CA SER D 36 -21.40 11.24 12.99
C SER D 36 -22.26 11.29 14.23
N ARG D 37 -21.67 11.65 15.37
CA ARG D 37 -22.44 11.75 16.61
C ARG D 37 -23.53 12.80 16.50
N GLU D 38 -23.22 13.95 15.89
CA GLU D 38 -24.22 15.01 15.73
C GLU D 38 -25.36 14.55 14.85
N ILE D 39 -25.06 13.82 13.77
CA ILE D 39 -26.11 13.34 12.87
C ILE D 39 -27.00 12.35 13.59
N PHE D 40 -26.43 11.54 14.49
CA PHE D 40 -27.23 10.62 15.28
C PHE D 40 -28.17 11.37 16.22
N LEU D 41 -27.66 12.40 16.89
CA LEU D 41 -28.49 13.19 17.81
C LEU D 41 -29.56 13.96 17.07
N SER D 42 -29.31 14.35 15.81
CA SER D 42 -30.32 15.04 15.03
C SER D 42 -31.39 14.07 14.54
N GLN D 43 -30.98 12.94 13.97
CA GLN D 43 -31.93 11.98 13.45
C GLN D 43 -32.68 11.29 14.60
N PRO D 44 -33.84 10.69 14.31
CA PRO D 44 -34.64 10.09 15.39
C PRO D 44 -33.94 8.88 16.00
N ILE D 45 -34.26 8.65 17.29
CA ILE D 45 -33.79 7.45 17.96
C ILE D 45 -34.55 6.22 17.47
N LEU D 46 -35.77 6.40 16.96
CA LEU D 46 -36.53 5.33 16.31
C LEU D 46 -36.70 5.75 14.85
N LEU D 47 -35.90 5.17 13.97
CA LEU D 47 -35.85 5.63 12.59
C LEU D 47 -37.07 5.15 11.81
N GLU D 48 -37.72 6.06 11.10
CA GLU D 48 -38.75 5.71 10.12
C GLU D 48 -38.11 5.74 8.74
N LEU D 49 -37.99 4.59 8.10
CA LEU D 49 -37.25 4.46 6.85
C LEU D 49 -38.16 3.95 5.74
N GLU D 50 -37.83 4.32 4.51
CA GLU D 50 -38.60 3.95 3.33
C GLU D 50 -37.79 2.98 2.47
N ALA D 51 -38.43 1.89 2.07
CA ALA D 51 -37.85 0.99 1.07
C ALA D 51 -37.72 1.75 -0.25
N PRO D 52 -36.80 1.32 -1.13
CA PRO D 52 -35.92 0.15 -1.06
C PRO D 52 -34.64 0.37 -0.25
N LEU D 53 -34.15 -0.70 0.37
CA LEU D 53 -32.91 -0.67 1.12
C LEU D 53 -32.41 -2.09 1.30
N LYS D 54 -31.21 -2.20 1.87
CA LYS D 54 -30.61 -3.48 2.22
C LYS D 54 -30.26 -3.47 3.70
N ILE D 55 -30.40 -4.63 4.34
CA ILE D 55 -30.21 -4.77 5.78
C ILE D 55 -29.14 -5.84 6.03
N CYS D 56 -28.17 -5.51 6.88
CA CYS D 56 -27.05 -6.40 7.17
C CYS D 56 -26.91 -6.59 8.68
N GLY D 57 -26.53 -7.79 9.08
CA GLY D 57 -26.41 -8.13 10.48
C GLY D 57 -25.03 -7.90 11.07
N ASP D 58 -24.57 -8.82 11.91
CA ASP D 58 -23.32 -8.65 12.62
C ASP D 58 -22.13 -8.61 11.66
N ILE D 59 -21.22 -7.69 11.92
CA ILE D 59 -19.97 -7.58 11.18
C ILE D 59 -18.78 -8.03 12.01
N HIS D 60 -18.67 -7.49 13.23
CA HIS D 60 -17.68 -7.93 14.21
C HIS D 60 -16.26 -7.85 13.67
N GLY D 61 -15.88 -6.66 13.19
CA GLY D 61 -14.52 -6.40 12.80
C GLY D 61 -14.02 -7.12 11.57
N GLN D 62 -14.83 -8.02 10.98
CA GLN D 62 -14.41 -8.72 9.77
C GLN D 62 -14.54 -7.77 8.59
N TYR D 63 -13.51 -6.94 8.43
CA TYR D 63 -13.58 -5.80 7.52
C TYR D 63 -13.63 -6.24 6.06
N TYR D 64 -12.86 -7.27 5.69
CA TYR D 64 -12.81 -7.67 4.29
C TYR D 64 -14.10 -8.36 3.86
N ASP D 65 -14.82 -8.98 4.80
CA ASP D 65 -16.16 -9.46 4.49
C ASP D 65 -17.12 -8.30 4.29
N LEU D 66 -16.96 -7.23 5.08
CA LEU D 66 -17.77 -6.03 4.88
C LEU D 66 -17.50 -5.41 3.51
N LEU D 67 -16.23 -5.43 3.07
CA LEU D 67 -15.91 -4.94 1.74
C LEU D 67 -16.53 -5.82 0.66
N ARG D 68 -16.58 -7.14 0.90
CA ARG D 68 -17.27 -8.02 -0.03
C ARG D 68 -18.76 -7.73 -0.09
N LEU D 69 -19.35 -7.30 1.02
CA LEU D 69 -20.77 -6.93 1.02
C LEU D 69 -21.03 -5.76 0.10
N PHE D 70 -20.34 -4.64 0.33
CA PHE D 70 -20.55 -3.45 -0.50
C PHE D 70 -20.22 -3.72 -1.96
N GLU D 71 -19.12 -4.43 -2.21
CA GLU D 71 -18.79 -4.81 -3.58
C GLU D 71 -19.91 -5.64 -4.21
N TYR D 72 -20.59 -6.45 -3.39
CA TYR D 72 -21.67 -7.29 -3.87
C TYR D 72 -22.99 -6.53 -3.95
N GLY D 73 -23.35 -5.84 -2.86
CA GLY D 73 -24.60 -5.09 -2.81
C GLY D 73 -24.57 -3.74 -3.47
N GLY D 74 -23.39 -3.20 -3.78
CA GLY D 74 -23.30 -1.87 -4.34
C GLY D 74 -22.78 -0.85 -3.34
N PHE D 75 -21.74 -0.11 -3.73
CA PHE D 75 -21.19 0.91 -2.84
C PHE D 75 -22.14 2.11 -2.75
N PRO D 76 -22.46 2.58 -1.54
CA PRO D 76 -23.37 3.72 -1.35
C PRO D 76 -22.96 4.94 -2.17
N PRO D 77 -23.94 5.71 -2.67
CA PRO D 77 -25.37 5.53 -2.44
C PRO D 77 -26.06 4.65 -3.49
N GLU D 78 -25.29 3.86 -4.24
CA GLU D 78 -25.88 2.96 -5.23
C GLU D 78 -26.91 2.03 -4.58
N SER D 79 -26.77 1.78 -3.28
CA SER D 79 -27.81 1.16 -2.47
C SER D 79 -27.94 1.92 -1.16
N ASN D 80 -29.11 1.80 -0.55
CA ASN D 80 -29.32 2.26 0.81
C ASN D 80 -29.14 1.09 1.76
N TYR D 81 -28.56 1.37 2.94
CA TYR D 81 -28.18 0.33 3.86
C TYR D 81 -28.68 0.62 5.27
N LEU D 82 -29.00 -0.47 5.97
CA LEU D 82 -29.28 -0.45 7.40
C LEU D 82 -28.45 -1.54 8.06
N PHE D 83 -27.73 -1.19 9.12
CA PHE D 83 -26.85 -2.11 9.80
C PHE D 83 -27.31 -2.29 11.25
N LEU D 84 -27.25 -3.53 11.74
CA LEU D 84 -27.89 -3.89 12.99
C LEU D 84 -26.88 -4.19 14.09
N GLY D 85 -25.94 -3.27 14.31
CA GLY D 85 -25.02 -3.37 15.42
C GLY D 85 -23.96 -4.45 15.25
N ASP D 86 -23.22 -4.67 16.34
CA ASP D 86 -22.11 -5.62 16.38
C ASP D 86 -21.10 -5.33 15.29
N TYR D 87 -20.60 -4.09 15.27
CA TYR D 87 -19.63 -3.69 14.27
C TYR D 87 -18.20 -4.05 14.68
N VAL D 88 -17.92 -4.05 15.99
CA VAL D 88 -16.56 -4.18 16.48
C VAL D 88 -16.36 -5.56 17.11
N ASP D 89 -15.21 -5.74 17.76
CA ASP D 89 -14.90 -6.93 18.55
C ASP D 89 -14.73 -8.18 17.71
N ARG D 90 -14.19 -9.24 18.32
CA ARG D 90 -14.01 -10.55 17.69
C ARG D 90 -13.05 -10.50 16.50
N GLY D 91 -13.32 -9.64 15.52
CA GLY D 91 -12.48 -9.54 14.34
C GLY D 91 -11.19 -8.78 14.61
N LYS D 92 -10.28 -8.87 13.64
CA LYS D 92 -8.97 -8.25 13.79
C LYS D 92 -9.00 -6.78 13.41
N GLN D 93 -9.93 -6.39 12.55
CA GLN D 93 -9.96 -5.06 11.94
C GLN D 93 -11.28 -4.41 12.29
N SER D 94 -11.47 -4.12 13.59
CA SER D 94 -12.67 -3.41 14.03
C SER D 94 -12.61 -1.94 13.66
N LEU D 95 -11.41 -1.33 13.73
CA LEU D 95 -11.28 0.09 13.44
C LEU D 95 -11.55 0.39 11.98
N GLU D 96 -11.07 -0.46 11.07
CA GLU D 96 -11.34 -0.26 9.65
C GLU D 96 -12.83 -0.35 9.37
N THR D 97 -13.53 -1.24 10.06
CA THR D 97 -14.96 -1.43 9.84
C THR D 97 -15.75 -0.21 10.31
N ILE D 98 -15.59 0.16 11.59
CA ILE D 98 -16.42 1.20 12.18
C ILE D 98 -16.20 2.55 11.51
N CYS D 99 -14.97 2.82 11.04
CA CYS D 99 -14.70 4.11 10.43
C CYS D 99 -15.36 4.24 9.06
N LEU D 100 -15.31 3.17 8.25
CA LEU D 100 -15.94 3.22 6.93
C LEU D 100 -17.44 3.43 7.03
N LEU D 101 -18.07 2.82 8.04
CA LEU D 101 -19.49 3.02 8.24
C LEU D 101 -19.80 4.43 8.70
N LEU D 102 -19.08 4.91 9.73
CA LEU D 102 -19.28 6.26 10.22
C LEU D 102 -19.06 7.30 9.13
N ALA D 103 -18.04 7.09 8.29
CA ALA D 103 -17.81 7.99 7.16
C ALA D 103 -18.97 7.94 6.18
N TYR D 104 -19.43 6.73 5.83
CA TYR D 104 -20.58 6.60 4.95
C TYR D 104 -21.84 7.21 5.57
N LYS D 105 -21.96 7.14 6.90
CA LYS D 105 -23.08 7.80 7.57
C LYS D 105 -23.03 9.30 7.35
N ILE D 106 -21.88 9.92 7.66
CA ILE D 106 -21.73 11.36 7.45
C ILE D 106 -21.86 11.70 5.97
N ARG D 107 -21.35 10.83 5.11
CA ARG D 107 -21.36 11.08 3.67
C ARG D 107 -22.79 11.14 3.13
N TYR D 108 -23.60 10.14 3.46
CA TYR D 108 -24.99 10.05 3.01
C TYR D 108 -25.88 9.85 4.23
N PRO D 109 -26.15 10.92 4.99
CA PRO D 109 -26.90 10.77 6.25
C PRO D 109 -28.37 10.38 6.07
N GLU D 110 -28.92 10.49 4.87
CA GLU D 110 -30.31 10.15 4.63
C GLU D 110 -30.49 8.83 3.90
N ASN D 111 -29.40 8.22 3.42
CA ASN D 111 -29.45 6.99 2.63
C ASN D 111 -28.51 5.94 3.22
N PHE D 112 -28.21 6.05 4.50
CA PHE D 112 -27.29 5.13 5.17
C PHE D 112 -27.51 5.27 6.66
N PHE D 113 -27.91 4.19 7.32
CA PHE D 113 -28.30 4.26 8.72
C PHE D 113 -27.68 3.11 9.50
N LEU D 114 -27.21 3.41 10.71
CA LEU D 114 -26.52 2.45 11.56
C LEU D 114 -27.27 2.35 12.88
N LEU D 115 -27.65 1.13 13.25
CA LEU D 115 -28.31 0.86 14.52
C LEU D 115 -27.31 0.34 15.55
N ARG D 116 -27.68 0.49 16.81
CA ARG D 116 -26.82 0.06 17.92
C ARG D 116 -26.93 -1.44 18.14
N GLY D 117 -25.82 -2.03 18.60
CA GLY D 117 -25.78 -3.41 19.02
C GLY D 117 -25.31 -3.54 20.45
N ASN D 118 -25.34 -4.78 20.94
CA ASN D 118 -24.94 -5.02 22.33
C ASN D 118 -23.43 -4.87 22.55
N HIS D 119 -22.66 -4.76 21.47
CA HIS D 119 -21.22 -4.52 21.60
C HIS D 119 -20.85 -3.04 21.52
N GLU D 120 -21.72 -2.20 20.97
CA GLU D 120 -21.45 -0.76 20.89
C GLU D 120 -21.68 -0.10 22.25
N CYS D 121 -20.89 -0.56 23.22
CA CYS D 121 -21.03 -0.16 24.61
C CYS D 121 -19.67 -0.34 25.28
N ALA D 122 -19.26 0.64 26.08
CA ALA D 122 -17.90 0.65 26.63
C ALA D 122 -17.55 -0.65 27.33
N SER D 123 -18.44 -1.13 28.20
CA SER D 123 -18.14 -2.31 29.00
C SER D 123 -17.89 -3.53 28.12
N ILE D 124 -18.68 -3.70 27.06
CA ILE D 124 -18.57 -4.89 26.22
C ILE D 124 -17.34 -4.81 25.34
N ASN D 125 -17.23 -3.74 24.54
CA ASN D 125 -16.13 -3.64 23.59
C ASN D 125 -14.78 -3.41 24.28
N ARG D 126 -14.77 -3.14 25.59
CA ARG D 126 -13.52 -3.20 26.34
C ARG D 126 -13.03 -4.64 26.44
N ILE D 127 -13.95 -5.58 26.57
CA ILE D 127 -13.60 -6.97 26.82
C ILE D 127 -13.22 -7.69 25.54
N TYR D 128 -13.94 -7.45 24.44
CA TYR D 128 -13.91 -8.34 23.30
C TYR D 128 -13.06 -7.84 22.14
N GLY D 129 -12.09 -6.95 22.39
CA GLY D 129 -11.00 -6.69 21.46
C GLY D 129 -10.86 -5.26 21.00
N PHE D 130 -11.98 -4.51 20.95
CA PHE D 130 -11.90 -3.16 20.39
C PHE D 130 -11.04 -2.24 21.25
N TYR D 131 -11.03 -2.44 22.56
CA TYR D 131 -10.24 -1.59 23.44
C TYR D 131 -8.74 -1.84 23.25
N ASP D 132 -8.35 -3.12 23.25
CA ASP D 132 -6.95 -3.46 22.97
C ASP D 132 -6.53 -2.99 21.58
N GLU D 133 -7.47 -2.98 20.63
CA GLU D 133 -7.15 -2.56 19.27
C GLU D 133 -6.97 -1.04 19.18
N CYS D 134 -7.67 -0.29 20.02
CA CYS D 134 -7.48 1.16 20.07
C CYS D 134 -6.21 1.52 20.83
N LYS D 135 -6.01 0.91 22.00
CA LYS D 135 -4.84 1.20 22.81
C LYS D 135 -3.56 0.89 22.03
N ARG D 136 -3.55 -0.23 21.32
CA ARG D 136 -2.39 -0.63 20.51
C ARG D 136 -2.17 0.37 19.37
N ARG D 137 -3.12 0.46 18.45
CA ARG D 137 -2.93 1.26 17.24
C ARG D 137 -2.98 2.75 17.50
N TYR D 138 -3.65 3.20 18.57
CA TYR D 138 -3.74 4.62 18.87
C TYR D 138 -3.51 4.88 20.35
N ASN D 139 -4.58 5.12 21.11
CA ASN D 139 -4.43 5.38 22.54
C ASN D 139 -5.76 5.11 23.25
N ILE D 140 -5.82 5.51 24.53
CA ILE D 140 -7.01 5.27 25.34
C ILE D 140 -8.08 6.31 25.06
N LYS D 141 -7.70 7.58 25.08
CA LYS D 141 -8.67 8.67 24.96
C LYS D 141 -9.50 8.56 23.69
N LEU D 142 -8.92 8.03 22.61
CA LEU D 142 -9.69 7.83 21.38
C LEU D 142 -10.81 6.82 21.60
N TRP D 143 -10.56 5.79 22.41
CA TRP D 143 -11.61 4.83 22.74
C TRP D 143 -12.74 5.51 23.52
N LYS D 144 -12.39 6.41 24.44
CA LYS D 144 -13.41 7.15 25.16
C LYS D 144 -14.20 8.07 24.23
N THR D 145 -13.57 8.54 23.15
CA THR D 145 -14.30 9.26 22.12
C THR D 145 -15.24 8.33 21.37
N PHE D 146 -14.76 7.13 21.03
CA PHE D 146 -15.61 6.13 20.40
C PHE D 146 -16.82 5.83 21.28
N THR D 147 -16.60 5.63 22.57
CA THR D 147 -17.69 5.38 23.50
C THR D 147 -18.70 6.52 23.48
N ASP D 148 -18.20 7.76 23.56
CA ASP D 148 -19.10 8.92 23.56
C ASP D 148 -19.94 8.97 22.29
N CYS D 149 -19.38 8.54 21.16
CA CYS D 149 -20.19 8.44 19.94
C CYS D 149 -21.17 7.28 20.01
N PHE D 150 -20.73 6.14 20.55
CA PHE D 150 -21.59 4.96 20.62
C PHE D 150 -22.82 5.21 21.48
N ASN D 151 -22.69 6.04 22.51
CA ASN D 151 -23.82 6.32 23.40
C ASN D 151 -24.99 6.94 22.65
N CYS D 152 -24.72 7.71 21.60
CA CYS D 152 -25.75 8.44 20.88
C CYS D 152 -26.26 7.69 19.65
N LEU D 153 -26.06 6.38 19.58
CA LEU D 153 -26.54 5.63 18.44
C LEU D 153 -28.06 5.48 18.51
N PRO D 154 -28.71 5.37 17.35
CA PRO D 154 -30.14 5.01 17.34
C PRO D 154 -30.33 3.53 17.64
N ILE D 155 -31.53 3.20 18.13
CA ILE D 155 -31.81 1.89 18.70
C ILE D 155 -32.50 0.98 17.71
N ALA D 156 -33.64 1.41 17.16
CA ALA D 156 -34.44 0.56 16.29
C ALA D 156 -34.97 1.37 15.13
N ALA D 157 -35.51 0.67 14.14
CA ALA D 157 -36.04 1.29 12.94
C ALA D 157 -37.31 0.58 12.52
N ILE D 158 -38.10 1.25 11.66
CA ILE D 158 -39.33 0.70 11.11
C ILE D 158 -39.35 1.04 9.62
N VAL D 159 -39.38 0.02 8.77
CA VAL D 159 -39.35 0.20 7.32
C VAL D 159 -40.77 0.13 6.80
N ASP D 160 -41.30 1.30 6.43
CA ASP D 160 -42.62 1.42 5.80
C ASP D 160 -43.72 0.79 6.66
N GLU D 161 -43.66 1.04 7.97
CA GLU D 161 -44.69 0.68 8.93
C GLU D 161 -45.03 -0.82 8.93
N LYS D 162 -44.13 -1.66 8.41
CA LYS D 162 -44.42 -3.09 8.31
C LYS D 162 -43.28 -3.93 8.83
N ILE D 163 -42.03 -3.48 8.64
CA ILE D 163 -40.86 -4.20 9.10
C ILE D 163 -40.28 -3.49 10.31
N PHE D 164 -39.91 -4.25 11.33
CA PHE D 164 -39.33 -3.72 12.55
C PHE D 164 -37.92 -4.29 12.73
N CYS D 165 -36.94 -3.40 12.88
CA CYS D 165 -35.53 -3.78 12.90
C CYS D 165 -34.90 -3.35 14.21
N CYS D 166 -34.32 -4.31 14.92
CA CYS D 166 -33.47 -4.04 16.08
C CYS D 166 -32.40 -5.12 16.11
N HIS D 167 -31.41 -4.95 16.99
CA HIS D 167 -30.31 -5.90 17.03
C HIS D 167 -30.74 -7.23 17.65
N GLY D 168 -31.17 -7.19 18.91
CA GLY D 168 -31.54 -8.40 19.62
C GLY D 168 -32.95 -8.86 19.36
N GLY D 169 -33.91 -8.31 20.12
CA GLY D 169 -35.30 -8.69 19.94
C GLY D 169 -36.27 -7.92 20.83
N LEU D 170 -37.36 -8.57 21.21
CA LEU D 170 -38.45 -7.91 21.92
C LEU D 170 -38.16 -7.81 23.41
N SER D 171 -38.87 -6.88 24.06
CA SER D 171 -38.79 -6.66 25.49
C SER D 171 -40.17 -6.79 26.12
N PRO D 172 -40.28 -7.42 27.29
CA PRO D 172 -41.59 -7.51 27.95
C PRO D 172 -42.13 -6.19 28.47
N ASP D 173 -41.31 -5.14 28.45
CA ASP D 173 -41.75 -3.80 28.83
C ASP D 173 -42.12 -2.94 27.63
N LEU D 174 -42.11 -3.51 26.43
CA LEU D 174 -42.40 -2.78 25.20
C LEU D 174 -43.88 -2.96 24.86
N GLN D 175 -44.68 -1.93 25.15
CA GLN D 175 -46.08 -1.90 24.78
C GLN D 175 -46.43 -0.78 23.81
N SER D 176 -45.59 0.25 23.69
CA SER D 176 -45.87 1.38 22.83
C SER D 176 -44.58 1.82 22.15
N MET D 177 -44.71 2.42 20.96
CA MET D 177 -43.55 2.93 20.27
C MET D 177 -43.00 4.18 20.94
N GLU D 178 -43.87 4.99 21.56
CA GLU D 178 -43.42 6.21 22.21
C GLU D 178 -42.41 5.92 23.32
N GLN D 179 -42.52 4.75 23.96
CA GLN D 179 -41.54 4.37 24.99
C GLN D 179 -40.13 4.40 24.43
N ILE D 180 -39.95 3.93 23.19
CA ILE D 180 -38.64 4.00 22.54
C ILE D 180 -38.23 5.44 22.31
N ARG D 181 -39.11 6.21 21.66
CA ARG D 181 -38.78 7.59 21.29
C ARG D 181 -38.37 8.43 22.49
N ARG D 182 -38.98 8.18 23.66
CA ARG D 182 -38.71 9.00 24.83
C ARG D 182 -37.32 8.75 25.44
N ILE D 183 -36.57 7.77 24.93
CA ILE D 183 -35.23 7.51 25.47
C ILE D 183 -34.29 8.62 25.02
N MET D 184 -33.57 9.20 25.97
CA MET D 184 -32.67 10.30 25.70
C MET D 184 -31.29 9.79 25.28
N ARG D 185 -30.57 10.64 24.56
CA ARG D 185 -29.19 10.38 24.17
C ARG D 185 -28.33 11.59 24.54
N PRO D 186 -27.06 11.36 24.93
CA PRO D 186 -26.32 10.09 25.03
C PRO D 186 -26.81 9.18 26.15
N THR D 187 -26.39 7.92 26.12
CA THR D 187 -26.85 6.94 27.10
C THR D 187 -25.97 5.71 27.07
N ASP D 188 -25.73 5.14 28.25
CA ASP D 188 -25.10 3.83 28.38
C ASP D 188 -26.18 2.77 28.58
N VAL D 189 -25.87 1.55 28.16
CA VAL D 189 -26.84 0.45 28.20
C VAL D 189 -27.05 0.00 29.64
N PRO D 190 -28.28 0.08 30.17
CA PRO D 190 -28.54 -0.44 31.52
C PRO D 190 -28.60 -1.97 31.50
N ASP D 191 -28.12 -2.57 32.59
CA ASP D 191 -28.01 -4.03 32.65
C ASP D 191 -29.35 -4.73 32.53
N GLN D 192 -30.45 -4.00 32.71
CA GLN D 192 -31.78 -4.56 32.58
C GLN D 192 -32.70 -3.51 31.95
N GLY D 193 -33.90 -3.94 31.60
CA GLY D 193 -34.90 -3.03 31.09
C GLY D 193 -35.06 -3.11 29.59
N LEU D 194 -35.79 -2.12 29.07
CA LEU D 194 -36.15 -2.09 27.66
C LEU D 194 -34.94 -2.02 26.75
N LEU D 195 -34.10 -0.99 26.94
CA LEU D 195 -32.98 -0.76 26.04
C LEU D 195 -32.05 -1.96 26.00
N CYS D 196 -31.89 -2.64 27.13
CA CYS D 196 -31.02 -3.81 27.19
C CYS D 196 -31.58 -4.95 26.34
N ASP D 197 -32.89 -5.20 26.43
CA ASP D 197 -33.47 -6.36 25.75
C ASP D 197 -33.52 -6.18 24.24
N LEU D 198 -33.65 -4.94 23.76
CA LEU D 198 -33.65 -4.70 22.33
C LEU D 198 -32.34 -5.13 21.68
N LEU D 199 -31.26 -5.21 22.46
CA LEU D 199 -29.93 -5.52 21.94
C LEU D 199 -29.43 -6.89 22.40
N TRP D 200 -30.15 -7.58 23.27
CA TRP D 200 -29.64 -8.81 23.86
C TRP D 200 -30.57 -10.01 23.71
N SER D 201 -31.88 -9.78 23.63
CA SER D 201 -32.84 -10.87 23.65
C SER D 201 -32.75 -11.71 22.38
N ASP D 202 -33.34 -12.91 22.45
CA ASP D 202 -33.21 -13.93 21.42
C ASP D 202 -34.53 -14.64 21.19
N PRO D 203 -34.80 -15.08 19.96
CA PRO D 203 -35.99 -15.90 19.71
C PRO D 203 -35.72 -17.35 20.12
N ASP D 204 -36.68 -17.93 20.84
CA ASP D 204 -36.56 -19.28 21.38
C ASP D 204 -37.74 -20.11 20.89
N LYS D 205 -37.44 -21.21 20.18
CA LYS D 205 -38.52 -22.07 19.68
C LYS D 205 -39.14 -22.90 20.79
N ASP D 206 -38.35 -23.29 21.80
CA ASP D 206 -38.86 -24.23 22.81
C ASP D 206 -39.80 -23.54 23.80
N VAL D 207 -39.48 -22.31 24.21
CA VAL D 207 -40.29 -21.57 25.18
C VAL D 207 -41.24 -20.65 24.42
N GLN D 208 -42.55 -20.87 24.61
CA GLN D 208 -43.54 -20.08 23.89
C GLN D 208 -43.62 -18.66 24.42
N GLY D 209 -43.83 -18.51 25.74
CA GLY D 209 -43.87 -17.20 26.34
C GLY D 209 -42.50 -16.57 26.48
N TRP D 210 -42.19 -16.04 27.65
CA TRP D 210 -40.87 -15.52 27.94
C TRP D 210 -40.09 -16.50 28.80
N GLY D 211 -38.77 -16.49 28.64
CA GLY D 211 -37.91 -17.37 29.41
C GLY D 211 -36.55 -16.75 29.62
N GLU D 212 -35.81 -17.32 30.56
CA GLU D 212 -34.48 -16.81 30.89
C GLU D 212 -33.54 -17.05 29.72
N ASN D 213 -32.66 -16.09 29.47
CA ASN D 213 -31.72 -16.16 28.37
C ASN D 213 -30.40 -16.72 28.86
N ASP D 214 -29.84 -17.69 28.11
CA ASP D 214 -28.61 -18.35 28.53
C ASP D 214 -27.43 -17.40 28.60
N ARG D 215 -27.55 -16.20 28.01
CA ARG D 215 -26.50 -15.20 28.11
C ARG D 215 -26.35 -14.63 29.51
N GLY D 216 -27.24 -14.98 30.43
CA GLY D 216 -27.28 -14.35 31.74
C GLY D 216 -27.83 -12.96 31.76
N VAL D 217 -28.30 -12.45 30.61
CA VAL D 217 -28.85 -11.12 30.46
C VAL D 217 -30.01 -11.18 29.48
N SER D 218 -31.06 -10.40 29.75
CA SER D 218 -32.25 -10.30 28.91
C SER D 218 -33.03 -11.61 28.89
N PHE D 219 -34.01 -11.71 28.00
CA PHE D 219 -34.95 -12.83 28.01
C PHE D 219 -34.99 -13.50 26.64
N THR D 220 -35.59 -14.68 26.62
CA THR D 220 -35.97 -15.35 25.39
C THR D 220 -37.47 -15.17 25.14
N PHE D 221 -37.87 -15.35 23.90
CA PHE D 221 -39.28 -15.20 23.52
C PHE D 221 -39.59 -16.14 22.36
N GLY D 222 -40.79 -16.71 22.39
CA GLY D 222 -41.16 -17.77 21.48
C GLY D 222 -41.87 -17.31 20.22
N ALA D 223 -42.51 -18.27 19.55
CA ALA D 223 -43.26 -17.97 18.33
C ALA D 223 -44.53 -17.18 18.63
N GLU D 224 -45.13 -17.40 19.80
CA GLU D 224 -46.38 -16.73 20.14
C GLU D 224 -46.14 -15.25 20.44
N VAL D 225 -45.04 -14.93 21.14
CA VAL D 225 -44.73 -13.54 21.43
C VAL D 225 -44.55 -12.75 20.15
N VAL D 226 -44.01 -13.39 19.11
CA VAL D 226 -43.85 -12.71 17.81
C VAL D 226 -45.19 -12.47 17.16
N ALA D 227 -46.14 -13.41 17.32
CA ALA D 227 -47.43 -13.28 16.66
C ALA D 227 -48.25 -12.13 17.25
N LYS D 228 -48.30 -12.04 18.57
CA LYS D 228 -49.10 -10.99 19.22
C LYS D 228 -48.52 -9.62 18.96
N PHE D 229 -47.19 -9.47 19.03
CA PHE D 229 -46.57 -8.16 18.88
C PHE D 229 -46.76 -7.62 17.46
N LEU D 230 -46.66 -8.49 16.45
CA LEU D 230 -46.86 -8.04 15.08
C LEU D 230 -48.29 -7.61 14.83
N HIS D 231 -49.25 -8.29 15.46
CA HIS D 231 -50.65 -7.93 15.32
C HIS D 231 -50.95 -6.60 16.02
N LYS D 232 -50.48 -6.46 17.26
CA LYS D 232 -50.79 -5.27 18.05
C LYS D 232 -50.29 -4.00 17.38
N HIS D 233 -49.12 -4.07 16.74
CA HIS D 233 -48.53 -2.91 16.07
C HIS D 233 -48.71 -2.95 14.56
N ASP D 234 -49.54 -3.87 14.05
CA ASP D 234 -49.88 -3.93 12.62
C ASP D 234 -48.63 -4.10 11.76
N LEU D 235 -47.78 -5.04 12.15
CA LEU D 235 -46.52 -5.28 11.47
C LEU D 235 -46.54 -6.66 10.80
N ASP D 236 -45.59 -6.86 9.91
CA ASP D 236 -45.47 -8.10 9.16
C ASP D 236 -44.22 -8.91 9.47
N LEU D 237 -43.12 -8.25 9.81
CA LEU D 237 -41.83 -8.93 9.94
C LEU D 237 -40.98 -8.24 10.99
N ILE D 238 -40.24 -9.05 11.75
CA ILE D 238 -39.19 -8.56 12.65
C ILE D 238 -37.86 -8.99 12.08
N CYS D 239 -36.93 -8.04 11.97
CA CYS D 239 -35.60 -8.31 11.43
C CYS D 239 -34.57 -7.98 12.51
N ARG D 240 -33.63 -8.91 12.74
CA ARG D 240 -32.64 -8.74 13.79
C ARG D 240 -31.37 -9.50 13.41
N ALA D 241 -30.41 -9.51 14.33
CA ALA D 241 -29.13 -10.18 14.13
C ALA D 241 -28.73 -10.91 15.40
N HIS D 242 -27.57 -10.55 15.98
CA HIS D 242 -27.21 -10.89 17.35
C HIS D 242 -26.86 -12.36 17.56
N GLN D 243 -27.19 -13.23 16.59
CA GLN D 243 -26.92 -14.66 16.71
C GLN D 243 -26.48 -15.21 15.37
N VAL D 244 -25.43 -16.04 15.39
CA VAL D 244 -24.91 -16.63 14.17
C VAL D 244 -25.91 -17.66 13.64
N VAL D 245 -26.02 -17.73 12.31
CA VAL D 245 -26.91 -18.67 11.64
C VAL D 245 -26.15 -19.26 10.46
N GLU D 246 -26.53 -20.50 10.10
CA GLU D 246 -25.73 -21.26 9.15
C GLU D 246 -25.76 -20.65 7.75
N ASP D 247 -26.95 -20.28 7.26
CA ASP D 247 -27.10 -19.74 5.92
C ASP D 247 -26.95 -18.23 5.86
N GLY D 248 -26.73 -17.57 6.99
CA GLY D 248 -26.67 -16.12 7.00
C GLY D 248 -28.02 -15.54 7.30
N TYR D 249 -29.06 -16.25 6.88
CA TYR D 249 -30.44 -15.93 7.23
C TYR D 249 -31.09 -17.15 7.87
N GLU D 250 -32.13 -16.90 8.67
CA GLU D 250 -32.83 -17.98 9.35
C GLU D 250 -34.18 -17.47 9.81
N PHE D 251 -35.26 -18.08 9.31
CA PHE D 251 -36.60 -17.65 9.67
C PHE D 251 -37.01 -18.25 11.01
N PHE D 252 -38.01 -17.61 11.63
CA PHE D 252 -38.52 -18.05 12.91
C PHE D 252 -40.02 -17.80 12.95
N ALA D 253 -40.76 -18.74 13.53
CA ALA D 253 -42.21 -18.65 13.68
C ALA D 253 -42.89 -18.48 12.32
N LYS D 254 -42.59 -19.41 11.41
CA LYS D 254 -43.17 -19.45 10.06
C LYS D 254 -43.01 -18.11 9.35
N ARG D 255 -41.76 -17.72 9.17
CA ARG D 255 -41.37 -16.52 8.42
C ARG D 255 -41.90 -15.23 9.04
N GLN D 256 -42.31 -15.27 10.31
CA GLN D 256 -42.68 -14.03 10.99
C GLN D 256 -41.43 -13.23 11.34
N LEU D 257 -40.36 -13.90 11.74
CA LEU D 257 -39.11 -13.26 12.13
C LEU D 257 -37.97 -13.83 11.30
N VAL D 258 -36.93 -13.03 11.10
CA VAL D 258 -35.72 -13.46 10.42
C VAL D 258 -34.51 -12.99 11.23
N THR D 259 -33.46 -13.80 11.24
CA THR D 259 -32.19 -13.44 11.86
C THR D 259 -31.14 -13.29 10.77
N LEU D 260 -30.45 -12.15 10.75
CA LEU D 260 -29.43 -11.87 9.76
C LEU D 260 -28.04 -11.90 10.41
N PHE D 261 -27.09 -12.49 9.70
CA PHE D 261 -25.70 -12.54 10.14
C PHE D 261 -24.83 -12.39 8.90
N SER D 262 -24.06 -11.31 8.83
CA SER D 262 -23.32 -10.92 7.64
C SER D 262 -21.82 -11.16 7.78
N ALA D 263 -21.42 -12.13 8.60
CA ALA D 263 -20.01 -12.45 8.84
C ALA D 263 -19.74 -13.90 8.47
N PRO D 264 -19.28 -14.18 7.25
CA PRO D 264 -18.90 -15.55 6.90
C PRO D 264 -17.70 -16.03 7.71
N ASN D 265 -17.76 -17.28 8.15
CA ASN D 265 -16.77 -17.87 9.04
C ASN D 265 -16.54 -16.96 10.26
N TYR D 266 -17.56 -16.91 11.10
CA TYR D 266 -17.58 -16.01 12.24
C TYR D 266 -16.39 -16.28 13.16
N CYS D 267 -15.55 -15.24 13.35
CA CYS D 267 -14.31 -15.26 14.13
C CYS D 267 -13.52 -16.56 13.97
N GLY D 268 -13.39 -17.04 12.73
CA GLY D 268 -12.54 -18.17 12.42
C GLY D 268 -12.89 -19.46 13.13
N GLU D 269 -14.15 -19.64 13.57
CA GLU D 269 -14.53 -20.84 14.31
C GLU D 269 -15.88 -21.38 13.86
N PHE D 270 -16.33 -21.01 12.66
CA PHE D 270 -17.59 -21.51 12.11
C PHE D 270 -17.46 -21.58 10.60
N ASP D 271 -18.24 -22.48 9.99
CA ASP D 271 -18.34 -22.57 8.54
C ASP D 271 -19.49 -21.75 7.99
N ASN D 272 -20.00 -20.79 8.77
CA ASN D 272 -21.24 -20.11 8.46
C ASN D 272 -21.08 -19.18 7.26
N ALA D 273 -22.21 -18.79 6.70
CA ALA D 273 -22.30 -17.86 5.59
C ALA D 273 -22.81 -16.51 6.07
N GLY D 274 -22.62 -15.49 5.23
CA GLY D 274 -23.12 -14.15 5.50
C GLY D 274 -24.23 -13.83 4.51
N ALA D 275 -25.32 -13.25 5.00
CA ALA D 275 -26.46 -12.92 4.17
C ALA D 275 -26.83 -11.45 4.35
N MET D 276 -27.74 -11.01 3.48
CA MET D 276 -28.14 -9.60 3.41
C MET D 276 -29.50 -9.54 2.75
N MET D 277 -30.49 -8.98 3.44
CA MET D 277 -31.88 -9.00 2.96
C MET D 277 -32.13 -7.76 2.10
N SER D 278 -32.08 -7.94 0.78
CA SER D 278 -32.47 -6.87 -0.12
C SER D 278 -33.98 -6.73 -0.09
N VAL D 279 -34.46 -5.50 0.08
CA VAL D 279 -35.89 -5.20 0.13
C VAL D 279 -36.15 -4.09 -0.87
N ASP D 280 -36.91 -4.40 -1.92
CA ASP D 280 -37.16 -3.43 -2.98
C ASP D 280 -38.28 -2.49 -2.56
N GLU D 281 -38.78 -1.72 -3.52
CA GLU D 281 -39.77 -0.67 -3.24
C GLU D 281 -41.08 -1.24 -2.72
N THR D 282 -41.41 -2.48 -3.07
CA THR D 282 -42.70 -3.07 -2.75
C THR D 282 -42.66 -3.91 -1.48
N LEU D 283 -41.64 -3.74 -0.65
CA LEU D 283 -41.44 -4.56 0.55
C LEU D 283 -41.41 -6.05 0.22
N MET D 284 -40.79 -6.38 -0.92
CA MET D 284 -40.52 -7.76 -1.29
C MET D 284 -39.06 -8.07 -0.98
N CYS D 285 -38.83 -9.07 -0.12
CA CYS D 285 -37.54 -9.28 0.52
C CYS D 285 -36.90 -10.57 0.02
N SER D 286 -35.81 -10.43 -0.74
CA SER D 286 -34.96 -11.56 -1.11
C SER D 286 -33.56 -11.35 -0.54
N PHE D 287 -32.81 -12.44 -0.43
CA PHE D 287 -31.52 -12.43 0.26
C PHE D 287 -30.36 -12.54 -0.73
N GLN D 288 -29.21 -12.02 -0.31
CA GLN D 288 -27.95 -12.17 -1.02
C GLN D 288 -26.92 -12.72 -0.04
N ILE D 289 -26.38 -13.89 -0.34
CA ILE D 289 -25.59 -14.66 0.62
C ILE D 289 -24.13 -14.70 0.19
N LEU D 290 -23.24 -14.35 1.11
CA LEU D 290 -21.81 -14.56 0.96
C LEU D 290 -21.43 -15.88 1.64
N LYS D 291 -20.34 -16.48 1.17
CA LYS D 291 -19.89 -17.76 1.70
C LYS D 291 -18.45 -17.99 1.28
N PRO D 292 -17.65 -18.70 2.10
CA PRO D 292 -16.29 -19.05 1.66
C PRO D 292 -16.29 -20.25 0.73
N ALA D 293 -15.11 -20.79 0.44
CA ALA D 293 -14.99 -22.01 -0.34
C ALA D 293 -14.56 -23.16 0.57
N LEU E 1 2.59 58.57 -7.07
CA LEU E 1 2.42 57.12 -7.16
C LEU E 1 1.75 56.73 -8.48
N ASN E 2 2.45 55.90 -9.26
CA ASN E 2 1.89 55.38 -10.52
C ASN E 2 1.09 54.13 -10.19
N LEU E 3 -0.13 54.37 -9.67
CA LEU E 3 -0.91 53.32 -9.04
C LEU E 3 -1.63 52.46 -10.08
N ASP E 4 -2.32 53.08 -11.04
CA ASP E 4 -3.07 52.32 -12.03
C ASP E 4 -2.18 51.40 -12.84
N SER E 5 -0.89 51.70 -12.95
CA SER E 5 0.05 50.79 -13.60
C SER E 5 0.33 49.57 -12.73
N ILE E 6 0.45 49.78 -11.42
CA ILE E 6 0.70 48.67 -10.50
C ILE E 6 -0.51 47.75 -10.45
N ILE E 7 -1.69 48.31 -10.22
CA ILE E 7 -2.92 47.51 -10.17
C ILE E 7 -3.11 46.75 -11.47
N GLY E 8 -2.83 47.39 -12.60
CA GLY E 8 -2.95 46.71 -13.88
C GLY E 8 -2.02 45.52 -14.00
N ARG E 9 -0.77 45.67 -13.55
CA ARG E 9 0.18 44.57 -13.66
C ARG E 9 -0.15 43.43 -12.71
N LEU E 10 -0.86 43.71 -11.62
CA LEU E 10 -1.25 42.65 -10.69
C LEU E 10 -2.39 41.82 -11.26
N LEU E 11 -3.36 42.47 -11.90
CA LEU E 11 -4.50 41.77 -12.48
C LEU E 11 -4.18 41.16 -13.85
N GLU E 12 -2.96 41.35 -14.35
CA GLU E 12 -2.60 40.80 -15.66
C GLU E 12 -2.63 39.28 -15.65
N VAL E 13 -2.29 38.66 -14.52
CA VAL E 13 -2.04 37.22 -14.46
C VAL E 13 -3.33 36.44 -14.28
N GLN E 14 -4.49 37.10 -14.41
CA GLN E 14 -5.74 36.36 -14.40
C GLN E 14 -5.79 35.42 -15.59
N GLY E 15 -6.31 34.22 -15.37
CA GLY E 15 -6.37 33.21 -16.41
C GLY E 15 -5.06 32.52 -16.72
N SER E 16 -3.95 32.97 -16.17
CA SER E 16 -2.68 32.27 -16.36
C SER E 16 -2.63 31.03 -15.46
N ARG E 17 -1.56 30.26 -15.62
CA ARG E 17 -1.38 29.05 -14.82
C ARG E 17 -1.28 29.44 -13.35
N PRO E 18 -2.08 28.83 -12.47
CA PRO E 18 -1.95 29.12 -11.03
C PRO E 18 -0.55 28.83 -10.53
N GLY E 19 0.01 29.79 -9.79
CA GLY E 19 1.36 29.70 -9.30
C GLY E 19 2.32 30.69 -9.92
N LYS E 20 1.91 31.40 -10.97
CA LYS E 20 2.79 32.38 -11.60
C LYS E 20 2.80 33.68 -10.81
N ASN E 21 3.98 34.29 -10.72
CA ASN E 21 4.22 35.41 -9.83
C ASN E 21 4.05 36.75 -10.54
N VAL E 22 4.01 37.81 -9.72
CA VAL E 22 4.15 39.18 -10.16
C VAL E 22 5.21 39.83 -9.29
N GLN E 23 6.25 40.39 -9.93
CA GLN E 23 7.36 41.01 -9.21
C GLN E 23 7.40 42.49 -9.55
N LEU E 24 6.96 43.32 -8.62
CA LEU E 24 7.07 44.76 -8.80
C LEU E 24 8.47 45.23 -8.41
N THR E 25 8.80 46.46 -8.77
CA THR E 25 10.10 47.01 -8.39
C THR E 25 10.12 47.29 -6.89
N GLU E 26 11.30 47.11 -6.29
CA GLU E 26 11.55 47.34 -4.87
C GLU E 26 10.98 48.69 -4.42
N ASN E 27 11.15 49.72 -5.25
CA ASN E 27 10.64 51.04 -4.88
C ASN E 27 9.12 51.10 -4.94
N GLU E 28 8.52 50.51 -5.98
CA GLU E 28 7.07 50.53 -6.10
C GLU E 28 6.39 49.97 -4.87
N ILE E 29 6.91 48.84 -4.35
CA ILE E 29 6.31 48.22 -3.17
C ILE E 29 6.50 49.12 -1.97
N ARG E 30 7.69 49.68 -1.80
CA ARG E 30 7.96 50.58 -0.68
C ARG E 30 7.03 51.80 -0.72
N GLY E 31 6.61 52.21 -1.91
CA GLY E 31 5.64 53.29 -2.00
C GLY E 31 4.29 52.90 -1.42
N LEU E 32 3.82 51.69 -1.75
CA LEU E 32 2.57 51.21 -1.19
C LEU E 32 2.62 51.17 0.33
N CYS E 33 3.74 50.70 0.89
CA CYS E 33 3.88 50.61 2.33
C CYS E 33 3.86 51.98 3.01
N LEU E 34 4.13 53.05 2.26
CA LEU E 34 4.07 54.39 2.82
C LEU E 34 2.73 55.05 2.54
N LYS E 35 2.29 55.04 1.29
CA LYS E 35 1.05 55.70 0.92
C LYS E 35 -0.14 55.09 1.66
N SER E 36 -0.16 53.77 1.82
CA SER E 36 -1.23 53.14 2.58
C SER E 36 -1.09 53.44 4.06
N ARG E 37 0.14 53.47 4.58
CA ARG E 37 0.36 53.69 6.01
C ARG E 37 -0.15 55.07 6.43
N GLU E 38 0.02 56.08 5.57
CA GLU E 38 -0.52 57.40 5.88
C GLU E 38 -2.04 57.36 5.98
N ILE E 39 -2.69 56.64 5.06
CA ILE E 39 -4.16 56.57 5.07
C ILE E 39 -4.65 55.86 6.31
N PHE E 40 -3.91 54.84 6.77
CA PHE E 40 -4.28 54.14 7.98
C PHE E 40 -4.20 55.04 9.20
N LEU E 41 -3.14 55.85 9.29
CA LEU E 41 -2.98 56.76 10.42
C LEU E 41 -3.96 57.93 10.38
N SER E 42 -4.49 58.26 9.20
CA SER E 42 -5.53 59.27 9.12
C SER E 42 -6.88 58.70 9.53
N GLN E 43 -7.25 57.56 8.97
CA GLN E 43 -8.55 56.97 9.26
C GLN E 43 -8.58 56.43 10.69
N PRO E 44 -9.77 56.28 11.28
CA PRO E 44 -9.85 55.87 12.68
C PRO E 44 -9.39 54.44 12.90
N ILE E 45 -8.89 54.18 14.12
CA ILE E 45 -8.50 52.83 14.49
C ILE E 45 -9.70 51.95 14.73
N LEU E 46 -10.87 52.54 14.99
CA LEU E 46 -12.14 51.81 15.06
C LEU E 46 -13.01 52.33 13.91
N LEU E 47 -13.02 51.60 12.81
CA LEU E 47 -13.66 52.06 11.59
C LEU E 47 -15.18 52.02 11.73
N GLU E 48 -15.81 53.19 11.66
CA GLU E 48 -17.26 53.28 11.53
C GLU E 48 -17.59 53.25 10.05
N LEU E 49 -18.27 52.19 9.60
CA LEU E 49 -18.54 51.98 8.19
C LEU E 49 -20.03 51.92 7.94
N GLU E 50 -20.41 52.09 6.68
CA GLU E 50 -21.80 51.99 6.25
C GLU E 50 -21.95 50.88 5.23
N ALA E 51 -23.00 50.08 5.37
CA ALA E 51 -23.42 49.19 4.31
C ALA E 51 -23.91 50.02 3.12
N PRO E 52 -23.92 49.46 1.90
CA PRO E 52 -23.58 48.10 1.48
C PRO E 52 -22.10 47.85 1.29
N LEU E 53 -21.66 46.63 1.59
CA LEU E 53 -20.27 46.22 1.43
C LEU E 53 -20.20 44.71 1.51
N LYS E 54 -19.02 44.18 1.24
CA LYS E 54 -18.72 42.76 1.39
C LYS E 54 -17.59 42.58 2.39
N ILE E 55 -17.61 41.45 3.10
CA ILE E 55 -16.64 41.16 4.14
C ILE E 55 -16.00 39.81 3.83
N CYS E 56 -14.66 39.76 3.88
CA CYS E 56 -13.92 38.55 3.61
C CYS E 56 -12.92 38.29 4.73
N GLY E 57 -12.70 37.01 5.02
CA GLY E 57 -11.85 36.62 6.13
C GLY E 57 -10.39 36.43 5.75
N ASP E 58 -9.83 35.30 6.14
CA ASP E 58 -8.43 35.01 5.87
C ASP E 58 -8.19 34.81 4.39
N ILE E 59 -7.01 35.23 3.92
CA ILE E 59 -6.54 34.99 2.56
C ILE E 59 -5.29 34.13 2.54
N HIS E 60 -4.29 34.48 3.37
CA HIS E 60 -3.12 33.64 3.61
C HIS E 60 -2.38 33.33 2.31
N GLY E 61 -2.00 34.37 1.58
CA GLY E 61 -1.15 34.24 0.43
C GLY E 61 -1.74 33.52 -0.76
N GLN E 62 -2.94 32.96 -0.65
CA GLN E 62 -3.57 32.25 -1.77
C GLN E 62 -4.13 33.29 -2.73
N TYR E 63 -3.24 33.80 -3.59
CA TYR E 63 -3.54 34.99 -4.38
C TYR E 63 -4.60 34.71 -5.44
N TYR E 64 -4.49 33.57 -6.13
CA TYR E 64 -5.45 33.28 -7.20
C TYR E 64 -6.85 33.07 -6.65
N ASP E 65 -6.98 32.56 -5.43
CA ASP E 65 -8.28 32.49 -4.78
C ASP E 65 -8.82 33.88 -4.52
N LEU E 66 -7.95 34.82 -4.15
CA LEU E 66 -8.37 36.21 -3.99
C LEU E 66 -8.80 36.81 -5.32
N LEU E 67 -8.14 36.42 -6.41
CA LEU E 67 -8.56 36.87 -7.73
C LEU E 67 -9.89 36.27 -8.14
N ARG E 68 -10.20 35.07 -7.64
CA ARG E 68 -11.53 34.51 -7.90
C ARG E 68 -12.60 35.22 -7.07
N LEU E 69 -12.24 35.74 -5.91
CA LEU E 69 -13.18 36.48 -5.08
C LEU E 69 -13.62 37.77 -5.79
N PHE E 70 -12.65 38.61 -6.13
CA PHE E 70 -12.95 39.86 -6.83
C PHE E 70 -13.68 39.61 -8.14
N GLU E 71 -13.24 38.60 -8.89
CA GLU E 71 -13.90 38.26 -10.14
C GLU E 71 -15.37 37.91 -9.91
N TYR E 72 -15.67 37.22 -8.81
CA TYR E 72 -17.04 36.83 -8.51
C TYR E 72 -17.81 37.95 -7.82
N GLY E 73 -17.17 38.66 -6.88
CA GLY E 73 -17.85 39.69 -6.14
C GLY E 73 -17.84 41.06 -6.80
N GLY E 74 -16.96 41.26 -7.76
CA GLY E 74 -16.82 42.55 -8.43
C GLY E 74 -15.56 43.28 -8.05
N PHE E 75 -14.78 43.69 -9.04
CA PHE E 75 -13.54 44.42 -8.77
C PHE E 75 -13.87 45.83 -8.28
N PRO E 76 -13.24 46.28 -7.18
CA PRO E 76 -13.48 47.61 -6.60
C PRO E 76 -13.31 48.74 -7.62
N PRO E 77 -14.06 49.84 -7.45
CA PRO E 77 -14.99 50.07 -6.36
C PRO E 77 -16.40 49.58 -6.65
N GLU E 78 -16.58 48.79 -7.73
CA GLU E 78 -17.89 48.25 -8.10
C GLU E 78 -18.57 47.65 -6.88
N SER E 79 -17.80 46.99 -6.03
CA SER E 79 -18.22 46.63 -4.70
C SER E 79 -17.24 47.22 -3.69
N ASN E 80 -17.74 47.53 -2.50
CA ASN E 80 -16.88 47.86 -1.38
C ASN E 80 -16.47 46.58 -0.67
N TYR E 81 -15.41 46.68 0.14
CA TYR E 81 -14.86 45.49 0.75
C TYR E 81 -14.25 45.80 2.12
N LEU E 82 -14.44 44.87 3.04
CA LEU E 82 -13.75 44.87 4.33
C LEU E 82 -13.03 43.54 4.49
N PHE E 83 -11.77 43.59 4.87
CA PHE E 83 -10.95 42.40 5.03
C PHE E 83 -10.50 42.27 6.47
N LEU E 84 -10.44 41.02 6.94
CA LEU E 84 -10.24 40.75 8.37
C LEU E 84 -8.90 40.07 8.64
N GLY E 85 -7.81 40.69 8.21
CA GLY E 85 -6.48 40.21 8.53
C GLY E 85 -6.12 38.88 7.86
N ASP E 86 -4.96 38.38 8.28
CA ASP E 86 -4.38 37.14 7.75
C ASP E 86 -4.26 37.21 6.23
N TYR E 87 -3.49 38.19 5.77
CA TYR E 87 -3.25 38.39 4.35
C TYR E 87 -2.03 37.65 3.85
N VAL E 88 -1.13 37.24 4.74
CA VAL E 88 0.14 36.63 4.34
C VAL E 88 0.26 35.23 4.93
N ASP E 89 1.44 34.63 4.77
CA ASP E 89 1.81 33.36 5.38
C ASP E 89 1.09 32.17 4.76
N ARG E 90 1.71 30.99 4.88
CA ARG E 90 1.14 29.70 4.47
C ARG E 90 0.93 29.60 2.95
N GLY E 91 0.40 30.65 2.34
CA GLY E 91 0.30 30.68 0.90
C GLY E 91 1.64 30.90 0.24
N LYS E 92 1.66 30.69 -1.08
CA LYS E 92 2.87 30.87 -1.85
C LYS E 92 3.05 32.30 -2.35
N GLN E 93 1.95 33.01 -2.57
CA GLN E 93 2.02 34.35 -3.17
C GLN E 93 1.51 35.41 -2.21
N SER E 94 2.16 35.53 -1.05
CA SER E 94 1.78 36.53 -0.06
C SER E 94 2.01 37.94 -0.57
N LEU E 95 3.10 38.15 -1.32
CA LEU E 95 3.40 39.48 -1.83
C LEU E 95 2.35 39.95 -2.82
N GLU E 96 1.97 39.09 -3.78
CA GLU E 96 0.94 39.44 -4.74
C GLU E 96 -0.38 39.74 -4.05
N THR E 97 -0.67 39.07 -2.93
CA THR E 97 -1.90 39.34 -2.20
C THR E 97 -1.85 40.71 -1.53
N ILE E 98 -0.88 40.92 -0.65
CA ILE E 98 -0.86 42.12 0.18
C ILE E 98 -0.71 43.39 -0.66
N CYS E 99 -0.01 43.29 -1.80
CA CYS E 99 0.17 44.47 -2.64
C CYS E 99 -1.15 44.90 -3.27
N LEU E 100 -1.87 43.96 -3.89
CA LEU E 100 -3.13 44.28 -4.55
C LEU E 100 -4.14 44.86 -3.57
N LEU E 101 -4.09 44.43 -2.31
CA LEU E 101 -4.97 44.99 -1.28
C LEU E 101 -4.53 46.40 -0.91
N LEU E 102 -3.26 46.56 -0.54
CA LEU E 102 -2.75 47.88 -0.16
C LEU E 102 -2.85 48.88 -1.32
N ALA E 103 -2.78 48.40 -2.56
CA ALA E 103 -2.93 49.29 -3.70
C ALA E 103 -4.37 49.78 -3.81
N TYR E 104 -5.35 48.86 -3.75
CA TYR E 104 -6.75 49.24 -3.77
C TYR E 104 -7.08 50.20 -2.63
N LYS E 105 -6.53 49.93 -1.44
CA LYS E 105 -6.72 50.81 -0.30
C LYS E 105 -6.34 52.25 -0.64
N ILE E 106 -5.15 52.43 -1.22
CA ILE E 106 -4.73 53.76 -1.63
C ILE E 106 -5.65 54.30 -2.72
N ARG E 107 -6.12 53.42 -3.61
CA ARG E 107 -6.93 53.87 -4.75
C ARG E 107 -8.31 54.33 -4.29
N TYR E 108 -8.96 53.54 -3.45
CA TYR E 108 -10.30 53.85 -2.94
C TYR E 108 -10.26 53.80 -1.42
N PRO E 109 -9.65 54.81 -0.79
CA PRO E 109 -9.51 54.77 0.68
C PRO E 109 -10.82 54.89 1.44
N GLU E 110 -11.91 55.27 0.78
CA GLU E 110 -13.21 55.36 1.45
C GLU E 110 -14.15 54.23 1.06
N ASN E 111 -13.77 53.39 0.08
CA ASN E 111 -14.60 52.28 -0.37
C ASN E 111 -13.87 50.94 -0.24
N PHE E 112 -12.80 50.90 0.56
CA PHE E 112 -11.96 49.71 0.66
C PHE E 112 -11.19 49.81 1.97
N PHE E 113 -11.37 48.82 2.85
CA PHE E 113 -10.79 48.87 4.19
C PHE E 113 -10.17 47.54 4.56
N LEU E 114 -9.04 47.60 5.26
CA LEU E 114 -8.27 46.41 5.63
C LEU E 114 -8.04 46.40 7.12
N LEU E 115 -8.56 45.39 7.80
CA LEU E 115 -8.32 45.24 9.23
C LEU E 115 -7.10 44.36 9.47
N ARG E 116 -6.58 44.44 10.70
CA ARG E 116 -5.38 43.71 11.07
C ARG E 116 -5.72 42.27 11.46
N GLY E 117 -4.73 41.39 11.28
CA GLY E 117 -4.82 40.02 11.73
C GLY E 117 -3.65 39.67 12.64
N ASN E 118 -3.69 38.47 13.18
CA ASN E 118 -2.62 38.03 14.04
C ASN E 118 -1.32 37.91 13.28
N HIS E 119 -1.40 37.49 12.02
CA HIS E 119 -0.22 37.29 11.20
C HIS E 119 0.41 38.58 10.72
N GLU E 120 -0.35 39.67 10.69
CA GLU E 120 0.18 40.99 10.32
C GLU E 120 0.98 41.55 11.49
N CYS E 121 2.04 40.82 11.83
CA CYS E 121 2.85 41.07 13.01
C CYS E 121 4.19 40.39 12.80
N ALA E 122 5.28 41.14 13.03
CA ALA E 122 6.61 40.67 12.66
C ALA E 122 6.90 39.27 13.19
N SER E 123 6.61 39.04 14.47
CA SER E 123 6.96 37.77 15.10
C SER E 123 6.28 36.58 14.43
N ILE E 124 5.04 36.77 13.96
CA ILE E 124 4.31 35.67 13.34
C ILE E 124 4.76 35.44 11.91
N ASN E 125 4.64 36.47 11.07
CA ASN E 125 4.98 36.33 9.66
C ASN E 125 6.46 36.05 9.44
N ARG E 126 7.31 36.33 10.44
CA ARG E 126 8.69 35.89 10.38
C ARG E 126 8.76 34.36 10.30
N ILE E 127 7.83 33.69 10.94
CA ILE E 127 7.88 32.23 11.07
C ILE E 127 7.18 31.54 9.91
N TYR E 128 6.01 32.02 9.50
CA TYR E 128 5.10 31.25 8.66
C TYR E 128 5.24 31.52 7.17
N GLY E 129 6.27 32.24 6.75
CA GLY E 129 6.58 32.28 5.33
C GLY E 129 6.77 33.64 4.69
N PHE E 130 6.13 34.67 5.22
CA PHE E 130 6.24 36.00 4.59
C PHE E 130 7.67 36.52 4.66
N TYR E 131 8.39 36.20 5.73
CA TYR E 131 9.78 36.63 5.85
C TYR E 131 10.65 35.93 4.82
N ASP E 132 10.48 34.61 4.67
CA ASP E 132 11.23 33.87 3.66
C ASP E 132 10.89 34.34 2.26
N GLU E 133 9.65 34.78 2.03
CA GLU E 133 9.23 35.23 0.71
C GLU E 133 9.75 36.63 0.41
N CYS E 134 9.94 37.47 1.43
CA CYS E 134 10.50 38.81 1.20
C CYS E 134 12.01 38.76 1.01
N LYS E 135 12.69 37.91 1.80
CA LYS E 135 14.14 37.76 1.65
C LYS E 135 14.48 37.16 0.30
N ARG E 136 13.70 36.16 -0.13
CA ARG E 136 13.99 35.46 -1.38
C ARG E 136 13.78 36.37 -2.59
N ARG E 137 12.56 36.87 -2.76
CA ARG E 137 12.22 37.67 -3.93
C ARG E 137 12.77 39.09 -3.85
N TYR E 138 13.05 39.59 -2.65
CA TYR E 138 13.65 40.91 -2.50
C TYR E 138 14.75 40.87 -1.46
N ASN E 139 14.59 41.59 -0.35
CA ASN E 139 15.62 41.65 0.68
C ASN E 139 14.97 41.70 2.06
N ILE E 140 15.77 42.04 3.06
CA ILE E 140 15.30 42.03 4.45
C ILE E 140 14.57 43.32 4.79
N LYS E 141 15.19 44.46 4.49
CA LYS E 141 14.63 45.74 4.93
C LYS E 141 13.22 45.97 4.39
N LEU E 142 12.92 45.46 3.20
CA LEU E 142 11.57 45.57 2.67
C LEU E 142 10.57 44.92 3.61
N TRP E 143 10.93 43.78 4.21
CA TRP E 143 10.08 43.16 5.23
C TRP E 143 9.94 44.07 6.43
N LYS E 144 11.03 44.75 6.82
CA LYS E 144 10.95 45.69 7.94
C LYS E 144 10.05 46.86 7.60
N THR E 145 10.05 47.29 6.34
CA THR E 145 9.10 48.30 5.90
C THR E 145 7.68 47.76 5.97
N PHE E 146 7.48 46.52 5.50
CA PHE E 146 6.18 45.88 5.62
C PHE E 146 5.73 45.81 7.08
N THR E 147 6.65 45.47 7.98
CA THR E 147 6.33 45.46 9.41
C THR E 147 5.91 46.85 9.87
N ASP E 148 6.67 47.87 9.47
CA ASP E 148 6.33 49.24 9.87
C ASP E 148 4.97 49.66 9.34
N CYS E 149 4.58 49.15 8.17
CA CYS E 149 3.25 49.44 7.64
C CYS E 149 2.17 48.67 8.37
N PHE E 150 2.44 47.41 8.73
CA PHE E 150 1.46 46.59 9.43
C PHE E 150 1.11 47.21 10.78
N ASN E 151 2.10 47.73 11.50
CA ASN E 151 1.93 48.29 12.83
C ASN E 151 0.77 49.28 12.89
N CYS E 152 0.59 50.05 11.83
CA CYS E 152 -0.40 51.12 11.80
C CYS E 152 -1.74 50.69 11.22
N LEU E 153 -2.02 49.38 11.21
CA LEU E 153 -3.28 48.91 10.66
C LEU E 153 -4.44 49.20 11.63
N PRO E 154 -5.66 49.30 11.11
CA PRO E 154 -6.82 49.40 11.99
C PRO E 154 -7.24 48.04 12.53
N ILE E 155 -7.82 48.06 13.72
CA ILE E 155 -8.04 46.84 14.51
C ILE E 155 -9.42 46.25 14.23
N ALA E 156 -10.46 47.03 14.51
CA ALA E 156 -11.84 46.54 14.38
C ALA E 156 -12.70 47.61 13.70
N ALA E 157 -13.91 47.22 13.33
CA ALA E 157 -14.84 48.09 12.64
C ALA E 157 -16.27 47.82 13.13
N ILE E 158 -17.17 48.76 12.84
CA ILE E 158 -18.58 48.66 13.22
C ILE E 158 -19.41 49.11 12.02
N VAL E 159 -20.19 48.18 11.45
CA VAL E 159 -21.00 48.47 10.28
C VAL E 159 -22.38 48.90 10.74
N ASP E 160 -22.68 50.20 10.60
CA ASP E 160 -24.01 50.75 10.86
C ASP E 160 -24.48 50.44 12.28
N GLU E 161 -23.56 50.60 13.24
CA GLU E 161 -23.83 50.52 14.68
C GLU E 161 -24.37 49.16 15.11
N LYS E 162 -24.40 48.16 14.23
CA LYS E 162 -24.99 46.87 14.53
C LYS E 162 -23.98 45.72 14.43
N ILE E 163 -23.23 45.65 13.35
CA ILE E 163 -22.26 44.58 13.15
C ILE E 163 -20.92 45.01 13.75
N PHE E 164 -20.22 44.06 14.36
CA PHE E 164 -18.92 44.28 14.97
C PHE E 164 -17.91 43.34 14.31
N CYS E 165 -16.89 43.89 13.66
CA CYS E 165 -15.97 43.13 12.83
C CYS E 165 -14.56 43.22 13.41
N CYS E 166 -14.02 42.09 13.83
CA CYS E 166 -12.62 41.97 14.21
C CYS E 166 -12.12 40.60 13.77
N HIS E 167 -10.80 40.42 13.77
CA HIS E 167 -10.22 39.19 13.24
C HIS E 167 -10.54 37.99 14.13
N GLY E 168 -10.12 38.05 15.38
CA GLY E 168 -10.30 36.92 16.30
C GLY E 168 -11.65 36.90 16.98
N GLY E 169 -11.79 37.67 18.06
CA GLY E 169 -13.03 37.71 18.81
C GLY E 169 -13.02 38.72 19.95
N LEU E 170 -13.67 38.37 21.05
CA LEU E 170 -13.84 39.29 22.17
C LEU E 170 -12.65 39.20 23.13
N SER E 171 -12.62 40.12 24.09
CA SER E 171 -11.61 40.17 25.13
C SER E 171 -12.29 40.51 26.44
N PRO E 172 -11.84 39.91 27.55
CA PRO E 172 -12.44 40.24 28.85
C PRO E 172 -12.21 41.68 29.26
N ASP E 173 -11.09 42.28 28.87
CA ASP E 173 -10.77 43.67 29.20
C ASP E 173 -11.60 44.65 28.40
N LEU E 174 -12.46 44.20 27.49
CA LEU E 174 -13.25 45.08 26.64
C LEU E 174 -14.62 45.28 27.27
N GLN E 175 -14.86 46.49 27.79
CA GLN E 175 -16.17 46.87 28.29
C GLN E 175 -16.75 48.08 27.57
N SER E 176 -15.91 48.97 27.05
CA SER E 176 -16.35 50.15 26.34
C SER E 176 -15.62 50.25 25.01
N MET E 177 -16.28 50.88 24.03
CA MET E 177 -15.66 51.09 22.74
C MET E 177 -14.55 52.12 22.79
N GLU E 178 -14.57 53.01 23.79
CA GLU E 178 -13.56 54.06 23.88
C GLU E 178 -12.17 53.51 24.09
N GLN E 179 -12.04 52.36 24.76
CA GLN E 179 -10.72 51.77 24.98
C GLN E 179 -10.03 51.46 23.66
N ILE E 180 -10.79 50.95 22.69
CA ILE E 180 -10.20 50.64 21.38
C ILE E 180 -9.66 51.91 20.73
N ARG E 181 -10.46 52.99 20.76
CA ARG E 181 -10.04 54.24 20.13
C ARG E 181 -8.79 54.82 20.79
N ARG E 182 -8.60 54.54 22.09
CA ARG E 182 -7.44 55.06 22.81
C ARG E 182 -6.14 54.34 22.43
N ILE E 183 -6.21 53.29 21.63
CA ILE E 183 -5.02 52.56 21.22
C ILE E 183 -4.25 53.38 20.19
N MET E 184 -2.96 53.59 20.44
CA MET E 184 -2.11 54.39 19.57
C MET E 184 -1.47 53.55 18.47
N ARG E 185 -1.05 54.24 17.42
CA ARG E 185 -0.30 53.63 16.33
C ARG E 185 0.91 54.52 16.03
N PRO E 186 2.04 53.93 15.59
CA PRO E 186 2.29 52.52 15.30
C PRO E 186 2.35 51.66 16.57
N THR E 187 2.23 50.34 16.42
CA THR E 187 2.16 49.47 17.57
C THR E 187 2.50 48.04 17.18
N ASP E 188 3.20 47.35 18.07
CA ASP E 188 3.40 45.91 18.00
C ASP E 188 2.38 45.23 18.89
N VAL E 189 2.00 44.01 18.51
CA VAL E 189 0.97 43.27 19.25
C VAL E 189 1.55 42.73 20.56
N PRO E 190 1.03 43.15 21.70
CA PRO E 190 1.46 42.57 22.97
C PRO E 190 0.93 41.16 23.15
N ASP E 191 1.73 40.33 23.82
CA ASP E 191 1.38 38.92 23.97
C ASP E 191 0.11 38.71 24.79
N GLN E 192 -0.32 39.71 25.54
CA GLN E 192 -1.49 39.59 26.40
C GLN E 192 -2.25 40.92 26.43
N GLY E 193 -3.55 40.83 26.67
CA GLY E 193 -4.38 42.00 26.85
C GLY E 193 -5.45 42.10 25.79
N LEU E 194 -6.07 43.28 25.73
CA LEU E 194 -7.20 43.52 24.83
C LEU E 194 -6.80 43.29 23.37
N LEU E 195 -5.81 44.05 22.89
CA LEU E 195 -5.43 44.00 21.48
C LEU E 195 -5.05 42.59 21.05
N CYS E 196 -4.41 41.82 21.94
CA CYS E 196 -4.04 40.45 21.62
C CYS E 196 -5.27 39.59 21.41
N ASP E 197 -6.26 39.70 22.30
CA ASP E 197 -7.42 38.82 22.24
C ASP E 197 -8.31 39.13 21.05
N LEU E 198 -8.32 40.40 20.59
CA LEU E 198 -9.11 40.75 19.41
C LEU E 198 -8.62 40.05 18.15
N LEU E 199 -7.38 39.56 18.15
CA LEU E 199 -6.78 38.94 16.98
C LEU E 199 -6.46 37.46 17.18
N TRP E 200 -6.78 36.90 18.35
CA TRP E 200 -6.38 35.53 18.66
C TRP E 200 -7.51 34.70 19.27
N SER E 201 -8.47 35.35 19.92
CA SER E 201 -9.50 34.63 20.63
C SER E 201 -10.43 33.88 19.67
N ASP E 202 -11.08 32.84 20.20
CA ASP E 202 -11.90 31.95 19.41
C ASP E 202 -13.21 31.66 20.14
N PRO E 203 -14.31 31.51 19.41
CA PRO E 203 -15.55 31.04 20.05
C PRO E 203 -15.43 29.57 20.43
N ASP E 204 -16.02 29.22 21.57
CA ASP E 204 -15.96 27.86 22.11
C ASP E 204 -17.36 27.38 22.40
N LYS E 205 -17.77 26.29 21.74
CA LYS E 205 -19.08 25.70 21.99
C LYS E 205 -19.18 25.17 23.42
N ASP E 206 -18.14 24.49 23.89
CA ASP E 206 -18.23 23.76 25.15
C ASP E 206 -18.10 24.67 26.36
N VAL E 207 -17.35 25.76 26.25
CA VAL E 207 -17.23 26.71 27.35
C VAL E 207 -18.40 27.67 27.32
N GLN E 208 -18.84 28.11 28.50
CA GLN E 208 -19.86 29.14 28.63
C GLN E 208 -19.27 30.51 28.92
N GLY E 209 -18.44 30.62 29.97
CA GLY E 209 -17.78 31.86 30.27
C GLY E 209 -16.53 32.06 29.44
N TRP E 210 -15.39 32.21 30.11
CA TRP E 210 -14.10 32.33 29.45
C TRP E 210 -13.23 31.13 29.80
N GLY E 211 -12.43 30.69 28.83
CA GLY E 211 -11.57 29.55 29.04
C GLY E 211 -10.22 29.76 28.37
N GLU E 212 -9.27 28.91 28.77
CA GLU E 212 -7.95 28.94 28.16
C GLU E 212 -8.06 28.57 26.68
N ASN E 213 -7.22 29.19 25.87
CA ASN E 213 -7.20 28.93 24.43
C ASN E 213 -6.10 27.93 24.13
N ASP E 214 -6.43 26.91 23.34
CA ASP E 214 -5.46 25.88 22.99
C ASP E 214 -4.29 26.42 22.20
N ARG E 215 -4.44 27.60 21.58
CA ARG E 215 -3.32 28.24 20.91
C ARG E 215 -2.19 28.62 21.85
N GLY E 216 -2.40 28.49 23.16
CA GLY E 216 -1.43 28.97 24.12
C GLY E 216 -1.42 30.48 24.30
N VAL E 217 -2.35 31.19 23.67
CA VAL E 217 -2.42 32.63 23.68
C VAL E 217 -3.90 33.04 23.69
N SER E 218 -4.22 34.09 24.45
CA SER E 218 -5.56 34.65 24.54
C SER E 218 -6.54 33.66 25.18
N PHE E 219 -7.82 33.78 24.87
CA PHE E 219 -8.85 33.00 25.55
C PHE E 219 -9.90 32.52 24.57
N THR E 220 -10.68 31.55 25.02
CA THR E 220 -11.92 31.15 24.37
C THR E 220 -13.10 31.83 25.05
N PHE E 221 -14.26 31.78 24.39
CA PHE E 221 -15.47 32.36 24.97
C PHE E 221 -16.68 31.58 24.48
N GLY E 222 -17.74 31.59 25.28
CA GLY E 222 -18.92 30.81 25.00
C GLY E 222 -20.06 31.64 24.44
N ALA E 223 -21.15 30.94 24.12
CA ALA E 223 -22.34 31.57 23.54
C ALA E 223 -22.92 32.63 24.47
N GLU E 224 -22.78 32.44 25.79
CA GLU E 224 -23.32 33.41 26.74
C GLU E 224 -22.55 34.72 26.69
N VAL E 225 -21.23 34.66 26.49
CA VAL E 225 -20.43 35.87 26.38
C VAL E 225 -20.84 36.67 25.16
N VAL E 226 -21.25 35.98 24.09
CA VAL E 226 -21.72 36.68 22.89
C VAL E 226 -23.05 37.37 23.15
N ALA E 227 -23.93 36.74 23.94
CA ALA E 227 -25.25 37.31 24.17
C ALA E 227 -25.17 38.58 25.01
N LYS E 228 -24.29 38.61 26.01
CA LYS E 228 -24.19 39.77 26.89
C LYS E 228 -23.55 40.95 26.16
N PHE E 229 -22.52 40.69 25.35
CA PHE E 229 -21.80 41.77 24.69
C PHE E 229 -22.66 42.46 23.64
N LEU E 230 -23.43 41.69 22.87
CA LEU E 230 -24.30 42.28 21.86
C LEU E 230 -25.36 43.17 22.48
N HIS E 231 -25.88 42.77 23.65
CA HIS E 231 -26.93 43.54 24.30
C HIS E 231 -26.37 44.84 24.90
N LYS E 232 -25.22 44.75 25.57
CA LYS E 232 -24.68 45.92 26.25
C LYS E 232 -24.35 47.04 25.27
N HIS E 233 -23.89 46.69 24.07
CA HIS E 233 -23.51 47.67 23.07
C HIS E 233 -24.54 47.83 21.97
N ASP E 234 -25.73 47.24 22.14
CA ASP E 234 -26.83 47.36 21.17
C ASP E 234 -26.38 46.92 19.78
N LEU E 235 -25.90 45.68 19.71
CA LEU E 235 -25.40 45.10 18.48
C LEU E 235 -26.21 43.86 18.13
N ASP E 236 -26.17 43.48 16.86
CA ASP E 236 -26.91 42.34 16.35
C ASP E 236 -26.04 41.16 15.99
N LEU E 237 -24.83 41.40 15.46
CA LEU E 237 -23.98 40.34 14.94
C LEU E 237 -22.53 40.64 15.25
N ILE E 238 -21.73 39.58 15.37
CA ILE E 238 -20.27 39.66 15.44
C ILE E 238 -19.70 38.90 14.26
N CYS E 239 -18.81 39.54 13.50
CA CYS E 239 -18.22 38.95 12.31
C CYS E 239 -16.71 38.83 12.50
N ARG E 240 -16.17 37.65 12.24
CA ARG E 240 -14.75 37.39 12.45
C ARG E 240 -14.29 36.30 11.50
N ALA E 241 -13.00 35.98 11.58
CA ALA E 241 -12.38 34.97 10.73
C ALA E 241 -11.50 34.04 11.54
N HIS E 242 -10.19 34.08 11.32
CA HIS E 242 -9.19 33.47 12.17
C HIS E 242 -9.16 31.94 12.10
N GLN E 243 -10.31 31.29 11.99
CA GLN E 243 -10.41 29.84 12.01
C GLN E 243 -11.07 29.33 10.75
N VAL E 244 -10.51 28.25 10.19
CA VAL E 244 -11.06 27.66 8.97
C VAL E 244 -12.41 27.03 9.27
N VAL E 245 -13.27 27.00 8.26
CA VAL E 245 -14.60 26.41 8.37
C VAL E 245 -14.92 25.70 7.05
N GLU E 246 -15.71 24.63 7.14
CA GLU E 246 -15.90 23.74 6.00
C GLU E 246 -16.62 24.45 4.86
N ASP E 247 -17.67 25.18 5.17
CA ASP E 247 -18.47 25.85 4.15
C ASP E 247 -18.00 27.27 3.86
N GLY E 248 -16.92 27.74 4.48
CA GLY E 248 -16.49 29.11 4.38
C GLY E 248 -17.18 30.04 5.37
N TYR E 249 -18.44 29.77 5.70
CA TYR E 249 -19.14 30.43 6.79
C TYR E 249 -19.50 29.39 7.85
N GLU E 250 -19.74 29.89 9.07
CA GLU E 250 -20.14 29.01 10.16
C GLU E 250 -20.72 29.81 11.31
N PHE E 251 -22.01 29.65 11.57
CA PHE E 251 -22.68 30.42 12.60
C PHE E 251 -22.31 29.88 13.98
N PHE E 252 -22.60 30.71 14.99
CA PHE E 252 -22.32 30.37 16.38
C PHE E 252 -23.35 31.07 17.26
N ALA E 253 -23.82 30.35 18.29
CA ALA E 253 -24.74 30.91 19.28
C ALA E 253 -26.03 31.40 18.63
N LYS E 254 -26.65 30.50 17.86
CA LYS E 254 -27.91 30.79 17.16
C LYS E 254 -27.78 32.04 16.30
N ARG E 255 -26.88 31.97 15.32
CA ARG E 255 -26.65 33.03 14.35
C ARG E 255 -26.27 34.37 14.99
N GLN E 256 -25.82 34.37 16.24
CA GLN E 256 -25.30 35.59 16.85
C GLN E 256 -23.89 35.93 16.36
N LEU E 257 -23.10 34.92 16.01
CA LEU E 257 -21.75 35.13 15.51
C LEU E 257 -21.52 34.29 14.26
N VAL E 258 -20.71 34.81 13.35
CA VAL E 258 -20.36 34.10 12.14
C VAL E 258 -18.84 34.14 11.96
N THR E 259 -18.26 33.02 11.53
CA THR E 259 -16.85 32.95 11.20
C THR E 259 -16.71 32.88 9.68
N LEU E 260 -15.89 33.76 9.13
CA LEU E 260 -15.63 33.81 7.70
C LEU E 260 -14.24 33.29 7.39
N PHE E 261 -14.10 32.69 6.20
CA PHE E 261 -12.81 32.16 5.76
C PHE E 261 -12.86 32.06 4.24
N SER E 262 -12.09 32.92 3.57
CA SER E 262 -12.18 33.07 2.12
C SER E 262 -11.03 32.39 1.39
N ALA E 263 -10.52 31.27 1.93
CA ALA E 263 -9.38 30.56 1.36
C ALA E 263 -9.78 29.12 1.06
N PRO E 264 -10.21 28.82 -0.16
CA PRO E 264 -10.52 27.42 -0.52
C PRO E 264 -9.27 26.57 -0.48
N ASN E 265 -9.45 25.31 -0.06
CA ASN E 265 -8.36 24.36 0.14
C ASN E 265 -7.21 24.99 0.93
N TYR E 266 -7.52 25.31 2.18
CA TYR E 266 -6.59 26.00 3.08
C TYR E 266 -5.21 25.34 3.05
N CYS E 267 -4.25 26.06 2.49
CA CYS E 267 -2.86 25.61 2.33
C CYS E 267 -2.76 24.14 1.92
N GLY E 268 -3.63 23.76 0.98
CA GLY E 268 -3.55 22.45 0.35
C GLY E 268 -3.70 21.28 1.28
N GLU E 269 -4.22 21.48 2.49
CA GLU E 269 -4.42 20.40 3.44
C GLU E 269 -5.86 20.34 3.92
N PHE E 270 -6.77 20.97 3.19
CA PHE E 270 -8.20 20.87 3.43
C PHE E 270 -8.92 20.94 2.10
N ASP E 271 -10.17 20.46 2.08
CA ASP E 271 -11.06 20.61 0.94
C ASP E 271 -12.12 21.68 1.19
N ASN E 272 -11.81 22.66 2.05
CA ASN E 272 -12.80 23.61 2.54
C ASN E 272 -13.22 24.57 1.43
N ALA E 273 -14.25 25.34 1.73
CA ALA E 273 -14.80 26.35 0.84
C ALA E 273 -14.48 27.73 1.36
N GLY E 274 -14.46 28.70 0.45
CA GLY E 274 -14.26 30.10 0.79
C GLY E 274 -15.55 30.88 0.59
N ALA E 275 -15.98 31.57 1.64
CA ALA E 275 -17.24 32.31 1.63
C ALA E 275 -16.99 33.81 1.74
N MET E 276 -18.05 34.57 1.55
CA MET E 276 -17.98 36.03 1.52
C MET E 276 -19.38 36.57 1.78
N MET E 277 -19.53 37.33 2.86
CA MET E 277 -20.84 37.77 3.33
C MET E 277 -21.19 39.10 2.68
N SER E 278 -22.05 39.05 1.66
CA SER E 278 -22.57 40.26 1.04
C SER E 278 -23.67 40.85 1.92
N VAL E 279 -23.53 42.13 2.25
CA VAL E 279 -24.47 42.84 3.11
C VAL E 279 -24.96 44.06 2.34
N ASP E 280 -26.26 44.07 2.02
CA ASP E 280 -26.83 45.16 1.22
C ASP E 280 -27.16 46.34 2.13
N GLU E 281 -27.92 47.30 1.58
CA GLU E 281 -28.18 48.57 2.25
C GLU E 281 -29.01 48.41 3.53
N THR E 282 -29.75 47.32 3.67
CA THR E 282 -30.70 47.15 4.77
C THR E 282 -30.16 46.28 5.89
N LEU E 283 -28.88 45.95 5.87
CA LEU E 283 -28.27 45.04 6.85
C LEU E 283 -28.90 43.65 6.79
N MET E 284 -29.19 43.19 5.57
CA MET E 284 -29.52 41.80 5.30
C MET E 284 -28.32 41.15 4.65
N CYS E 285 -27.86 40.03 5.22
CA CYS E 285 -26.57 39.44 4.87
C CYS E 285 -26.78 38.07 4.26
N SER E 286 -26.30 37.90 3.02
CA SER E 286 -26.26 36.61 2.36
C SER E 286 -24.82 36.25 2.02
N PHE E 287 -24.59 34.97 1.72
CA PHE E 287 -23.25 34.44 1.55
C PHE E 287 -22.98 34.04 0.10
N GLN E 288 -21.77 34.33 -0.36
CA GLN E 288 -21.28 33.91 -1.66
C GLN E 288 -20.07 33.00 -1.44
N ILE E 289 -20.19 31.74 -1.87
CA ILE E 289 -19.24 30.70 -1.51
C ILE E 289 -18.43 30.29 -2.73
N LEU E 290 -17.12 30.14 -2.54
CA LEU E 290 -16.24 29.54 -3.53
C LEU E 290 -15.95 28.10 -3.14
N LYS E 291 -15.63 27.26 -4.12
CA LYS E 291 -15.36 25.86 -3.83
C LYS E 291 -14.59 25.22 -4.97
N PRO E 292 -13.63 24.32 -4.68
CA PRO E 292 -12.93 23.61 -5.76
C PRO E 292 -13.74 22.47 -6.34
N ALA E 293 -13.08 21.61 -7.12
CA ALA E 293 -13.72 20.44 -7.69
C ALA E 293 -13.20 19.16 -7.03
N LEU F 1 -0.07 -46.53 -17.12
CA LEU F 1 -0.22 -45.08 -17.02
C LEU F 1 -0.59 -44.69 -15.59
N ASN F 2 0.29 -43.89 -14.97
CA ASN F 2 0.02 -43.36 -13.64
C ASN F 2 -0.79 -42.08 -13.78
N LEU F 3 -2.10 -42.28 -13.98
CA LEU F 3 -2.97 -41.18 -14.41
C LEU F 3 -3.41 -40.31 -13.25
N ASP F 4 -3.97 -40.92 -12.19
CA ASP F 4 -4.48 -40.16 -11.06
C ASP F 4 -3.39 -39.34 -10.37
N SER F 5 -2.12 -39.69 -10.58
CA SER F 5 -1.03 -38.83 -10.13
C SER F 5 -0.88 -37.62 -11.03
N ILE F 6 -1.05 -37.80 -12.33
CA ILE F 6 -0.95 -36.68 -13.28
C ILE F 6 -2.08 -35.69 -13.04
N ILE F 7 -3.31 -36.18 -12.95
CA ILE F 7 -4.47 -35.31 -12.72
C ILE F 7 -4.29 -34.54 -11.42
N GLY F 8 -3.72 -35.19 -10.40
CA GLY F 8 -3.52 -34.51 -9.12
C GLY F 8 -2.59 -33.32 -9.24
N ARG F 9 -1.44 -33.51 -9.89
CA ARG F 9 -0.47 -32.42 -9.99
C ARG F 9 -1.00 -31.26 -10.83
N LEU F 10 -1.87 -31.55 -11.80
CA LEU F 10 -2.41 -30.48 -12.64
C LEU F 10 -3.35 -29.58 -11.85
N LEU F 11 -4.21 -30.16 -11.02
CA LEU F 11 -5.15 -29.40 -10.21
C LEU F 11 -4.51 -28.78 -8.98
N GLU F 12 -3.22 -29.04 -8.74
CA GLU F 12 -2.56 -28.54 -7.54
C GLU F 12 -2.48 -27.03 -7.53
N VAL F 13 -2.50 -26.40 -8.71
CA VAL F 13 -2.28 -24.96 -8.84
C VAL F 13 -3.61 -24.21 -8.79
N GLN F 14 -4.56 -24.74 -8.05
CA GLN F 14 -5.84 -24.08 -7.94
C GLN F 14 -5.83 -22.90 -7.00
N GLY F 15 -6.21 -21.74 -7.50
CA GLY F 15 -6.34 -20.58 -6.64
C GLY F 15 -5.06 -19.87 -6.28
N SER F 16 -3.94 -20.24 -6.89
CA SER F 16 -2.72 -19.47 -6.69
C SER F 16 -2.71 -18.29 -7.66
N ARG F 17 -1.67 -17.45 -7.54
CA ARG F 17 -1.58 -16.27 -8.40
C ARG F 17 -1.49 -16.71 -9.86
N PRO F 18 -2.35 -16.19 -10.74
CA PRO F 18 -2.29 -16.58 -12.15
C PRO F 18 -0.92 -16.30 -12.75
N GLY F 19 -0.48 -17.18 -13.64
CA GLY F 19 0.86 -17.15 -14.19
C GLY F 19 1.72 -18.33 -13.79
N LYS F 20 1.21 -19.25 -12.98
CA LYS F 20 1.95 -20.44 -12.60
C LYS F 20 1.76 -21.54 -13.63
N ASN F 21 2.76 -22.40 -13.75
CA ASN F 21 2.78 -23.46 -14.75
C ASN F 21 2.76 -24.83 -14.07
N VAL F 22 2.58 -25.85 -14.91
CA VAL F 22 2.71 -27.25 -14.50
C VAL F 22 3.53 -27.95 -15.58
N GLN F 23 4.66 -28.54 -15.19
CA GLN F 23 5.57 -29.19 -16.11
C GLN F 23 5.63 -30.67 -15.78
N LEU F 24 5.00 -31.49 -16.62
CA LEU F 24 5.08 -32.93 -16.49
C LEU F 24 6.28 -33.45 -17.28
N THR F 25 6.75 -34.63 -16.90
CA THR F 25 7.82 -35.27 -17.64
C THR F 25 7.31 -35.62 -19.05
N GLU F 26 8.19 -35.45 -20.03
CA GLU F 26 7.77 -35.65 -21.43
C GLU F 26 7.19 -37.05 -21.64
N ASN F 27 7.72 -38.06 -20.93
CA ASN F 27 7.16 -39.40 -21.06
C ASN F 27 5.71 -39.43 -20.57
N GLU F 28 5.43 -38.78 -19.44
CA GLU F 28 4.06 -38.68 -18.95
C GLU F 28 3.17 -38.05 -20.02
N ILE F 29 3.63 -36.95 -20.61
CA ILE F 29 2.86 -36.28 -21.65
C ILE F 29 2.74 -37.18 -22.87
N ARG F 30 3.86 -37.74 -23.33
CA ARG F 30 3.83 -38.62 -24.50
C ARG F 30 2.89 -39.80 -24.29
N GLY F 31 2.78 -40.29 -23.05
CA GLY F 31 1.82 -41.32 -22.76
C GLY F 31 0.38 -40.87 -22.97
N LEU F 32 0.07 -39.64 -22.57
CA LEU F 32 -1.25 -39.09 -22.80
C LEU F 32 -1.57 -39.02 -24.29
N CYS F 33 -0.57 -38.70 -25.11
CA CYS F 33 -0.78 -38.58 -26.54
C CYS F 33 -1.07 -39.92 -27.20
N LEU F 34 -0.79 -41.04 -26.52
CA LEU F 34 -1.04 -42.37 -27.08
C LEU F 34 -2.31 -42.99 -26.55
N LYS F 35 -2.46 -43.04 -25.22
CA LYS F 35 -3.64 -43.68 -24.63
C LYS F 35 -4.92 -42.95 -24.99
N SER F 36 -4.86 -41.62 -25.12
CA SER F 36 -6.02 -40.89 -25.62
C SER F 36 -6.21 -41.10 -27.11
N ARG F 37 -5.13 -41.19 -27.87
CA ARG F 37 -5.22 -41.42 -29.31
C ARG F 37 -5.87 -42.77 -29.61
N GLU F 38 -5.56 -43.79 -28.81
CA GLU F 38 -6.20 -45.09 -28.98
C GLU F 38 -7.70 -44.99 -28.73
N ILE F 39 -8.10 -44.27 -27.67
CA ILE F 39 -9.51 -44.14 -27.34
C ILE F 39 -10.25 -43.37 -28.43
N PHE F 40 -9.58 -42.39 -29.05
CA PHE F 40 -10.17 -41.67 -30.17
C PHE F 40 -10.42 -42.60 -31.35
N LEU F 41 -9.42 -43.41 -31.70
CA LEU F 41 -9.54 -44.32 -32.83
C LEU F 41 -10.53 -45.44 -32.57
N SER F 42 -10.85 -45.71 -31.31
CA SER F 42 -11.84 -46.73 -31.01
C SER F 42 -13.25 -46.15 -31.04
N GLN F 43 -13.43 -44.94 -30.55
CA GLN F 43 -14.74 -44.31 -30.51
C GLN F 43 -15.09 -43.72 -31.87
N PRO F 44 -16.39 -43.58 -32.16
CA PRO F 44 -16.80 -43.12 -33.50
C PRO F 44 -16.33 -41.71 -33.81
N ILE F 45 -16.05 -41.47 -35.10
CA ILE F 45 -15.70 -40.13 -35.54
C ILE F 45 -16.89 -39.20 -35.48
N LEU F 46 -18.11 -39.74 -35.49
CA LEU F 46 -19.32 -38.99 -35.23
C LEU F 46 -19.90 -39.54 -33.93
N LEU F 47 -19.74 -38.79 -32.84
CA LEU F 47 -20.08 -39.29 -31.51
C LEU F 47 -21.58 -39.25 -31.30
N GLU F 48 -22.13 -40.38 -30.85
CA GLU F 48 -23.52 -40.45 -30.40
C GLU F 48 -23.53 -40.34 -28.88
N LEU F 49 -24.10 -39.25 -28.37
CA LEU F 49 -24.05 -38.94 -26.95
C LEU F 49 -25.45 -38.78 -26.39
N GLU F 50 -25.58 -39.06 -25.10
CA GLU F 50 -26.84 -38.91 -24.38
C GLU F 50 -26.70 -37.82 -23.32
N ALA F 51 -27.73 -36.99 -23.21
CA ALA F 51 -27.83 -36.06 -22.10
C ALA F 51 -27.99 -36.86 -20.80
N PRO F 52 -27.69 -36.26 -19.64
CA PRO F 52 -27.25 -34.88 -19.38
C PRO F 52 -25.74 -34.69 -19.51
N LEU F 53 -25.34 -33.50 -19.93
CA LEU F 53 -23.93 -33.15 -20.09
C LEU F 53 -23.82 -31.63 -20.15
N LYS F 54 -22.59 -31.14 -20.20
CA LYS F 54 -22.29 -29.74 -20.39
C LYS F 54 -21.39 -29.56 -21.61
N ILE F 55 -21.58 -28.44 -22.31
CA ILE F 55 -20.86 -28.17 -23.55
C ILE F 55 -20.14 -26.84 -23.40
N CYS F 56 -18.86 -26.81 -23.79
CA CYS F 56 -18.03 -25.62 -23.68
C CYS F 56 -17.30 -25.39 -24.99
N GLY F 57 -17.02 -24.11 -25.26
CA GLY F 57 -16.42 -23.73 -26.53
C GLY F 57 -14.91 -23.62 -26.49
N ASP F 58 -14.38 -22.52 -27.05
CA ASP F 58 -12.95 -22.32 -27.11
C ASP F 58 -12.35 -22.16 -25.72
N ILE F 59 -11.16 -22.69 -25.54
CA ILE F 59 -10.37 -22.49 -24.33
C ILE F 59 -9.09 -21.70 -24.61
N HIS F 60 -8.36 -22.11 -25.66
CA HIS F 60 -7.22 -21.36 -26.19
C HIS F 60 -6.18 -21.08 -25.09
N GLY F 61 -5.73 -22.15 -24.43
CA GLY F 61 -4.64 -22.07 -23.49
C GLY F 61 -4.91 -21.29 -22.22
N GLN F 62 -6.07 -20.65 -22.09
CA GLN F 62 -6.41 -19.91 -20.87
C GLN F 62 -6.75 -20.92 -19.78
N TYR F 63 -5.69 -21.46 -19.17
CA TYR F 63 -5.83 -22.65 -18.33
C TYR F 63 -6.59 -22.36 -17.05
N TYR F 64 -6.35 -21.21 -16.42
CA TYR F 64 -7.00 -20.94 -15.15
C TYR F 64 -8.48 -20.66 -15.32
N ASP F 65 -8.89 -20.12 -16.47
CA ASP F 65 -10.31 -20.01 -16.76
C ASP F 65 -10.93 -21.39 -16.95
N LEU F 66 -10.18 -22.33 -17.51
CA LEU F 66 -10.65 -23.71 -17.59
C LEU F 66 -10.80 -24.32 -16.19
N LEU F 67 -9.89 -23.96 -15.27
CA LEU F 67 -10.02 -24.42 -13.89
C LEU F 67 -11.19 -23.76 -13.19
N ARG F 68 -11.58 -22.55 -13.61
CA ARG F 68 -12.79 -21.93 -13.09
C ARG F 68 -14.03 -22.59 -13.66
N LEU F 69 -13.96 -23.08 -14.90
CA LEU F 69 -15.10 -23.76 -15.50
C LEU F 69 -15.46 -25.03 -14.73
N PHE F 70 -14.49 -25.94 -14.58
CA PHE F 70 -14.74 -27.16 -13.82
C PHE F 70 -15.15 -26.85 -12.40
N GLU F 71 -14.44 -25.92 -11.75
CA GLU F 71 -14.76 -25.53 -10.38
C GLU F 71 -16.20 -25.06 -10.25
N TYR F 72 -16.74 -24.46 -11.32
CA TYR F 72 -18.11 -23.97 -11.33
C TYR F 72 -19.10 -25.03 -11.80
N GLY F 73 -18.70 -25.87 -12.76
CA GLY F 73 -19.57 -26.89 -13.30
C GLY F 73 -19.42 -28.27 -12.71
N GLY F 74 -18.42 -28.48 -11.85
CA GLY F 74 -18.20 -29.78 -11.23
C GLY F 74 -17.10 -30.57 -11.89
N PHE F 75 -16.11 -30.98 -11.10
CA PHE F 75 -15.00 -31.75 -11.65
C PHE F 75 -15.48 -33.14 -12.06
N PRO F 76 -15.16 -33.60 -13.29
CA PRO F 76 -15.55 -34.93 -13.79
C PRO F 76 -15.14 -36.05 -12.83
N PRO F 77 -15.96 -37.11 -12.75
CA PRO F 77 -17.17 -37.31 -13.54
C PRO F 77 -18.44 -36.72 -12.92
N GLU F 78 -18.29 -35.84 -11.91
CA GLU F 78 -19.47 -35.23 -11.28
C GLU F 78 -20.41 -34.65 -12.33
N SER F 79 -19.85 -34.10 -13.41
CA SER F 79 -20.60 -33.77 -14.60
C SER F 79 -19.94 -34.42 -15.82
N ASN F 80 -20.72 -34.57 -16.88
CA ASN F 80 -20.16 -34.94 -18.17
C ASN F 80 -19.81 -33.66 -18.94
N TYR F 81 -18.93 -33.79 -19.92
CA TYR F 81 -18.46 -32.62 -20.63
C TYR F 81 -18.23 -32.94 -22.11
N LEU F 82 -18.58 -31.98 -22.96
CA LEU F 82 -18.21 -31.98 -24.37
C LEU F 82 -17.48 -30.68 -24.65
N PHE F 83 -16.36 -30.77 -25.36
CA PHE F 83 -15.56 -29.61 -25.70
C PHE F 83 -15.45 -29.49 -27.21
N LEU F 84 -15.39 -28.25 -27.69
CA LEU F 84 -15.53 -27.97 -29.12
C LEU F 84 -14.29 -27.33 -29.70
N GLY F 85 -13.14 -27.98 -29.54
CA GLY F 85 -11.92 -27.54 -30.19
C GLY F 85 -11.35 -26.25 -29.63
N ASP F 86 -10.32 -25.75 -30.32
CA ASP F 86 -9.59 -24.54 -29.95
C ASP F 86 -9.08 -24.62 -28.51
N TYR F 87 -8.33 -25.70 -28.26
CA TYR F 87 -7.75 -25.93 -26.94
C TYR F 87 -6.43 -25.21 -26.75
N VAL F 88 -5.71 -24.93 -27.83
CA VAL F 88 -4.35 -24.40 -27.73
C VAL F 88 -4.29 -23.00 -28.33
N ASP F 89 -3.08 -22.44 -28.42
CA ASP F 89 -2.78 -21.18 -29.08
C ASP F 89 -3.30 -19.97 -28.32
N ARG F 90 -2.68 -18.81 -28.58
CA ARG F 90 -3.06 -17.50 -28.03
C ARG F 90 -2.90 -17.44 -26.51
N GLY F 91 -3.37 -18.46 -25.79
CA GLY F 91 -3.16 -18.48 -24.35
C GLY F 91 -1.73 -18.83 -23.98
N LYS F 92 -1.40 -18.54 -22.73
CA LYS F 92 -0.04 -18.78 -22.25
C LYS F 92 0.19 -20.23 -21.84
N GLN F 93 -0.87 -20.92 -21.42
CA GLN F 93 -0.72 -22.26 -20.86
C GLN F 93 -1.49 -23.30 -21.67
N SER F 94 -1.13 -23.47 -22.93
CA SER F 94 -1.80 -24.47 -23.77
C SER F 94 -1.46 -25.89 -23.30
N LEU F 95 -0.25 -26.10 -22.79
CA LEU F 95 0.16 -27.44 -22.38
C LEU F 95 -0.60 -27.90 -21.14
N GLU F 96 -0.75 -27.02 -20.16
CA GLU F 96 -1.54 -27.37 -18.99
C GLU F 96 -2.98 -27.65 -19.37
N THR F 97 -3.51 -26.89 -20.33
CA THR F 97 -4.90 -27.08 -20.75
C THR F 97 -5.10 -28.45 -21.41
N ILE F 98 -4.38 -28.69 -22.51
CA ILE F 98 -4.65 -29.87 -23.34
C ILE F 98 -4.42 -31.16 -22.55
N CYS F 99 -3.41 -31.16 -21.66
CA CYS F 99 -3.09 -32.39 -20.93
C CYS F 99 -4.19 -32.73 -19.93
N LEU F 100 -4.68 -31.75 -19.17
CA LEU F 100 -5.77 -32.00 -18.23
C LEU F 100 -7.01 -32.54 -18.96
N LEU F 101 -7.26 -32.05 -20.17
CA LEU F 101 -8.37 -32.57 -20.96
C LEU F 101 -8.09 -34.01 -21.39
N LEU F 102 -6.96 -34.24 -22.05
CA LEU F 102 -6.64 -35.59 -22.52
C LEU F 102 -6.59 -36.59 -21.37
N ALA F 103 -6.13 -36.15 -20.20
CA ALA F 103 -6.09 -37.04 -19.05
C ALA F 103 -7.49 -37.44 -18.62
N TYR F 104 -8.41 -36.46 -18.54
CA TYR F 104 -9.80 -36.78 -18.20
C TYR F 104 -10.44 -37.68 -19.26
N LYS F 105 -10.07 -37.48 -20.53
CA LYS F 105 -10.58 -38.32 -21.60
C LYS F 105 -10.22 -39.78 -21.36
N ILE F 106 -8.96 -40.05 -21.01
CA ILE F 106 -8.55 -41.42 -20.70
C ILE F 106 -9.21 -41.91 -19.42
N ARG F 107 -9.33 -41.02 -18.42
CA ARG F 107 -9.82 -41.43 -17.11
C ARG F 107 -11.30 -41.82 -17.17
N TYR F 108 -12.09 -41.08 -17.94
CA TYR F 108 -13.52 -41.34 -18.10
C TYR F 108 -13.88 -41.28 -19.58
N PRO F 109 -13.48 -42.29 -20.36
CA PRO F 109 -13.68 -42.22 -21.82
C PRO F 109 -15.13 -42.29 -22.26
N GLU F 110 -16.08 -42.54 -21.36
CA GLU F 110 -17.48 -42.56 -21.70
C GLU F 110 -18.25 -41.38 -21.13
N ASN F 111 -17.62 -40.59 -20.25
CA ASN F 111 -18.26 -39.43 -19.62
C ASN F 111 -17.46 -38.16 -19.87
N PHE F 112 -16.68 -38.13 -20.95
CA PHE F 112 -15.85 -37.00 -21.28
C PHE F 112 -15.42 -37.10 -22.75
N PHE F 113 -15.72 -36.08 -23.54
CA PHE F 113 -15.49 -36.15 -24.98
C PHE F 113 -14.95 -34.83 -25.50
N LEU F 114 -13.93 -34.91 -26.37
CA LEU F 114 -13.25 -33.74 -26.91
C LEU F 114 -13.37 -33.74 -28.42
N LEU F 115 -13.93 -32.67 -28.98
CA LEU F 115 -14.04 -32.50 -30.41
C LEU F 115 -12.89 -31.66 -30.95
N ARG F 116 -12.61 -31.82 -32.23
CA ARG F 116 -11.52 -31.11 -32.87
C ARG F 116 -11.91 -29.65 -33.13
N GLY F 117 -10.88 -28.81 -33.26
CA GLY F 117 -11.07 -27.43 -33.68
C GLY F 117 -10.13 -27.09 -34.83
N ASN F 118 -10.23 -25.85 -35.31
CA ASN F 118 -9.36 -25.43 -36.39
C ASN F 118 -7.94 -25.16 -35.93
N HIS F 119 -7.71 -25.10 -34.61
CA HIS F 119 -6.38 -24.95 -34.05
C HIS F 119 -5.73 -26.28 -33.69
N GLU F 120 -6.50 -27.37 -33.64
CA GLU F 120 -5.95 -28.70 -33.42
C GLU F 120 -5.44 -29.24 -34.76
N CYS F 121 -4.42 -28.55 -35.27
CA CYS F 121 -3.89 -28.81 -36.60
C CYS F 121 -2.50 -28.22 -36.66
N ALA F 122 -1.54 -29.00 -37.18
CA ALA F 122 -0.13 -28.61 -37.12
C ALA F 122 0.10 -27.23 -37.71
N SER F 123 -0.37 -27.00 -38.94
CA SER F 123 -0.11 -25.74 -39.61
C SER F 123 -0.64 -24.55 -38.82
N ILE F 124 -1.77 -24.71 -38.14
CA ILE F 124 -2.36 -23.59 -37.40
C ILE F 124 -1.61 -23.35 -36.09
N ASN F 125 -1.48 -24.39 -35.27
CA ASN F 125 -0.85 -24.23 -33.96
C ASN F 125 0.66 -24.02 -34.06
N ARG F 126 1.27 -24.27 -35.22
CA ARG F 126 2.67 -23.90 -35.39
C ARG F 126 2.83 -22.38 -35.39
N ILE F 127 1.81 -21.67 -35.84
CA ILE F 127 1.89 -20.22 -35.97
C ILE F 127 1.54 -19.53 -34.65
N TYR F 128 0.44 -19.94 -34.04
CA TYR F 128 -0.23 -19.14 -33.02
C TYR F 128 0.24 -19.40 -31.60
N GLY F 129 1.29 -20.19 -31.41
CA GLY F 129 1.92 -20.22 -30.09
C GLY F 129 2.13 -21.58 -29.45
N PHE F 130 1.41 -22.61 -29.91
CA PHE F 130 1.59 -23.93 -29.31
C PHE F 130 2.92 -24.54 -29.68
N TYR F 131 3.43 -24.23 -30.88
CA TYR F 131 4.72 -24.76 -31.30
C TYR F 131 5.87 -24.12 -30.52
N ASP F 132 5.84 -22.80 -30.40
CA ASP F 132 6.85 -22.12 -29.59
C ASP F 132 6.81 -22.59 -28.14
N GLU F 133 5.61 -22.90 -27.63
CA GLU F 133 5.46 -23.34 -26.25
C GLU F 133 6.01 -24.75 -26.06
N CYS F 134 5.91 -25.60 -27.08
CA CYS F 134 6.47 -26.95 -26.97
C CYS F 134 7.99 -26.93 -27.11
N LYS F 135 8.49 -26.18 -28.09
CA LYS F 135 9.94 -26.08 -28.28
C LYS F 135 10.61 -25.45 -27.07
N ARG F 136 9.95 -24.47 -26.44
CA ARG F 136 10.52 -23.80 -25.28
C ARG F 136 10.57 -24.75 -24.08
N ARG F 137 9.42 -25.27 -23.66
CA ARG F 137 9.36 -26.05 -22.43
C ARG F 137 9.84 -27.48 -22.60
N TYR F 138 9.89 -28.00 -23.82
CA TYR F 138 10.33 -29.38 -24.02
C TYR F 138 11.21 -29.50 -25.27
N ASN F 139 10.63 -29.91 -26.39
CA ASN F 139 11.38 -30.07 -27.63
C ASN F 139 10.42 -30.06 -28.80
N ILE F 140 10.93 -30.41 -29.99
CA ILE F 140 10.13 -30.37 -31.20
C ILE F 140 9.33 -31.66 -31.37
N LYS F 141 9.94 -32.81 -31.07
CA LYS F 141 9.30 -34.09 -31.32
C LYS F 141 7.99 -34.22 -30.56
N LEU F 142 7.94 -33.69 -29.33
CA LEU F 142 6.70 -33.75 -28.55
C LEU F 142 5.56 -33.07 -29.29
N TRP F 143 5.84 -31.95 -29.96
CA TRP F 143 4.83 -31.29 -30.78
C TRP F 143 4.35 -32.20 -31.89
N LYS F 144 5.29 -32.91 -32.54
CA LYS F 144 4.91 -33.84 -33.61
C LYS F 144 4.06 -34.98 -33.05
N THR F 145 4.34 -35.40 -31.82
CA THR F 145 3.51 -36.41 -31.18
C THR F 145 2.12 -35.85 -30.89
N PHE F 146 2.06 -34.62 -30.39
CA PHE F 146 0.78 -33.94 -30.21
C PHE F 146 0.01 -33.86 -31.52
N THR F 147 0.70 -33.50 -32.60
CA THR F 147 0.06 -33.46 -33.91
C THR F 147 -0.54 -34.82 -34.26
N ASP F 148 0.26 -35.89 -34.10
CA ASP F 148 -0.24 -37.22 -34.39
C ASP F 148 -1.46 -37.56 -33.54
N CYS F 149 -1.51 -37.05 -32.31
CA CYS F 149 -2.67 -37.27 -31.46
C CYS F 149 -3.86 -36.42 -31.90
N PHE F 150 -3.59 -35.19 -32.36
CA PHE F 150 -4.67 -34.32 -32.84
C PHE F 150 -5.35 -34.92 -34.06
N ASN F 151 -4.57 -35.52 -34.97
CA ASN F 151 -5.11 -36.03 -36.22
C ASN F 151 -6.31 -36.95 -35.99
N CYS F 152 -6.24 -37.79 -34.96
CA CYS F 152 -7.26 -38.80 -34.70
C CYS F 152 -8.42 -38.28 -33.87
N LEU F 153 -8.55 -36.96 -33.74
CA LEU F 153 -9.65 -36.42 -32.95
C LEU F 153 -10.99 -36.64 -33.65
N PRO F 154 -12.08 -36.72 -32.89
CA PRO F 154 -13.41 -36.76 -33.51
C PRO F 154 -13.83 -35.38 -33.97
N ILE F 155 -14.74 -35.37 -34.94
CA ILE F 155 -15.11 -34.16 -35.67
C ILE F 155 -16.41 -33.54 -35.13
N ALA F 156 -17.48 -34.32 -35.07
CA ALA F 156 -18.78 -33.82 -34.66
C ALA F 156 -19.48 -34.85 -33.78
N ALA F 157 -20.58 -34.42 -33.16
CA ALA F 157 -21.37 -35.27 -32.27
C ALA F 157 -22.84 -34.90 -32.42
N ILE F 158 -23.71 -35.77 -31.90
CA ILE F 158 -25.15 -35.55 -31.89
C ILE F 158 -25.67 -35.96 -30.52
N VAL F 159 -26.35 -35.04 -29.83
CA VAL F 159 -26.85 -35.27 -28.48
C VAL F 159 -28.32 -35.62 -28.58
N ASP F 160 -28.64 -36.89 -28.35
CA ASP F 160 -30.03 -37.37 -28.31
C ASP F 160 -30.77 -37.04 -29.61
N GLU F 161 -30.07 -37.18 -30.74
CA GLU F 161 -30.65 -37.04 -32.08
C GLU F 161 -31.30 -35.68 -32.30
N LYS F 162 -30.97 -34.68 -31.48
CA LYS F 162 -31.64 -33.39 -31.57
C LYS F 162 -30.67 -32.21 -31.60
N ILE F 163 -29.52 -32.35 -30.95
CA ILE F 163 -28.50 -31.30 -30.93
C ILE F 163 -27.31 -31.76 -31.77
N PHE F 164 -26.79 -30.86 -32.59
CA PHE F 164 -25.65 -31.13 -33.46
C PHE F 164 -24.51 -30.21 -33.07
N CYS F 165 -23.34 -30.79 -32.78
CA CYS F 165 -22.21 -30.05 -32.24
C CYS F 165 -20.99 -30.22 -33.14
N CYS F 166 -20.51 -29.09 -33.68
CA CYS F 166 -19.22 -29.02 -34.34
C CYS F 166 -18.60 -27.67 -34.02
N HIS F 167 -17.32 -27.51 -34.36
CA HIS F 167 -16.61 -26.30 -33.96
C HIS F 167 -17.09 -25.08 -34.75
N GLY F 168 -16.96 -25.13 -36.06
CA GLY F 168 -17.31 -23.99 -36.91
C GLY F 168 -18.76 -23.94 -37.30
N GLY F 169 -19.18 -24.79 -38.22
CA GLY F 169 -20.56 -24.80 -38.68
C GLY F 169 -20.81 -25.76 -39.82
N LEU F 170 -21.69 -25.36 -40.74
CA LEU F 170 -22.16 -26.23 -41.81
C LEU F 170 -21.25 -26.16 -43.03
N SER F 171 -21.41 -27.14 -43.92
CA SER F 171 -20.68 -27.24 -45.17
C SER F 171 -21.66 -27.48 -46.31
N PRO F 172 -21.42 -26.88 -47.48
CA PRO F 172 -22.32 -27.12 -48.63
C PRO F 172 -22.20 -28.52 -49.21
N ASP F 173 -21.17 -29.27 -48.85
CA ASP F 173 -21.00 -30.65 -49.31
C ASP F 173 -21.68 -31.66 -48.39
N LEU F 174 -22.24 -31.21 -47.27
CA LEU F 174 -22.81 -32.10 -46.25
C LEU F 174 -24.30 -32.27 -46.52
N GLN F 175 -24.69 -33.44 -47.00
CA GLN F 175 -26.08 -33.79 -47.23
C GLN F 175 -26.57 -34.93 -46.36
N SER F 176 -25.72 -35.89 -46.03
CA SER F 176 -26.08 -37.02 -45.19
C SER F 176 -25.03 -37.18 -44.09
N MET F 177 -25.48 -37.76 -42.97
CA MET F 177 -24.56 -38.02 -41.86
C MET F 177 -23.50 -39.04 -42.19
N GLU F 178 -23.75 -39.91 -43.19
CA GLU F 178 -22.80 -40.96 -43.52
C GLU F 178 -21.51 -40.40 -44.10
N GLN F 179 -21.56 -39.20 -44.70
CA GLN F 179 -20.35 -38.59 -45.23
C GLN F 179 -19.33 -38.31 -44.13
N ILE F 180 -19.81 -37.99 -42.92
CA ILE F 180 -18.91 -37.75 -41.80
C ILE F 180 -18.27 -39.05 -41.32
N ARG F 181 -19.09 -40.11 -41.18
CA ARG F 181 -18.59 -41.36 -40.63
C ARG F 181 -17.54 -42.01 -41.53
N ARG F 182 -17.67 -41.84 -42.84
CA ARG F 182 -16.73 -42.46 -43.78
C ARG F 182 -15.39 -41.74 -43.82
N ILE F 183 -15.19 -40.73 -42.99
CA ILE F 183 -13.89 -40.04 -42.90
C ILE F 183 -12.95 -40.87 -42.03
N MET F 184 -11.74 -41.09 -42.53
CA MET F 184 -10.76 -41.94 -41.86
C MET F 184 -9.90 -41.12 -40.89
N ARG F 185 -9.28 -41.82 -39.95
CA ARG F 185 -8.32 -41.25 -39.02
C ARG F 185 -7.11 -42.17 -38.95
N PRO F 186 -5.89 -41.59 -38.81
CA PRO F 186 -5.55 -40.18 -38.63
C PRO F 186 -5.72 -39.36 -39.91
N THR F 187 -5.78 -38.04 -39.79
CA THR F 187 -6.08 -37.19 -40.94
C THR F 187 -5.62 -35.77 -40.67
N ASP F 188 -5.07 -35.15 -41.71
CA ASP F 188 -4.77 -33.72 -41.72
C ASP F 188 -5.94 -32.95 -42.31
N VAL F 189 -6.13 -31.72 -41.85
CA VAL F 189 -7.26 -30.90 -42.28
C VAL F 189 -7.00 -30.39 -43.69
N PRO F 190 -7.84 -30.74 -44.67
CA PRO F 190 -7.67 -30.20 -46.02
C PRO F 190 -8.15 -28.77 -46.10
N ASP F 191 -7.49 -28.00 -46.97
CA ASP F 191 -7.75 -26.57 -47.06
C ASP F 191 -9.16 -26.26 -47.55
N GLN F 192 -9.84 -27.23 -48.16
CA GLN F 192 -11.19 -27.02 -48.66
C GLN F 192 -12.00 -28.29 -48.46
N GLY F 193 -13.32 -28.15 -48.53
CA GLY F 193 -14.21 -29.29 -48.47
C GLY F 193 -14.94 -29.40 -47.14
N LEU F 194 -15.55 -30.56 -46.94
CA LEU F 194 -16.44 -30.77 -45.80
C LEU F 194 -15.72 -30.57 -44.47
N LEU F 195 -14.65 -31.34 -44.24
CA LEU F 195 -13.96 -31.31 -42.96
C LEU F 195 -13.44 -29.91 -42.65
N CYS F 196 -13.02 -29.18 -43.68
CA CYS F 196 -12.52 -27.83 -43.48
C CYS F 196 -13.61 -26.90 -42.97
N ASP F 197 -14.80 -27.00 -43.57
CA ASP F 197 -15.88 -26.07 -43.23
C ASP F 197 -16.46 -26.35 -41.85
N LEU F 198 -16.48 -27.61 -41.43
CA LEU F 198 -17.01 -27.96 -40.11
C LEU F 198 -16.24 -27.26 -39.00
N LEU F 199 -14.98 -26.90 -39.26
CA LEU F 199 -14.11 -26.31 -38.25
C LEU F 199 -13.80 -24.85 -38.53
N TRP F 200 -14.33 -24.27 -39.61
CA TRP F 200 -13.93 -22.92 -40.00
C TRP F 200 -15.12 -22.02 -40.31
N SER F 201 -16.24 -22.59 -40.73
CA SER F 201 -17.36 -21.78 -41.20
C SER F 201 -17.98 -20.98 -40.05
N ASP F 202 -18.76 -19.97 -40.44
CA ASP F 202 -19.37 -19.03 -39.50
C ASP F 202 -20.82 -18.78 -39.88
N PRO F 203 -21.69 -18.52 -38.90
CA PRO F 203 -23.02 -18.02 -39.23
C PRO F 203 -22.99 -16.54 -39.58
N ASP F 204 -23.68 -16.18 -40.64
CA ASP F 204 -23.69 -14.82 -41.17
C ASP F 204 -25.12 -14.29 -41.16
N LYS F 205 -25.36 -13.23 -40.39
CA LYS F 205 -26.68 -12.65 -40.30
C LYS F 205 -27.13 -12.04 -41.64
N ASP F 206 -26.20 -11.42 -42.36
CA ASP F 206 -26.57 -10.64 -43.53
C ASP F 206 -26.84 -11.51 -44.76
N VAL F 207 -26.01 -12.50 -45.01
CA VAL F 207 -26.20 -13.37 -46.16
C VAL F 207 -27.26 -14.41 -45.84
N GLN F 208 -28.17 -14.63 -46.79
CA GLN F 208 -29.24 -15.61 -46.60
C GLN F 208 -28.86 -17.01 -47.05
N GLY F 209 -28.07 -17.11 -48.12
CA GLY F 209 -27.59 -18.40 -48.58
C GLY F 209 -26.20 -18.71 -48.08
N TRP F 210 -25.29 -19.03 -49.00
CA TRP F 210 -23.88 -19.21 -48.70
C TRP F 210 -23.08 -18.05 -49.26
N GLY F 211 -22.01 -17.69 -48.56
CA GLY F 211 -21.16 -16.60 -49.00
C GLY F 211 -19.71 -16.87 -48.64
N GLU F 212 -18.84 -16.05 -49.21
CA GLU F 212 -17.42 -16.15 -48.89
C GLU F 212 -17.19 -15.78 -47.43
N ASN F 213 -16.20 -16.43 -46.82
CA ASN F 213 -15.86 -16.19 -45.43
C ASN F 213 -14.67 -15.25 -45.37
N ASP F 214 -14.76 -14.23 -44.50
CA ASP F 214 -13.70 -13.23 -44.40
C ASP F 214 -12.39 -13.83 -43.89
N ARG F 215 -12.43 -15.03 -43.32
CA ARG F 215 -11.21 -15.73 -42.92
C ARG F 215 -10.34 -16.13 -44.10
N GLY F 216 -10.82 -15.95 -45.33
CA GLY F 216 -10.12 -16.47 -46.49
C GLY F 216 -10.22 -17.97 -46.63
N VAL F 217 -10.99 -18.63 -45.77
CA VAL F 217 -11.14 -20.08 -45.77
C VAL F 217 -12.59 -20.41 -45.42
N SER F 218 -13.14 -21.44 -46.07
CA SER F 218 -14.48 -21.92 -45.81
C SER F 218 -15.53 -20.88 -46.21
N PHE F 219 -16.76 -21.05 -45.73
CA PHE F 219 -17.88 -20.21 -46.15
C PHE F 219 -18.67 -19.71 -44.96
N THR F 220 -19.48 -18.69 -45.22
CA THR F 220 -20.50 -18.25 -44.29
C THR F 220 -21.83 -18.90 -44.67
N PHE F 221 -22.80 -18.80 -43.76
CA PHE F 221 -24.13 -19.34 -44.02
C PHE F 221 -25.14 -18.57 -43.19
N GLY F 222 -26.37 -18.49 -43.71
CA GLY F 222 -27.40 -17.63 -43.16
C GLY F 222 -28.44 -18.37 -42.33
N ALA F 223 -29.46 -17.61 -41.93
CA ALA F 223 -30.52 -18.15 -41.09
C ALA F 223 -31.36 -19.19 -41.82
N GLU F 224 -31.53 -19.03 -43.13
CA GLU F 224 -32.30 -20.00 -43.89
C GLU F 224 -31.54 -21.32 -44.06
N VAL F 225 -30.21 -21.25 -44.16
CA VAL F 225 -29.40 -22.47 -44.25
C VAL F 225 -29.52 -23.28 -42.96
N VAL F 226 -29.71 -22.59 -41.84
CA VAL F 226 -29.90 -23.29 -40.55
C VAL F 226 -31.29 -23.93 -40.50
N ALA F 227 -32.28 -23.26 -41.09
CA ALA F 227 -33.65 -23.79 -41.03
C ALA F 227 -33.77 -25.09 -41.81
N LYS F 228 -33.23 -25.12 -43.04
CA LYS F 228 -33.39 -26.29 -43.90
C LYS F 228 -32.63 -27.50 -43.34
N PHE F 229 -31.43 -27.26 -42.80
CA PHE F 229 -30.61 -28.38 -42.33
C PHE F 229 -31.21 -29.05 -41.09
N LEU F 230 -31.78 -28.24 -40.18
CA LEU F 230 -32.40 -28.82 -38.99
C LEU F 230 -33.64 -29.63 -39.34
N HIS F 231 -34.37 -29.24 -40.38
CA HIS F 231 -35.59 -29.96 -40.74
C HIS F 231 -35.25 -31.29 -41.42
N LYS F 232 -34.29 -31.27 -42.35
CA LYS F 232 -33.99 -32.45 -43.14
C LYS F 232 -33.53 -33.62 -42.27
N HIS F 233 -32.70 -33.33 -41.26
CA HIS F 233 -32.16 -34.36 -40.39
C HIS F 233 -32.88 -34.45 -39.06
N ASP F 234 -34.02 -33.76 -38.91
CA ASP F 234 -34.85 -33.83 -37.71
C ASP F 234 -34.04 -33.44 -36.47
N LEU F 235 -33.60 -32.19 -36.45
CA LEU F 235 -32.76 -31.65 -35.38
C LEU F 235 -33.37 -30.36 -34.84
N ASP F 236 -33.06 -30.06 -33.58
CA ASP F 236 -33.61 -28.89 -32.90
C ASP F 236 -32.63 -27.76 -32.71
N LEU F 237 -31.33 -28.04 -32.68
CA LEU F 237 -30.34 -27.02 -32.33
C LEU F 237 -28.99 -27.36 -32.93
N ILE F 238 -28.22 -26.33 -33.26
CA ILE F 238 -26.83 -26.46 -33.67
C ILE F 238 -25.98 -25.69 -32.65
N CYS F 239 -25.00 -26.37 -32.06
CA CYS F 239 -24.14 -25.79 -31.04
C CYS F 239 -22.71 -25.76 -31.55
N ARG F 240 -22.07 -24.60 -31.46
CA ARG F 240 -20.74 -24.41 -32.02
C ARG F 240 -19.99 -23.35 -31.20
N ALA F 241 -18.76 -23.07 -31.62
CA ALA F 241 -17.91 -22.12 -30.93
C ALA F 241 -17.24 -21.19 -31.94
N HIS F 242 -15.91 -21.25 -32.02
CA HIS F 242 -15.12 -20.68 -33.11
C HIS F 242 -15.05 -19.16 -33.09
N GLN F 243 -16.11 -18.49 -32.62
CA GLN F 243 -16.18 -17.03 -32.66
C GLN F 243 -16.49 -16.48 -31.28
N VAL F 244 -15.77 -15.43 -30.88
CA VAL F 244 -15.99 -14.82 -29.58
C VAL F 244 -17.35 -14.13 -29.58
N VAL F 245 -17.98 -14.09 -28.40
CA VAL F 245 -19.27 -13.45 -28.21
C VAL F 245 -19.27 -12.75 -26.86
N GLU F 246 -20.02 -11.65 -26.77
CA GLU F 246 -19.94 -10.77 -25.61
C GLU F 246 -20.36 -11.48 -24.32
N ASP F 247 -21.45 -12.25 -24.37
CA ASP F 247 -22.00 -12.90 -23.21
C ASP F 247 -21.56 -14.34 -23.07
N GLY F 248 -20.64 -14.81 -23.91
CA GLY F 248 -20.22 -16.20 -23.86
C GLY F 248 -21.11 -17.07 -24.72
N TYR F 249 -22.41 -16.80 -24.68
CA TYR F 249 -23.38 -17.41 -25.57
C TYR F 249 -23.97 -16.34 -26.49
N GLU F 250 -24.57 -16.78 -27.59
CA GLU F 250 -25.20 -15.87 -28.53
C GLU F 250 -26.07 -16.63 -29.52
N PHE F 251 -27.38 -16.40 -29.46
CA PHE F 251 -28.31 -17.10 -30.33
C PHE F 251 -28.22 -16.57 -31.75
N PHE F 252 -28.62 -17.41 -32.70
CA PHE F 252 -28.62 -17.08 -34.12
C PHE F 252 -29.86 -17.69 -34.76
N ALA F 253 -30.54 -16.91 -35.60
CA ALA F 253 -31.71 -17.36 -36.34
C ALA F 253 -32.81 -17.85 -35.39
N LYS F 254 -33.25 -16.94 -34.52
CA LYS F 254 -34.32 -17.22 -33.56
C LYS F 254 -34.05 -18.50 -32.79
N ARG F 255 -32.93 -18.49 -32.07
CA ARG F 255 -32.53 -19.54 -31.14
C ARG F 255 -32.36 -20.90 -31.82
N GLN F 256 -32.28 -20.94 -33.16
CA GLN F 256 -31.99 -22.19 -33.84
C GLN F 256 -30.55 -22.64 -33.58
N LEU F 257 -29.61 -21.70 -33.58
CA LEU F 257 -28.20 -21.95 -33.38
C LEU F 257 -27.69 -21.15 -32.18
N VAL F 258 -26.60 -21.62 -31.58
CA VAL F 258 -25.96 -20.93 -30.47
C VAL F 258 -24.45 -21.03 -30.65
N THR F 259 -23.75 -19.93 -30.34
CA THR F 259 -22.29 -19.88 -30.39
C THR F 259 -21.78 -19.81 -28.95
N LEU F 260 -20.92 -20.75 -28.59
CA LEU F 260 -20.36 -20.82 -27.24
C LEU F 260 -18.90 -20.39 -27.24
N PHE F 261 -18.52 -19.61 -26.23
CA PHE F 261 -17.14 -19.18 -26.03
C PHE F 261 -16.88 -19.19 -24.54
N SER F 262 -16.00 -20.09 -24.09
CA SER F 262 -15.76 -20.34 -22.68
C SER F 262 -14.49 -19.66 -22.18
N ALA F 263 -14.01 -18.62 -22.88
CA ALA F 263 -12.77 -17.94 -22.51
C ALA F 263 -13.03 -16.48 -22.18
N PRO F 264 -13.20 -16.14 -20.89
CA PRO F 264 -13.39 -14.73 -20.53
C PRO F 264 -12.13 -13.93 -20.78
N ASN F 265 -12.33 -12.68 -21.21
CA ASN F 265 -11.25 -11.78 -21.60
C ASN F 265 -10.31 -12.47 -22.60
N TYR F 266 -10.89 -12.79 -23.77
CA TYR F 266 -10.21 -13.57 -24.80
C TYR F 266 -8.85 -12.99 -25.15
N CYS F 267 -7.79 -13.74 -24.83
CA CYS F 267 -6.39 -13.32 -24.97
C CYS F 267 -6.19 -11.85 -24.66
N GLY F 268 -6.70 -11.44 -23.49
CA GLY F 268 -6.43 -10.14 -22.91
C GLY F 268 -6.68 -8.93 -23.79
N GLU F 269 -7.58 -9.07 -24.78
CA GLU F 269 -7.91 -7.96 -25.66
C GLU F 269 -9.42 -7.82 -25.85
N PHE F 270 -10.21 -8.34 -24.90
CA PHE F 270 -11.66 -8.24 -24.97
C PHE F 270 -12.22 -8.20 -23.55
N ASP F 271 -13.40 -7.59 -23.41
CA ASP F 271 -14.13 -7.54 -22.15
C ASP F 271 -15.12 -8.69 -22.02
N ASN F 272 -15.00 -9.72 -22.85
CA ASN F 272 -16.05 -10.69 -23.03
C ASN F 272 -16.22 -11.60 -21.81
N ALA F 273 -17.27 -12.41 -21.85
CA ALA F 273 -17.57 -13.38 -20.83
C ALA F 273 -17.48 -14.78 -21.42
N GLY F 274 -17.40 -15.77 -20.55
CA GLY F 274 -17.38 -17.17 -20.94
C GLY F 274 -18.65 -17.85 -20.49
N ALA F 275 -19.24 -18.66 -21.38
CA ALA F 275 -20.49 -19.34 -21.07
C ALA F 275 -20.35 -20.84 -21.32
N MET F 276 -21.31 -21.58 -20.76
CA MET F 276 -21.30 -23.04 -20.78
C MET F 276 -22.74 -23.51 -20.72
N MET F 277 -23.18 -24.24 -21.75
CA MET F 277 -24.58 -24.63 -21.88
C MET F 277 -24.82 -25.95 -21.16
N SER F 278 -25.37 -25.86 -19.95
CA SER F 278 -25.77 -27.05 -19.22
C SER F 278 -27.06 -27.60 -19.81
N VAL F 279 -27.05 -28.89 -20.17
CA VAL F 279 -28.20 -29.57 -20.75
C VAL F 279 -28.56 -30.74 -19.85
N ASP F 280 -29.74 -30.70 -19.25
CA ASP F 280 -30.15 -31.79 -18.36
C ASP F 280 -30.71 -32.94 -19.19
N GLU F 281 -31.22 -33.95 -18.48
CA GLU F 281 -31.66 -35.19 -19.11
C GLU F 281 -32.83 -34.98 -20.08
N THR F 282 -33.53 -33.86 -20.00
CA THR F 282 -34.73 -33.62 -20.79
C THR F 282 -34.49 -32.69 -21.98
N LEU F 283 -33.22 -32.46 -22.35
CA LEU F 283 -32.86 -31.57 -23.45
C LEU F 283 -33.41 -30.17 -23.25
N MET F 284 -33.40 -29.70 -22.00
CA MET F 284 -33.64 -28.30 -21.67
C MET F 284 -32.30 -27.66 -21.31
N CYS F 285 -31.92 -26.65 -22.07
CA CYS F 285 -30.56 -26.11 -22.04
C CYS F 285 -30.56 -24.72 -21.40
N SER F 286 -29.86 -24.59 -20.28
CA SER F 286 -29.63 -23.30 -19.63
C SER F 286 -28.13 -23.05 -19.50
N PHE F 287 -27.78 -21.78 -19.34
CA PHE F 287 -26.40 -21.35 -19.46
C PHE F 287 -25.79 -20.99 -18.10
N GLN F 288 -24.49 -21.26 -17.99
CA GLN F 288 -23.67 -20.85 -16.85
C GLN F 288 -22.55 -19.97 -17.39
N ILE F 289 -22.49 -18.74 -16.92
CA ILE F 289 -21.64 -17.71 -17.51
C ILE F 289 -20.53 -17.33 -16.54
N LEU F 290 -19.30 -17.29 -17.04
CA LEU F 290 -18.16 -16.75 -16.31
C LEU F 290 -17.91 -15.31 -16.78
N LYS F 291 -17.35 -14.50 -15.88
CA LYS F 291 -17.08 -13.10 -16.22
C LYS F 291 -16.09 -12.52 -15.21
N PRO F 292 -15.17 -11.64 -15.64
CA PRO F 292 -14.25 -11.02 -14.67
C PRO F 292 -14.93 -10.00 -13.77
N ALA F 293 -14.14 -9.31 -12.96
CA ALA F 293 -14.69 -8.31 -12.04
C ALA F 293 -14.16 -6.91 -12.39
N VAL G 29 50.13 2.51 9.52
CA VAL G 29 49.20 2.44 10.65
C VAL G 29 48.07 3.46 10.45
N LYS G 30 48.43 4.64 9.94
CA LYS G 30 47.49 5.72 9.73
C LYS G 30 47.30 5.93 8.22
N LYS G 31 46.08 5.74 7.74
CA LYS G 31 45.82 5.92 6.32
C LYS G 31 45.61 7.41 5.99
N ARG G 32 45.55 7.70 4.69
CA ARG G 32 45.41 9.04 4.18
C ARG G 32 44.20 9.12 3.27
N VAL G 33 43.66 10.33 3.13
CA VAL G 33 42.43 10.58 2.40
C VAL G 33 42.78 11.00 0.98
N SER G 34 42.51 10.13 0.02
CA SER G 34 42.86 10.32 -1.38
C SER G 34 41.61 10.30 -2.24
N PHE G 35 41.42 11.35 -3.04
CA PHE G 35 40.26 11.42 -3.91
C PHE G 35 40.44 10.53 -5.13
N ALA G 36 39.33 9.93 -5.58
CA ALA G 36 39.37 9.12 -6.79
C ALA G 36 39.66 9.97 -8.02
N ASP G 37 39.07 11.16 -8.09
CA ASP G 37 39.41 12.12 -9.13
C ASP G 37 40.89 12.49 -9.06
N ASN G 38 41.38 12.71 -7.84
CA ASN G 38 42.78 13.03 -7.63
C ASN G 38 43.71 11.88 -8.04
N GLN G 39 43.27 10.63 -7.87
CA GLN G 39 44.09 9.45 -8.11
C GLN G 39 43.78 8.78 -9.44
N GLY G 40 43.09 9.46 -10.35
CA GLY G 40 42.97 8.96 -11.72
C GLY G 40 41.74 8.15 -12.01
N LEU G 41 40.67 8.31 -11.24
CA LEU G 41 39.40 7.62 -11.50
C LEU G 41 38.27 8.64 -11.38
N ALA G 42 37.16 8.36 -12.08
CA ALA G 42 36.05 9.30 -12.13
C ALA G 42 35.51 9.59 -10.73
N LEU G 43 35.11 10.84 -10.52
CA LEU G 43 34.68 11.26 -9.19
C LEU G 43 33.22 11.01 -8.93
N THR G 44 32.38 10.96 -9.98
CA THR G 44 30.93 11.14 -9.90
C THR G 44 30.21 9.97 -10.53
N MET G 45 29.25 9.44 -9.79
CA MET G 45 28.34 8.45 -10.33
C MET G 45 26.97 9.08 -10.54
N VAL G 46 26.50 9.08 -11.80
CA VAL G 46 25.25 9.69 -12.18
C VAL G 46 24.15 8.65 -12.14
N LYS G 47 22.92 9.07 -11.84
CA LYS G 47 21.74 8.20 -11.92
C LYS G 47 20.48 9.03 -12.15
N VAL H 29 45.20 8.09 -43.33
CA VAL H 29 43.77 8.43 -43.20
C VAL H 29 42.96 7.17 -42.93
N LYS H 30 43.60 6.17 -42.32
CA LYS H 30 42.96 4.91 -41.98
C LYS H 30 42.63 4.92 -40.49
N LYS H 31 41.40 5.28 -40.16
CA LYS H 31 40.95 5.12 -38.79
C LYS H 31 41.03 3.66 -38.39
N ARG H 32 41.50 3.40 -37.18
CA ARG H 32 41.63 2.04 -36.67
C ARG H 32 40.70 1.84 -35.49
N VAL H 33 40.11 0.66 -35.40
CA VAL H 33 39.07 0.38 -34.43
C VAL H 33 39.70 0.02 -33.09
N SER H 34 39.42 0.81 -32.07
CA SER H 34 39.89 0.57 -30.72
C SER H 34 38.72 0.59 -29.75
N PHE H 35 38.83 -0.17 -28.67
CA PHE H 35 37.78 -0.19 -27.66
C PHE H 35 38.13 0.77 -26.53
N ALA H 36 37.09 1.30 -25.87
CA ALA H 36 37.31 2.23 -24.77
C ALA H 36 38.04 1.55 -23.62
N ASP H 37 37.58 0.35 -23.25
CA ASP H 37 38.33 -0.46 -22.29
C ASP H 37 39.73 -0.78 -22.80
N ASN H 38 39.93 -0.79 -24.13
CA ASN H 38 41.20 -1.27 -24.67
C ASN H 38 42.30 -0.23 -24.46
N GLN H 39 41.92 1.04 -24.51
CA GLN H 39 42.84 2.17 -24.41
C GLN H 39 42.36 3.14 -23.33
N GLY H 40 42.26 2.63 -22.10
CA GLY H 40 42.10 3.44 -20.88
C GLY H 40 40.81 4.20 -20.69
N LEU H 41 39.65 3.54 -20.89
CA LEU H 41 38.36 4.19 -20.71
C LEU H 41 37.35 3.14 -20.26
N ALA H 42 36.30 3.61 -19.59
CA ALA H 42 35.19 2.74 -19.22
C ALA H 42 34.39 2.34 -20.45
N LEU H 43 34.16 1.04 -20.62
CA LEU H 43 33.48 0.49 -21.78
C LEU H 43 31.99 0.29 -21.57
N THR H 44 31.52 0.39 -20.32
CA THR H 44 30.14 0.10 -19.98
C THR H 44 29.41 1.39 -19.58
N MET H 45 28.20 1.54 -20.11
CA MET H 45 27.25 2.54 -19.62
C MET H 45 26.05 1.80 -19.04
N VAL H 46 25.69 2.14 -17.81
CA VAL H 46 24.61 1.49 -17.09
C VAL H 46 23.36 2.36 -17.16
N LYS H 47 22.21 1.72 -17.37
CA LYS H 47 20.91 2.38 -17.27
C LYS H 47 19.80 1.35 -17.12
N VAL I 29 28.61 -23.89 52.47
CA VAL I 29 27.45 -24.10 53.32
C VAL I 29 26.27 -23.28 52.79
N LYS I 30 26.55 -22.42 51.80
CA LYS I 30 25.52 -21.63 51.16
C LYS I 30 25.69 -21.68 49.65
N LYS I 31 24.62 -21.35 48.93
CA LYS I 31 24.65 -21.27 47.47
C LYS I 31 24.62 -19.82 47.02
N ARG I 32 25.40 -19.52 45.98
CA ARG I 32 25.55 -18.16 45.47
C ARG I 32 25.32 -18.14 43.96
N VAL I 33 24.56 -17.13 43.51
CA VAL I 33 24.05 -17.06 42.14
C VAL I 33 25.10 -16.41 41.25
N SER I 34 25.63 -17.18 40.29
CA SER I 34 26.63 -16.69 39.36
C SER I 34 26.17 -16.99 37.95
N PHE I 35 26.04 -15.96 37.13
CA PHE I 35 25.59 -16.16 35.76
C PHE I 35 26.71 -16.75 34.92
N ALA I 36 26.32 -17.54 33.91
CA ALA I 36 27.30 -18.08 32.98
C ALA I 36 28.04 -16.96 32.26
N ASP I 37 27.30 -15.98 31.74
CA ASP I 37 27.93 -14.81 31.13
C ASP I 37 28.78 -14.06 32.15
N ASN I 38 28.36 -14.06 33.42
CA ASN I 38 29.12 -13.36 34.45
C ASN I 38 30.46 -14.05 34.70
N GLN I 39 30.47 -15.38 34.77
CA GLN I 39 31.68 -16.14 35.05
C GLN I 39 32.54 -16.34 33.81
N GLY I 40 32.03 -15.99 32.62
CA GLY I 40 32.83 -16.04 31.40
C GLY I 40 32.46 -17.23 30.56
N LEU I 41 31.16 -17.47 30.44
CA LEU I 41 30.60 -18.59 29.69
C LEU I 41 29.38 -18.10 28.91
N ALA I 42 29.03 -18.86 27.88
CA ALA I 42 27.89 -18.52 27.06
C ALA I 42 26.59 -18.67 27.84
N LEU I 43 25.59 -17.88 27.45
CA LEU I 43 24.37 -17.71 28.23
C LEU I 43 23.09 -18.09 27.50
N THR I 44 23.12 -18.15 26.16
CA THR I 44 21.90 -18.26 25.38
C THR I 44 22.02 -19.38 24.35
N MET I 45 21.03 -20.27 24.35
CA MET I 45 20.91 -21.32 23.34
C MET I 45 19.83 -20.95 22.33
N VAL I 46 20.19 -20.93 21.06
CA VAL I 46 19.25 -20.59 20.00
C VAL I 46 18.62 -21.83 19.39
N LYS I 47 17.32 -21.87 19.17
CA LYS I 47 16.80 -23.08 18.54
C LYS I 47 15.90 -22.80 17.35
N VAL J 29 -52.46 2.86 0.49
CA VAL J 29 -51.53 1.83 0.05
C VAL J 29 -50.65 1.36 1.21
N LYS J 30 -51.07 0.29 1.86
CA LYS J 30 -50.29 -0.32 2.93
C LYS J 30 -49.54 -1.51 2.34
N LYS J 31 -48.48 -1.20 1.60
CA LYS J 31 -47.65 -2.25 1.01
C LYS J 31 -47.14 -3.16 2.10
N ARG J 32 -47.48 -4.44 2.00
CA ARG J 32 -47.17 -5.43 3.01
C ARG J 32 -46.05 -6.35 2.53
N VAL J 33 -45.51 -7.13 3.45
CA VAL J 33 -44.28 -7.88 3.22
C VAL J 33 -44.59 -9.17 2.47
N SER J 34 -43.83 -9.41 1.39
CA SER J 34 -43.91 -10.65 0.64
C SER J 34 -42.50 -11.16 0.36
N PHE J 35 -42.31 -12.46 0.49
CA PHE J 35 -41.00 -13.05 0.25
C PHE J 35 -40.88 -13.54 -1.19
N ALA J 36 -39.67 -13.42 -1.73
CA ALA J 36 -39.45 -13.69 -3.15
C ALA J 36 -39.63 -15.19 -3.46
N ASP J 37 -39.10 -16.06 -2.59
CA ASP J 37 -39.34 -17.50 -2.73
C ASP J 37 -40.82 -17.83 -2.89
N ASN J 38 -41.67 -17.19 -2.08
CA ASN J 38 -43.08 -17.54 -2.08
C ASN J 38 -43.75 -17.04 -3.33
N GLN J 39 -43.49 -15.80 -3.71
CA GLN J 39 -44.15 -15.14 -4.84
C GLN J 39 -43.37 -15.30 -6.14
N GLY J 40 -42.94 -16.53 -6.43
CA GLY J 40 -42.54 -16.91 -7.77
C GLY J 40 -41.18 -16.42 -8.23
N LEU J 41 -40.23 -16.25 -7.31
CA LEU J 41 -38.89 -15.86 -7.69
C LEU J 41 -37.89 -16.51 -6.74
N ALA J 42 -36.62 -16.44 -7.13
CA ALA J 42 -35.55 -16.99 -6.32
C ALA J 42 -35.16 -16.04 -5.20
N LEU J 43 -34.66 -16.62 -4.10
CA LEU J 43 -34.40 -15.89 -2.87
C LEU J 43 -32.92 -15.81 -2.49
N THR J 44 -32.06 -16.61 -3.10
CA THR J 44 -30.69 -16.79 -2.65
C THR J 44 -29.72 -16.39 -3.76
N MET J 45 -28.79 -15.49 -3.44
CA MET J 45 -27.69 -15.12 -4.31
C MET J 45 -26.39 -15.52 -3.62
N VAL J 46 -25.71 -16.52 -4.16
CA VAL J 46 -24.58 -17.14 -3.48
C VAL J 46 -23.28 -16.49 -3.96
N LYS J 47 -22.45 -16.08 -3.01
CA LYS J 47 -21.10 -15.64 -3.34
C LYS J 47 -20.07 -16.58 -2.73
#